data_7XP7
#
_entry.id   7XP7
#
_cell.length_a   96.328
_cell.length_b   131.235
_cell.length_c   191.859
_cell.angle_alpha   90.000
_cell.angle_beta   90.000
_cell.angle_gamma   90.000
#
_symmetry.space_group_name_H-M   'P 21 21 21'
#
loop_
_entity.id
_entity.type
_entity.pdbx_description
1 polymer 'Cyclohexanecarboxyl-CoA dehydrogenase'
2 non-polymer 'FLAVIN-ADENINE DINUCLEOTIDE'
3 water water
#
_entity_poly.entity_id   1
_entity_poly.type   'polypeptide(L)'
_entity_poly.pdbx_seq_one_letter_code
;MGSSHHHHHHSSGLVPRGSHMNTNPGQSATDATDHPDSPENQRWRERIRHFAEKEIAPLSTTMDRTATLDAGLRERLFAE
GLMSVEIPRGYGGTGGTLCQLILTIEEVARVDPGVAVGVHVHNVLVAGTLLRHASGDQRRQYLPQLATGKIGAFALSEEQ
AGSDAFALTTVARQDEGGYLLTGRKRWTSNARNADLLLVFALADAGGPTAFVVPADAPGVSLDDRVEQMGVRAAATSDVI
FDGTPVRTAQRVGPPGGGQTVALSGLGLGRLGIAAQMTGLAQGALDAATGYSRVREQFGGRIADHQGVAFPLADVASRLA
AARALLYRAVDLHGRGTDPVELMRLAAMAKYVASEVAERAASVAVETLGGNGYTDAYPVERFYRDAKAGKIYEGTSNVLL
RTIASIMIGGSPGDLE
;
_entity_poly.pdbx_strand_id   A,B,C,D
#
# COMPACT_ATOMS: atom_id res chain seq x y z
N GLU A 40 -16.90 34.82 1.60
CA GLU A 40 -15.70 35.70 1.71
C GLU A 40 -14.39 34.90 1.48
N ASN A 41 -14.19 33.79 2.21
CA ASN A 41 -13.10 32.79 1.98
C ASN A 41 -13.27 32.15 0.59
N GLN A 42 -14.50 31.99 0.10
CA GLN A 42 -14.73 31.46 -1.27
C GLN A 42 -14.23 32.49 -2.28
N ARG A 43 -14.46 33.77 -2.02
CA ARG A 43 -13.97 34.86 -2.89
C ARG A 43 -12.44 34.92 -2.83
N TRP A 44 -11.88 34.84 -1.63
CA TRP A 44 -10.40 34.85 -1.43
C TRP A 44 -9.79 33.70 -2.25
N ARG A 45 -10.32 32.49 -2.10
CA ARG A 45 -9.84 31.29 -2.82
C ARG A 45 -9.88 31.54 -4.32
N GLU A 46 -10.98 32.07 -4.86
CA GLU A 46 -11.07 32.32 -6.32
C GLU A 46 -10.05 33.41 -6.73
N ARG A 47 -9.85 34.42 -5.92
CA ARG A 47 -8.86 35.49 -6.26
C ARG A 47 -7.43 34.90 -6.37
N ILE A 48 -7.04 34.05 -5.44
CA ILE A 48 -5.70 33.41 -5.54
C ILE A 48 -5.66 32.42 -6.70
N ARG A 49 -6.71 31.68 -6.91
CA ARG A 49 -6.75 30.76 -8.03
C ARG A 49 -6.54 31.51 -9.35
N HIS A 50 -7.30 32.56 -9.54
CA HIS A 50 -7.16 33.35 -10.74
C HIS A 50 -5.73 33.88 -10.89
N PHE A 51 -5.18 34.42 -9.83
CA PHE A 51 -3.81 34.90 -9.81
C PHE A 51 -2.82 33.80 -10.23
N ALA A 52 -2.91 32.65 -9.60
CA ALA A 52 -1.98 31.51 -9.85
C ALA A 52 -2.10 31.09 -11.33
N GLU A 53 -3.30 30.95 -11.86
CA GLU A 53 -3.48 30.48 -13.27
C GLU A 53 -2.97 31.57 -14.25
N LYS A 54 -3.18 32.84 -13.96
CA LYS A 54 -2.74 33.91 -14.88
C LYS A 54 -1.26 34.31 -14.73
N GLU A 55 -0.77 34.52 -13.50
CA GLU A 55 0.57 35.12 -13.26
C GLU A 55 1.65 34.07 -12.95
N ILE A 56 1.30 32.89 -12.43
CA ILE A 56 2.35 31.87 -12.10
C ILE A 56 2.48 30.84 -13.20
N ALA A 57 1.37 30.21 -13.61
CA ALA A 57 1.40 29.03 -14.49
C ALA A 57 2.27 29.25 -15.71
N PRO A 58 2.21 30.40 -16.43
CA PRO A 58 3.01 30.57 -17.65
C PRO A 58 4.53 30.57 -17.41
N LEU A 59 4.97 30.83 -16.17
CA LEU A 59 6.40 30.92 -15.79
C LEU A 59 6.95 29.65 -15.09
N SER A 60 6.09 28.73 -14.64
CA SER A 60 6.48 27.56 -13.76
C SER A 60 7.58 26.74 -14.38
N THR A 61 7.47 26.41 -15.68
CA THR A 61 8.43 25.54 -16.34
C THR A 61 9.81 26.18 -16.27
N THR A 62 9.92 27.43 -16.67
CA THR A 62 11.17 28.13 -16.66
C THR A 62 11.78 28.30 -15.24
N MET A 63 10.95 28.71 -14.32
CA MET A 63 11.37 28.87 -12.91
C MET A 63 11.91 27.54 -12.37
N ASP A 64 11.29 26.43 -12.73
CA ASP A 64 11.74 25.10 -12.26
C ASP A 64 13.10 24.75 -12.90
N ARG A 65 13.24 24.82 -14.22
CA ARG A 65 14.50 24.45 -14.91
C ARG A 65 15.67 25.33 -14.41
N THR A 66 15.46 26.63 -14.24
CA THR A 66 16.52 27.62 -13.94
C THR A 66 16.65 27.82 -12.42
N ALA A 67 15.74 27.29 -11.61
CA ALA A 67 15.73 27.47 -10.14
C ALA A 67 15.71 28.97 -9.79
N THR A 68 14.82 29.70 -10.43
CA THR A 68 14.69 31.17 -10.25
C THR A 68 13.28 31.52 -9.83
N LEU A 69 13.13 32.67 -9.18
CA LEU A 69 11.85 33.37 -9.04
C LEU A 69 11.82 34.52 -10.06
N ASP A 70 10.84 34.51 -10.96
CA ASP A 70 10.72 35.55 -12.01
C ASP A 70 10.56 36.92 -11.31
N ALA A 71 11.31 37.94 -11.73
CA ALA A 71 11.27 39.30 -11.15
C ALA A 71 9.87 39.92 -11.28
N GLY A 72 9.19 39.76 -12.41
CA GLY A 72 7.85 40.29 -12.60
C GLY A 72 6.89 39.63 -11.62
N LEU A 73 6.99 38.30 -11.48
CA LEU A 73 6.09 37.60 -10.57
C LEU A 73 6.36 38.06 -9.15
N ARG A 74 7.62 38.21 -8.80
CA ARG A 74 7.96 38.66 -7.42
C ARG A 74 7.23 39.97 -7.11
N GLU A 75 7.28 40.95 -8.01
CA GLU A 75 6.59 42.24 -7.76
C GLU A 75 5.09 42.01 -7.61
N ARG A 76 4.49 41.13 -8.40
CA ARG A 76 3.04 40.86 -8.29
C ARG A 76 2.71 40.13 -6.98
N LEU A 77 3.56 39.22 -6.52
CA LEU A 77 3.27 38.57 -5.20
C LEU A 77 3.10 39.64 -4.11
N PHE A 78 3.99 40.63 -4.04
CA PHE A 78 3.91 41.69 -2.99
C PHE A 78 2.68 42.57 -3.25
N ALA A 79 2.50 43.00 -4.49
CA ALA A 79 1.46 43.99 -4.87
C ALA A 79 0.07 43.42 -4.63
N GLU A 80 -0.15 42.09 -4.78
CA GLU A 80 -1.51 41.51 -4.70
C GLU A 80 -1.71 40.93 -3.31
N GLY A 81 -0.77 41.14 -2.39
CA GLY A 81 -1.02 40.84 -0.97
C GLY A 81 -0.66 39.39 -0.60
N LEU A 82 0.01 38.60 -1.46
CA LEU A 82 0.29 37.17 -1.15
C LEU A 82 1.46 37.10 -0.16
N MET A 83 2.22 38.17 -0.01
CA MET A 83 3.40 38.22 0.88
C MET A 83 3.07 38.92 2.18
N SER A 84 1.80 39.11 2.52
CA SER A 84 1.43 39.79 3.77
C SER A 84 0.03 39.39 4.20
N VAL A 85 -0.35 38.14 3.96
CA VAL A 85 -1.76 37.73 4.11
C VAL A 85 -2.28 38.00 5.51
N GLU A 86 -1.57 37.61 6.56
CA GLU A 86 -2.13 37.84 7.92
C GLU A 86 -1.43 39.02 8.61
N ILE A 87 -0.56 39.73 7.92
CA ILE A 87 0.12 40.91 8.55
C ILE A 87 -0.95 42.00 8.66
N PRO A 88 -1.20 42.54 9.87
CA PRO A 88 -2.23 43.56 10.03
C PRO A 88 -1.97 44.77 9.13
N ARG A 89 -3.06 45.43 8.76
CA ARG A 89 -3.05 46.62 7.89
C ARG A 89 -2.21 47.74 8.53
N GLY A 90 -2.13 47.85 9.84
CA GLY A 90 -1.34 48.88 10.55
C GLY A 90 0.16 48.79 10.22
N TYR A 91 0.63 47.60 9.75
CA TYR A 91 2.02 47.43 9.25
C TYR A 91 2.10 47.51 7.73
N GLY A 92 1.03 47.84 7.03
CA GLY A 92 1.09 47.79 5.56
C GLY A 92 0.69 46.41 5.04
N GLY A 93 0.18 45.53 5.89
CA GLY A 93 -0.17 44.18 5.43
C GLY A 93 -1.57 44.07 4.85
N THR A 94 -1.99 42.86 4.51
CA THR A 94 -3.29 42.57 3.86
C THR A 94 -4.36 42.62 4.95
N GLY A 95 -4.04 42.26 6.18
CA GLY A 95 -5.01 42.21 7.29
C GLY A 95 -5.97 41.02 7.23
N GLY A 96 -5.57 39.89 6.64
CA GLY A 96 -6.40 38.68 6.54
C GLY A 96 -6.14 37.74 7.69
N THR A 97 -6.67 36.52 7.57
CA THR A 97 -6.70 35.54 8.64
C THR A 97 -5.74 34.38 8.32
N LEU A 98 -5.53 33.53 9.29
CA LEU A 98 -4.75 32.28 9.11
C LEU A 98 -5.44 31.43 8.06
N CYS A 99 -6.77 31.32 8.15
CA CYS A 99 -7.54 30.57 7.13
C CYS A 99 -7.22 31.07 5.71
N GLN A 100 -7.17 32.37 5.50
CA GLN A 100 -6.84 32.91 4.17
C GLN A 100 -5.39 32.62 3.78
N LEU A 101 -4.46 32.65 4.72
CA LEU A 101 -3.04 32.33 4.42
C LEU A 101 -2.96 30.86 3.99
N ILE A 102 -3.63 29.97 4.70
CA ILE A 102 -3.67 28.54 4.33
C ILE A 102 -4.26 28.32 2.92
N LEU A 103 -5.36 28.99 2.60
CA LEU A 103 -5.96 28.92 1.25
C LEU A 103 -5.01 29.49 0.23
N THR A 104 -4.25 30.52 0.56
CA THR A 104 -3.34 31.13 -0.41
C THR A 104 -2.27 30.08 -0.75
N ILE A 105 -1.67 29.46 0.25
CA ILE A 105 -0.61 28.45 0.01
C ILE A 105 -1.19 27.32 -0.85
N GLU A 106 -2.40 26.87 -0.53
CA GLU A 106 -3.03 25.73 -1.25
C GLU A 106 -3.19 26.10 -2.73
N GLU A 107 -3.79 27.26 -3.03
CA GLU A 107 -4.09 27.61 -4.44
C GLU A 107 -2.83 27.92 -5.21
N VAL A 108 -1.81 28.53 -4.58
CA VAL A 108 -0.52 28.69 -5.26
C VAL A 108 0.05 27.30 -5.59
N ALA A 109 0.04 26.36 -4.63
CA ALA A 109 0.69 25.03 -4.81
C ALA A 109 -0.05 24.20 -5.88
N ARG A 110 -1.32 24.46 -6.12
CA ARG A 110 -2.09 23.75 -7.15
C ARG A 110 -1.51 24.01 -8.54
N VAL A 111 -0.79 25.11 -8.69
CA VAL A 111 -0.08 25.45 -9.94
C VAL A 111 1.42 25.27 -9.79
N ASP A 112 2.02 25.75 -8.68
CA ASP A 112 3.49 25.79 -8.51
C ASP A 112 3.83 25.57 -7.03
N PRO A 113 4.07 24.31 -6.61
CA PRO A 113 4.55 24.03 -5.25
C PRO A 113 5.86 24.75 -4.87
N GLY A 114 6.72 24.99 -5.83
CA GLY A 114 7.99 25.72 -5.59
C GLY A 114 7.76 27.14 -5.21
N VAL A 115 6.95 27.87 -5.97
CA VAL A 115 6.59 29.26 -5.57
C VAL A 115 5.90 29.22 -4.21
N ALA A 116 5.07 28.21 -3.96
CA ALA A 116 4.37 28.08 -2.67
C ALA A 116 5.36 27.94 -1.52
N VAL A 117 6.49 27.28 -1.70
CA VAL A 117 7.51 27.20 -0.60
C VAL A 117 7.87 28.62 -0.19
N GLY A 118 8.20 29.46 -1.15
CA GLY A 118 8.65 30.83 -0.83
C GLY A 118 7.56 31.62 -0.11
N VAL A 119 6.31 31.46 -0.54
CA VAL A 119 5.14 32.13 0.10
C VAL A 119 4.97 31.62 1.54
N HIS A 120 5.07 30.31 1.75
CA HIS A 120 4.93 29.69 3.08
C HIS A 120 6.02 30.18 4.03
N VAL A 121 7.27 30.08 3.63
CA VAL A 121 8.40 30.43 4.52
C VAL A 121 8.28 31.94 4.91
N HIS A 122 8.04 32.80 3.93
CA HIS A 122 7.92 34.27 4.14
C HIS A 122 6.79 34.61 5.11
N ASN A 123 5.57 34.09 4.85
CA ASN A 123 4.38 34.40 5.67
C ASN A 123 4.35 33.63 6.98
N VAL A 124 4.53 32.31 6.93
CA VAL A 124 4.27 31.49 8.13
C VAL A 124 5.52 31.52 9.04
N LEU A 125 6.69 31.20 8.49
CA LEU A 125 7.87 30.95 9.37
C LEU A 125 8.53 32.28 9.76
N VAL A 126 8.57 33.28 8.87
CA VAL A 126 9.30 34.54 9.20
C VAL A 126 8.29 35.57 9.72
N ALA A 127 7.39 36.09 8.88
CA ALA A 127 6.47 37.17 9.30
C ALA A 127 5.60 36.67 10.45
N GLY A 128 5.13 35.43 10.39
CA GLY A 128 4.23 34.85 11.40
C GLY A 128 4.90 34.69 12.75
N THR A 129 6.16 34.31 12.76
CA THR A 129 6.97 34.18 13.98
C THR A 129 7.20 35.56 14.61
N LEU A 130 7.51 36.55 13.79
CA LEU A 130 7.72 37.92 14.35
C LEU A 130 6.40 38.44 14.92
N LEU A 131 5.29 38.25 14.21
CA LEU A 131 3.97 38.72 14.67
C LEU A 131 3.71 38.16 16.07
N ARG A 132 4.01 36.88 16.28
CA ARG A 132 3.62 36.14 17.51
C ARG A 132 4.71 36.25 18.58
N HIS A 133 5.99 36.48 18.29
CA HIS A 133 7.06 36.41 19.31
C HIS A 133 7.97 37.63 19.37
N ALA A 134 7.97 38.52 18.39
CA ALA A 134 8.99 39.57 18.44
C ALA A 134 8.48 40.72 19.32
N SER A 135 9.36 41.63 19.72
CA SER A 135 8.93 42.81 20.53
C SER A 135 8.13 43.78 19.63
N GLY A 136 7.43 44.73 20.24
CA GLY A 136 6.71 45.75 19.46
C GLY A 136 7.67 46.51 18.56
N ASP A 137 8.83 46.90 19.02
CA ASP A 137 9.79 47.65 18.16
C ASP A 137 10.21 46.79 16.94
N GLN A 138 10.48 45.52 17.14
CA GLN A 138 10.90 44.61 16.07
C GLN A 138 9.75 44.43 15.07
N ARG A 139 8.54 44.27 15.53
CA ARG A 139 7.36 44.14 14.65
C ARG A 139 7.23 45.40 13.80
N ARG A 140 7.35 46.57 14.43
CA ARG A 140 7.10 47.87 13.75
C ARG A 140 8.20 48.14 12.75
N GLN A 141 9.44 47.69 13.00
CA GLN A 141 10.53 47.85 12.05
C GLN A 141 10.44 46.85 10.87
N TYR A 142 10.24 45.57 11.16
CA TYR A 142 10.43 44.51 10.14
C TYR A 142 9.15 44.16 9.40
N LEU A 143 7.98 44.12 10.04
CA LEU A 143 6.76 43.65 9.34
C LEU A 143 6.45 44.54 8.15
N PRO A 144 6.62 45.88 8.20
CA PRO A 144 6.37 46.68 7.00
C PRO A 144 7.31 46.36 5.83
N GLN A 145 8.54 45.97 6.12
CA GLN A 145 9.49 45.63 5.05
C GLN A 145 9.10 44.26 4.43
N LEU A 146 8.68 43.31 5.27
CA LEU A 146 8.25 41.97 4.82
C LEU A 146 6.95 42.10 4.05
N ALA A 147 6.13 43.09 4.41
CA ALA A 147 4.85 43.31 3.70
C ALA A 147 5.06 43.93 2.31
N THR A 148 6.12 44.70 2.08
CA THR A 148 6.21 45.61 0.93
C THR A 148 7.20 45.13 -0.12
N GLY A 149 8.28 44.46 0.23
CA GLY A 149 9.24 44.06 -0.83
C GLY A 149 10.36 43.16 -0.38
N LYS A 150 10.58 42.97 0.93
CA LYS A 150 11.74 42.19 1.39
C LYS A 150 11.27 40.76 1.67
N ILE A 151 11.88 39.81 1.01
CA ILE A 151 11.55 38.38 1.21
C ILE A 151 12.28 37.89 2.46
N GLY A 152 11.54 37.20 3.32
CA GLY A 152 12.06 36.50 4.49
C GLY A 152 12.38 35.04 4.20
N ALA A 153 13.51 34.57 4.72
CA ALA A 153 13.85 33.14 4.72
C ALA A 153 14.20 32.70 6.15
N PHE A 154 14.19 31.39 6.38
CA PHE A 154 14.26 30.77 7.70
C PHE A 154 15.45 29.85 7.74
N ALA A 155 16.47 30.22 8.52
CA ALA A 155 17.76 29.50 8.51
C ALA A 155 17.99 28.84 9.88
N LEU A 156 17.54 27.59 10.00
CA LEU A 156 17.73 26.76 11.22
C LEU A 156 18.72 25.61 10.95
N SER A 157 18.42 24.78 9.93
CA SER A 157 19.14 23.51 9.68
C SER A 157 20.62 23.77 9.37
N GLU A 158 21.45 22.76 9.65
CA GLU A 158 22.86 22.69 9.33
C GLU A 158 23.22 21.27 8.89
N GLU A 159 24.46 21.09 8.47
CA GLU A 159 24.91 19.76 8.02
C GLU A 159 24.64 18.71 9.10
N GLN A 160 24.95 19.02 10.35
CA GLN A 160 24.82 18.03 11.45
C GLN A 160 23.57 18.28 12.27
N ALA A 161 22.70 19.20 11.84
CA ALA A 161 21.47 19.55 12.61
C ALA A 161 20.28 19.49 11.63
N GLY A 162 19.74 18.31 11.45
CA GLY A 162 18.63 18.05 10.52
C GLY A 162 17.40 17.75 11.35
N SER A 163 17.05 16.47 11.48
CA SER A 163 15.95 16.05 12.39
C SER A 163 16.31 16.47 13.81
N ASP A 164 17.59 16.40 14.18
CA ASP A 164 18.07 16.85 15.51
C ASP A 164 18.32 18.36 15.39
N ALA A 165 17.25 19.13 15.26
CA ALA A 165 17.30 20.50 14.68
C ALA A 165 18.13 21.44 15.57
N PHE A 166 18.25 21.16 16.84
CA PHE A 166 18.96 22.05 17.73
C PHE A 166 20.40 21.74 18.09
N ALA A 167 20.96 20.76 17.42
CA ALA A 167 22.38 20.38 17.56
C ALA A 167 23.23 21.35 16.70
N LEU A 168 23.00 22.67 16.88
CA LEU A 168 23.64 23.75 16.09
C LEU A 168 25.11 23.89 16.38
N THR A 169 25.90 24.27 15.40
CA THR A 169 27.32 24.68 15.56
C THR A 169 27.50 26.15 15.18
N THR A 170 26.56 26.79 14.47
CA THR A 170 26.69 28.25 14.19
C THR A 170 26.65 28.98 15.56
N VAL A 171 27.55 29.94 15.75
CA VAL A 171 27.71 30.60 17.09
C VAL A 171 27.55 32.11 16.92
N ALA A 172 26.86 32.73 17.87
CA ALA A 172 26.74 34.18 18.05
C ALA A 172 27.66 34.52 19.22
N ARG A 173 28.85 35.05 18.95
CA ARG A 173 29.84 35.35 20.02
C ARG A 173 29.60 36.80 20.47
N GLN A 174 29.51 37.03 21.75
CA GLN A 174 29.26 38.35 22.28
C GLN A 174 30.31 39.33 21.95
N ASP A 175 29.86 40.51 21.65
CA ASP A 175 30.71 41.63 21.44
C ASP A 175 29.98 42.92 21.86
N GLU A 176 30.67 44.04 21.87
CA GLU A 176 30.03 45.25 22.33
C GLU A 176 28.78 45.65 21.54
N GLY A 177 27.63 45.73 22.18
CA GLY A 177 26.41 46.18 21.50
C GLY A 177 25.73 45.03 20.73
N GLY A 178 26.24 43.81 20.83
CA GLY A 178 25.57 42.64 20.20
C GLY A 178 26.45 41.41 20.14
N TYR A 179 26.61 40.90 18.91
CA TYR A 179 27.18 39.56 18.62
C TYR A 179 27.86 39.58 17.25
N LEU A 180 28.76 38.63 17.07
CA LEU A 180 29.41 38.31 15.78
C LEU A 180 29.00 36.89 15.46
N LEU A 181 28.32 36.70 14.35
CA LEU A 181 27.81 35.35 13.96
C LEU A 181 28.84 34.69 13.05
N THR A 182 29.19 33.44 13.31
CA THR A 182 30.07 32.59 12.48
C THR A 182 29.48 31.18 12.39
N GLY A 183 29.32 30.71 11.15
CA GLY A 183 28.94 29.31 10.92
C GLY A 183 28.29 29.20 9.57
N ARG A 184 27.65 28.07 9.35
CA ARG A 184 27.08 27.76 8.07
C ARG A 184 25.77 27.03 8.23
N LYS A 185 24.74 27.61 7.61
CA LYS A 185 23.41 27.01 7.63
C LYS A 185 23.26 26.22 6.31
N ARG A 186 22.46 25.17 6.34
CA ARG A 186 22.24 24.33 5.17
C ARG A 186 20.73 24.27 4.92
N TRP A 187 20.31 24.07 3.68
CA TRP A 187 18.92 23.91 3.27
C TRP A 187 18.04 25.19 3.38
N THR A 188 18.61 26.38 3.21
CA THR A 188 17.78 27.60 3.37
C THR A 188 16.97 27.84 2.09
N SER A 189 15.69 27.51 2.10
CA SER A 189 14.80 27.74 0.95
C SER A 189 14.74 29.23 0.65
N ASN A 190 14.74 29.55 -0.62
CA ASN A 190 14.56 30.90 -1.15
C ASN A 190 15.76 31.80 -0.82
N ALA A 191 16.88 31.27 -0.33
CA ALA A 191 18.00 32.10 0.15
C ALA A 191 18.44 33.05 -0.98
N ARG A 192 18.54 32.61 -2.24
CA ARG A 192 19.06 33.47 -3.33
C ARG A 192 18.10 34.62 -3.65
N ASN A 193 16.88 34.61 -3.13
CA ASN A 193 15.87 35.67 -3.34
C ASN A 193 15.64 36.47 -2.06
N ALA A 194 16.22 36.07 -0.94
CA ALA A 194 15.82 36.60 0.40
C ALA A 194 16.56 37.93 0.70
N ASP A 195 15.90 38.78 1.46
CA ASP A 195 16.48 40.06 1.96
C ASP A 195 16.66 40.02 3.46
N LEU A 196 15.82 39.25 4.17
CA LEU A 196 15.87 39.15 5.63
C LEU A 196 15.88 37.66 6.03
N LEU A 197 16.77 37.31 6.94
CA LEU A 197 16.92 35.92 7.40
C LEU A 197 16.55 35.82 8.88
N LEU A 198 15.70 34.88 9.23
CA LEU A 198 15.54 34.47 10.64
C LEU A 198 16.53 33.33 10.90
N VAL A 199 17.57 33.60 11.67
CA VAL A 199 18.75 32.71 11.78
C VAL A 199 18.81 32.23 13.22
N PHE A 200 19.14 30.96 13.41
CA PHE A 200 19.28 30.37 14.75
C PHE A 200 20.75 30.06 14.97
N ALA A 201 21.26 30.42 16.15
CA ALA A 201 22.69 30.26 16.47
C ALA A 201 22.82 30.07 17.99
N LEU A 202 23.92 29.44 18.41
CA LEU A 202 24.23 29.25 19.86
C LEU A 202 24.78 30.55 20.41
N ALA A 203 24.14 31.13 21.39
CA ALA A 203 24.67 32.42 21.89
C ALA A 203 25.62 32.11 23.03
N ASP A 204 26.89 32.50 22.86
CA ASP A 204 28.05 31.98 23.63
C ASP A 204 27.58 30.71 24.33
N GLY A 206 24.29 30.41 26.23
CA GLY A 206 22.83 30.44 26.52
C GLY A 206 22.04 29.37 25.76
N GLY A 207 22.59 28.78 24.69
CA GLY A 207 21.82 27.85 23.86
C GLY A 207 21.29 28.56 22.62
N PRO A 208 20.51 27.82 21.83
CA PRO A 208 20.01 28.32 20.56
C PRO A 208 19.24 29.63 20.77
N THR A 209 19.49 30.57 19.86
CA THR A 209 18.95 31.94 19.93
C THR A 209 18.54 32.36 18.53
N ALA A 210 17.48 33.15 18.40
CA ALA A 210 16.95 33.63 17.10
C ALA A 210 17.39 35.08 16.83
N PHE A 211 17.81 35.37 15.60
CA PHE A 211 18.17 36.73 15.15
C PHE A 211 17.51 37.05 13.83
N VAL A 212 17.13 38.31 13.64
CA VAL A 212 16.82 38.82 12.29
C VAL A 212 18.08 39.38 11.69
N VAL A 213 18.50 38.88 10.54
CA VAL A 213 19.77 39.32 9.90
C VAL A 213 19.52 39.68 8.45
N PRO A 214 19.88 40.89 7.99
CA PRO A 214 19.80 41.22 6.57
C PRO A 214 20.70 40.31 5.75
N ALA A 215 20.21 39.87 4.59
CA ALA A 215 20.97 38.92 3.72
C ALA A 215 22.23 39.60 3.14
N ASP A 216 22.33 40.92 3.19
CA ASP A 216 23.46 41.69 2.62
C ASP A 216 24.31 42.22 3.79
N ALA A 217 24.15 41.71 4.99
CA ALA A 217 24.99 42.18 6.11
C ALA A 217 26.44 41.79 5.82
N PRO A 218 27.41 42.50 6.43
CA PRO A 218 28.80 42.12 6.29
C PRO A 218 29.05 40.65 6.71
N GLY A 219 29.82 39.93 5.90
CA GLY A 219 30.25 38.57 6.21
C GLY A 219 29.20 37.53 5.81
N VAL A 220 28.05 37.92 5.23
CA VAL A 220 27.02 36.94 4.78
C VAL A 220 27.27 36.59 3.32
N SER A 221 27.33 35.29 3.01
CA SER A 221 27.40 34.83 1.60
C SER A 221 26.59 33.55 1.43
N LEU A 222 26.24 33.26 0.18
CA LEU A 222 25.48 32.04 -0.18
C LEU A 222 26.35 31.04 -0.92
N ASP A 223 26.09 29.77 -0.74
CA ASP A 223 26.70 28.69 -1.56
C ASP A 223 25.54 27.81 -2.01
N ASP A 224 25.15 27.86 -3.27
CA ASP A 224 24.00 27.07 -3.75
C ASP A 224 24.28 25.58 -3.51
N ARG A 225 25.52 25.16 -3.71
CA ARG A 225 26.16 23.89 -3.27
C ARG A 225 25.69 22.71 -4.12
N VAL A 226 24.39 22.54 -4.36
CA VAL A 226 23.87 21.31 -5.04
C VAL A 226 22.70 21.69 -5.92
N GLU A 227 22.22 20.71 -6.71
CA GLU A 227 20.99 20.85 -7.50
C GLU A 227 19.99 20.00 -6.75
N GLN A 228 18.81 20.54 -6.45
CA GLN A 228 17.77 19.79 -5.75
C GLN A 228 16.73 19.32 -6.79
N MET A 229 15.99 18.27 -6.47
CA MET A 229 15.13 17.54 -7.43
C MET A 229 13.90 18.37 -7.79
N GLY A 230 13.34 19.09 -6.82
CA GLY A 230 12.15 19.89 -7.02
C GLY A 230 12.01 21.07 -6.09
N VAL A 231 10.79 21.60 -5.99
CA VAL A 231 10.50 22.95 -5.43
C VAL A 231 11.65 23.93 -5.75
N ARG A 232 12.09 23.90 -6.99
CA ARG A 232 13.29 24.60 -7.45
C ARG A 232 13.06 26.11 -7.63
N ALA A 233 11.84 26.59 -7.78
CA ALA A 233 11.60 28.06 -7.81
C ALA A 233 12.05 28.70 -6.49
N ALA A 234 12.09 27.92 -5.41
CA ALA A 234 12.57 28.40 -4.08
C ALA A 234 13.74 27.55 -3.63
N ALA A 235 14.63 27.18 -4.55
CA ALA A 235 15.74 26.27 -4.28
C ALA A 235 16.59 26.77 -3.08
N THR A 236 17.12 25.82 -2.34
CA THR A 236 17.96 26.06 -1.15
C THR A 236 19.35 26.58 -1.55
N SER A 237 19.99 27.26 -0.62
CA SER A 237 21.44 27.49 -0.59
C SER A 237 21.92 27.23 0.83
N ASP A 238 23.20 27.00 0.95
CA ASP A 238 23.91 27.21 2.23
C ASP A 238 24.03 28.71 2.46
N VAL A 239 23.95 29.13 3.72
CA VAL A 239 24.18 30.55 4.11
C VAL A 239 25.40 30.54 5.04
N ILE A 240 26.43 31.31 4.70
CA ILE A 240 27.73 31.32 5.41
C ILE A 240 27.81 32.67 6.12
N PHE A 241 28.13 32.62 7.40
CA PHE A 241 28.36 33.80 8.28
C PHE A 241 29.84 33.81 8.64
N ASP A 242 30.52 34.88 8.27
CA ASP A 242 31.96 35.07 8.61
C ASP A 242 32.11 36.33 9.50
N GLY A 243 31.92 36.20 10.80
CA GLY A 243 31.95 37.34 11.75
C GLY A 243 30.89 38.39 11.45
N THR A 244 29.67 37.98 11.12
CA THR A 244 28.60 38.91 10.78
C THR A 244 28.20 39.65 12.06
N PRO A 245 28.28 41.00 12.07
CA PRO A 245 27.82 41.78 13.21
C PRO A 245 26.29 41.89 13.28
N VAL A 246 25.78 41.57 14.46
CA VAL A 246 24.35 41.70 14.79
C VAL A 246 24.22 42.52 16.09
N ARG A 247 23.30 43.46 16.14
CA ARG A 247 23.05 44.21 17.37
C ARG A 247 22.07 43.46 18.28
N THR A 248 22.10 43.73 19.56
CA THR A 248 21.19 43.15 20.51
C THR A 248 19.71 43.28 20.10
N ALA A 249 19.33 44.43 19.50
CA ALA A 249 17.93 44.68 19.10
C ALA A 249 17.51 43.74 17.94
N GLN A 250 18.45 42.99 17.31
CA GLN A 250 18.13 42.00 16.22
C GLN A 250 17.81 40.62 16.83
N ARG A 251 18.04 40.43 18.11
CA ARG A 251 17.77 39.14 18.78
C ARG A 251 16.27 39.03 19.04
N VAL A 252 15.66 37.92 18.64
CA VAL A 252 14.22 37.66 18.85
C VAL A 252 14.12 36.74 20.05
N GLY A 253 13.61 37.29 21.15
CA GLY A 253 13.51 36.60 22.45
C GLY A 253 14.84 36.68 23.17
N PRO A 254 14.95 36.02 24.34
CA PRO A 254 16.20 36.00 25.12
C PRO A 254 17.22 35.03 24.52
N PRO A 255 18.48 35.11 25.00
CA PRO A 255 19.47 34.08 24.72
C PRO A 255 18.93 32.72 25.21
N GLY A 256 19.05 31.66 24.41
CA GLY A 256 18.49 30.35 24.79
C GLY A 256 17.01 30.28 24.56
N GLY A 257 16.38 31.30 23.97
CA GLY A 257 14.96 31.31 23.57
C GLY A 257 14.68 30.78 22.17
N GLY A 258 15.69 30.34 21.41
CA GLY A 258 15.57 29.96 19.99
C GLY A 258 14.67 28.74 19.77
N GLN A 259 14.75 27.74 20.63
CA GLN A 259 13.87 26.58 20.51
C GLN A 259 12.46 27.00 20.70
N THR A 260 12.21 27.81 21.70
CA THR A 260 10.88 28.28 21.96
C THR A 260 10.34 29.05 20.77
N VAL A 261 11.12 29.96 20.20
CA VAL A 261 10.74 30.69 18.97
C VAL A 261 10.54 29.67 17.80
N ALA A 262 11.41 28.69 17.58
CA ALA A 262 11.26 27.73 16.45
C ALA A 262 10.05 26.82 16.70
N LEU A 263 10.03 26.15 17.84
CA LEU A 263 8.93 25.19 18.15
C LEU A 263 7.58 25.92 18.13
N SER A 264 7.48 27.16 18.59
CA SER A 264 6.19 27.89 18.65
C SER A 264 5.55 28.03 17.26
N GLY A 265 6.34 28.01 16.18
CA GLY A 265 5.87 28.10 14.78
C GLY A 265 5.79 26.74 14.08
N LEU A 266 6.11 25.64 14.77
CA LEU A 266 6.16 24.26 14.22
C LEU A 266 4.77 23.80 13.77
N GLY A 267 3.77 23.95 14.64
CA GLY A 267 2.35 23.69 14.36
C GLY A 267 1.91 24.38 13.08
N LEU A 268 2.03 25.70 13.05
CA LEU A 268 1.55 26.48 11.91
C LEU A 268 2.37 26.15 10.66
N GLY A 269 3.66 25.89 10.81
CA GLY A 269 4.54 25.46 9.69
C GLY A 269 4.00 24.16 9.08
N ARG A 270 3.64 23.20 9.92
CA ARG A 270 3.09 21.90 9.45
C ARG A 270 1.76 22.09 8.74
N LEU A 271 0.91 23.01 9.19
CA LEU A 271 -0.38 23.30 8.49
C LEU A 271 -0.08 23.89 7.15
N GLY A 272 0.89 24.79 7.05
CA GLY A 272 1.26 25.43 5.78
C GLY A 272 1.71 24.40 4.76
N ILE A 273 2.51 23.45 5.19
CA ILE A 273 3.01 22.42 4.27
C ILE A 273 1.85 21.44 3.96
N ALA A 274 0.99 21.13 4.92
CA ALA A 274 -0.21 20.32 4.64
C ALA A 274 -0.99 21.01 3.52
N ALA A 275 -1.15 22.35 3.57
CA ALA A 275 -1.87 23.09 2.50
C ALA A 275 -1.12 22.98 1.17
N GLN A 276 0.22 23.14 1.20
CA GLN A 276 1.04 22.97 -0.01
C GLN A 276 0.81 21.57 -0.63
N MET A 277 0.77 20.53 0.18
CA MET A 277 0.59 19.15 -0.32
C MET A 277 -0.82 18.97 -0.87
N THR A 278 -1.83 19.49 -0.15
CA THR A 278 -3.23 19.38 -0.55
C THR A 278 -3.37 20.06 -1.93
N GLY A 279 -2.79 21.24 -2.10
CA GLY A 279 -2.85 22.01 -3.35
C GLY A 279 -2.16 21.27 -4.49
N LEU A 280 -0.97 20.74 -4.22
CA LEU A 280 -0.22 19.92 -5.20
C LEU A 280 -1.09 18.75 -5.66
N ALA A 281 -1.71 18.06 -4.71
CA ALA A 281 -2.53 16.88 -5.00
C ALA A 281 -3.68 17.29 -5.93
N GLN A 282 -4.33 18.40 -5.61
CA GLN A 282 -5.47 18.89 -6.45
C GLN A 282 -4.98 19.17 -7.86
N GLY A 283 -3.86 19.84 -8.00
CA GLY A 283 -3.30 20.17 -9.31
C GLY A 283 -3.00 18.92 -10.12
N ALA A 284 -2.44 17.90 -9.47
CA ALA A 284 -2.17 16.59 -10.10
C ALA A 284 -3.48 15.96 -10.57
N LEU A 285 -4.48 15.92 -9.69
CA LEU A 285 -5.77 15.31 -9.99
C LEU A 285 -6.46 16.10 -11.10
N ASP A 286 -6.40 17.43 -11.08
CA ASP A 286 -6.96 18.27 -12.17
C ASP A 286 -6.31 17.90 -13.51
N ALA A 287 -4.99 17.77 -13.56
CA ALA A 287 -4.34 17.46 -14.84
C ALA A 287 -4.75 16.06 -15.29
N ALA A 288 -4.80 15.09 -14.38
CA ALA A 288 -5.02 13.68 -14.75
C ALA A 288 -6.49 13.50 -15.19
N THR A 289 -7.43 14.11 -14.48
CA THR A 289 -8.86 13.96 -14.78
C THR A 289 -9.10 14.58 -16.15
N GLY A 290 -8.60 15.80 -16.38
CA GLY A 290 -8.76 16.51 -17.66
C GLY A 290 -8.19 15.69 -18.80
N TYR A 291 -7.00 15.12 -18.61
CA TYR A 291 -6.34 14.36 -19.69
C TYR A 291 -7.10 13.07 -20.00
N SER A 292 -7.61 12.38 -18.96
CA SER A 292 -8.30 11.08 -19.08
C SER A 292 -9.56 11.24 -19.98
N ARG A 293 -10.11 12.43 -20.03
CA ARG A 293 -11.31 12.75 -20.85
C ARG A 293 -10.94 13.02 -22.31
N VAL A 294 -9.69 13.37 -22.64
CA VAL A 294 -9.37 13.75 -24.05
C VAL A 294 -8.43 12.73 -24.68
N ARG A 295 -7.65 11.96 -23.92
CA ARG A 295 -6.71 11.01 -24.55
C ARG A 295 -7.51 9.78 -24.98
N GLU A 296 -7.43 9.42 -26.26
CA GLU A 296 -8.07 8.19 -26.77
C GLU A 296 -7.00 7.17 -27.19
N GLN A 297 -7.21 5.92 -26.84
CA GLN A 297 -6.47 4.76 -27.37
C GLN A 297 -7.50 3.65 -27.54
N PHE A 298 -7.33 2.74 -28.52
CA PHE A 298 -8.24 1.59 -28.74
C PHE A 298 -9.69 2.08 -29.01
N GLY A 299 -9.87 3.27 -29.58
CA GLY A 299 -11.16 3.80 -30.06
C GLY A 299 -12.01 4.39 -28.94
N GLY A 300 -11.43 4.75 -27.79
CA GLY A 300 -12.20 5.49 -26.78
C GLY A 300 -11.30 6.19 -25.78
N ARG A 301 -11.92 7.05 -24.99
CA ARG A 301 -11.19 7.87 -24.01
C ARG A 301 -10.66 6.89 -22.94
N ILE A 302 -9.50 7.19 -22.40
CA ILE A 302 -8.88 6.26 -21.43
C ILE A 302 -9.68 6.27 -20.13
N ALA A 303 -10.46 7.31 -19.84
CA ALA A 303 -11.30 7.34 -18.63
C ALA A 303 -12.40 6.27 -18.63
N ASP A 304 -12.71 5.64 -19.78
CA ASP A 304 -13.77 4.63 -19.86
C ASP A 304 -13.24 3.33 -19.21
N HIS A 305 -11.96 3.24 -18.89
CA HIS A 305 -11.42 1.98 -18.31
C HIS A 305 -11.32 2.12 -16.79
N GLN A 306 -11.70 1.09 -16.04
CA GLN A 306 -11.69 1.23 -14.55
C GLN A 306 -10.24 1.34 -14.07
N GLY A 307 -9.28 0.77 -14.78
CA GLY A 307 -7.88 0.80 -14.36
C GLY A 307 -7.36 2.22 -14.41
N VAL A 308 -8.00 3.13 -15.17
CA VAL A 308 -7.65 4.57 -15.19
C VAL A 308 -8.54 5.34 -14.22
N ALA A 309 -9.84 5.13 -14.27
CA ALA A 309 -10.80 5.92 -13.47
C ALA A 309 -10.69 5.61 -11.97
N PHE A 310 -10.51 4.35 -11.57
CA PHE A 310 -10.56 3.98 -10.15
C PHE A 310 -9.44 4.69 -9.38
N PRO A 311 -8.17 4.66 -9.86
CA PRO A 311 -7.08 5.33 -9.15
C PRO A 311 -7.34 6.84 -8.94
N LEU A 312 -7.98 7.49 -9.90
CA LEU A 312 -8.37 8.91 -9.80
C LEU A 312 -9.44 9.11 -8.72
N ALA A 313 -10.42 8.20 -8.68
CA ALA A 313 -11.48 8.26 -7.63
C ALA A 313 -10.88 7.95 -6.25
N ASP A 314 -9.96 7.00 -6.16
CA ASP A 314 -9.27 6.67 -4.90
C ASP A 314 -8.53 7.92 -4.42
N VAL A 315 -7.68 8.51 -5.29
CA VAL A 315 -6.97 9.77 -4.95
C VAL A 315 -7.95 10.89 -4.50
N ALA A 316 -9.03 11.11 -5.26
CA ALA A 316 -10.04 12.17 -4.97
C ALA A 316 -10.59 11.95 -3.54
N SER A 317 -10.86 10.69 -3.16
CA SER A 317 -11.43 10.36 -1.84
C SER A 317 -10.42 10.70 -0.73
N ARG A 318 -9.19 10.28 -0.91
CA ARG A 318 -8.14 10.47 0.10
C ARG A 318 -7.86 11.97 0.21
N LEU A 319 -7.89 12.71 -0.90
CA LEU A 319 -7.63 14.16 -0.88
C LEU A 319 -8.78 14.88 -0.14
N ALA A 320 -10.03 14.46 -0.35
CA ALA A 320 -11.19 15.06 0.40
C ALA A 320 -10.97 14.87 1.91
N ALA A 321 -10.45 13.72 2.36
CA ALA A 321 -10.18 13.48 3.78
C ALA A 321 -8.99 14.33 4.27
N ALA A 322 -7.90 14.42 3.50
CA ALA A 322 -6.72 15.22 3.87
C ALA A 322 -7.16 16.69 4.02
N ARG A 323 -7.96 17.19 3.11
CA ARG A 323 -8.39 18.63 3.15
C ARG A 323 -9.34 18.87 4.35
N ALA A 324 -10.23 17.93 4.65
CA ALA A 324 -11.13 18.05 5.81
C ALA A 324 -10.30 18.09 7.10
N LEU A 325 -9.26 17.28 7.21
CA LEU A 325 -8.43 17.28 8.43
C LEU A 325 -7.64 18.60 8.53
N LEU A 326 -7.01 19.05 7.44
CA LEU A 326 -6.33 20.34 7.38
C LEU A 326 -7.26 21.48 7.91
N TYR A 327 -8.44 21.63 7.34
CA TYR A 327 -9.34 22.78 7.66
C TYR A 327 -9.88 22.62 9.09
N ARG A 328 -10.06 21.39 9.58
CA ARG A 328 -10.39 21.14 11.01
C ARG A 328 -9.26 21.69 11.91
N ALA A 329 -8.03 21.33 11.60
CA ALA A 329 -6.86 21.75 12.39
C ALA A 329 -6.75 23.29 12.35
N VAL A 330 -7.04 23.89 11.20
CA VAL A 330 -6.92 25.38 11.04
C VAL A 330 -8.01 26.07 11.86
N ASP A 331 -9.23 25.53 11.80
CA ASP A 331 -10.42 26.06 12.49
C ASP A 331 -10.18 26.06 13.99
N LEU A 332 -9.48 25.07 14.54
CA LEU A 332 -9.24 24.97 16.00
C LEU A 332 -8.18 25.96 16.50
N HIS A 333 -7.50 26.71 15.63
CA HIS A 333 -6.58 27.81 16.03
C HIS A 333 -7.34 29.05 16.52
N GLY A 334 -6.70 29.87 17.35
CA GLY A 334 -7.22 31.18 17.79
C GLY A 334 -8.45 31.03 18.67
N ARG A 335 -8.57 29.88 19.33
CA ARG A 335 -9.69 29.49 20.16
C ARG A 335 -9.32 28.94 21.53
N GLY A 336 -8.09 29.08 21.99
CA GLY A 336 -7.73 28.49 23.26
C GLY A 336 -7.72 26.96 23.28
N THR A 337 -7.49 26.34 22.12
CA THR A 337 -7.49 24.84 22.08
C THR A 337 -6.22 24.37 22.81
N ASP A 338 -6.32 23.28 23.57
CA ASP A 338 -5.14 22.58 24.16
C ASP A 338 -3.98 22.60 23.15
N PRO A 339 -2.81 23.22 23.46
CA PRO A 339 -1.68 23.29 22.53
C PRO A 339 -1.15 21.92 22.08
N VAL A 340 -1.27 20.91 22.94
CA VAL A 340 -0.84 19.52 22.62
C VAL A 340 -1.75 18.98 21.52
N GLU A 341 -3.05 19.19 21.65
CA GLU A 341 -4.05 18.76 20.65
C GLU A 341 -3.78 19.50 19.33
N LEU A 342 -3.48 20.79 19.34
CA LEU A 342 -3.12 21.52 18.08
C LEU A 342 -1.83 20.95 17.46
N MET A 343 -0.84 20.61 18.24
CA MET A 343 0.41 19.97 17.75
C MET A 343 0.12 18.59 17.14
N ARG A 344 -0.69 17.77 17.80
CA ARG A 344 -1.10 16.43 17.27
C ARG A 344 -1.80 16.60 15.92
N LEU A 345 -2.78 17.49 15.84
CA LEU A 345 -3.59 17.68 14.62
C LEU A 345 -2.71 18.20 13.47
N ALA A 346 -1.77 19.12 13.73
CA ALA A 346 -0.89 19.67 12.67
C ALA A 346 0.04 18.59 12.12
N ALA A 347 0.62 17.78 13.00
CA ALA A 347 1.48 16.65 12.60
C ALA A 347 0.68 15.64 11.74
N MET A 348 -0.49 15.27 12.18
CA MET A 348 -1.36 14.31 11.44
C MET A 348 -1.78 14.93 10.08
N ALA A 349 -2.13 16.22 10.02
CA ALA A 349 -2.57 16.85 8.76
C ALA A 349 -1.42 16.84 7.76
N LYS A 350 -0.22 17.15 8.20
CA LYS A 350 0.94 17.19 7.30
C LYS A 350 1.28 15.76 6.83
N TYR A 351 1.24 14.78 7.74
CA TYR A 351 1.57 13.37 7.42
C TYR A 351 0.60 12.85 6.35
N VAL A 352 -0.69 13.00 6.58
CA VAL A 352 -1.75 12.56 5.64
C VAL A 352 -1.68 13.31 4.32
N ALA A 353 -1.56 14.63 4.32
CA ALA A 353 -1.55 15.41 3.09
C ALA A 353 -0.31 15.06 2.24
N SER A 354 0.83 14.85 2.85
CA SER A 354 2.05 14.45 2.19
C SER A 354 1.91 13.15 1.44
N GLU A 355 1.29 12.21 2.08
CA GLU A 355 1.06 10.95 1.53
C GLU A 355 0.09 11.04 0.33
N VAL A 356 -0.98 11.80 0.46
CA VAL A 356 -1.94 11.98 -0.66
C VAL A 356 -1.24 12.66 -1.84
N ALA A 357 -0.41 13.68 -1.60
CA ALA A 357 0.32 14.40 -2.65
C ALA A 357 1.22 13.42 -3.42
N GLU A 358 1.90 12.51 -2.73
CA GLU A 358 2.73 11.53 -3.39
C GLU A 358 1.89 10.60 -4.30
N ARG A 359 0.82 10.04 -3.77
CA ARG A 359 -0.10 9.14 -4.55
C ARG A 359 -0.69 9.94 -5.73
N ALA A 360 -1.20 11.16 -5.51
CA ALA A 360 -1.82 11.97 -6.58
C ALA A 360 -0.83 12.24 -7.69
N ALA A 361 0.39 12.65 -7.39
CA ALA A 361 1.38 12.96 -8.44
C ALA A 361 1.77 11.67 -9.18
N SER A 362 1.91 10.59 -8.45
CA SER A 362 2.34 9.29 -9.04
C SER A 362 1.26 8.80 -10.03
N VAL A 363 0.03 8.79 -9.58
CA VAL A 363 -1.14 8.44 -10.43
C VAL A 363 -1.22 9.41 -11.62
N ALA A 364 -0.98 10.70 -11.44
CA ALA A 364 -1.09 11.68 -12.53
C ALA A 364 -0.02 11.43 -13.57
N VAL A 365 1.22 11.16 -13.17
CA VAL A 365 2.27 10.86 -14.16
C VAL A 365 1.82 9.64 -14.99
N GLU A 366 1.40 8.56 -14.35
CA GLU A 366 1.04 7.32 -15.07
C GLU A 366 -0.24 7.50 -15.90
N THR A 367 -1.21 8.27 -15.43
CA THR A 367 -2.44 8.57 -16.22
C THR A 367 -2.05 9.21 -17.56
N LEU A 368 -1.04 10.09 -17.58
CA LEU A 368 -0.66 10.84 -18.79
C LEU A 368 0.32 10.01 -19.62
N GLY A 369 0.78 8.83 -19.17
CA GLY A 369 1.72 8.05 -19.96
C GLY A 369 3.01 8.81 -20.25
N GLY A 370 3.56 8.65 -21.44
CA GLY A 370 4.81 9.29 -21.83
C GLY A 370 4.74 10.78 -21.64
N ASN A 371 3.61 11.39 -22.01
CA ASN A 371 3.43 12.85 -21.86
C ASN A 371 3.65 13.26 -20.39
N GLY A 372 3.24 12.39 -19.46
CA GLY A 372 3.35 12.68 -18.03
C GLY A 372 4.77 12.70 -17.57
N TYR A 373 5.68 12.02 -18.30
CA TYR A 373 7.11 11.93 -17.97
C TYR A 373 7.86 13.16 -18.52
N THR A 374 7.17 14.16 -19.06
CA THR A 374 7.81 15.27 -19.80
C THR A 374 7.34 16.62 -19.25
N ASP A 375 8.07 17.67 -19.58
CA ASP A 375 7.73 19.02 -19.17
C ASP A 375 6.63 19.63 -20.02
N ALA A 376 6.08 18.91 -20.98
CA ALA A 376 4.96 19.45 -21.77
C ALA A 376 3.74 19.53 -20.84
N TYR A 377 3.74 18.82 -19.71
CA TYR A 377 2.65 18.80 -18.73
C TYR A 377 3.31 19.06 -17.36
N PRO A 378 2.53 19.53 -16.38
CA PRO A 378 3.10 19.89 -15.08
C PRO A 378 3.29 18.72 -14.10
N VAL A 379 2.84 17.49 -14.44
CA VAL A 379 2.72 16.42 -13.42
C VAL A 379 4.07 15.87 -13.02
N GLU A 380 5.06 15.84 -13.89
CA GLU A 380 6.38 15.32 -13.48
C GLU A 380 6.99 16.33 -12.51
N ARG A 381 6.77 17.62 -12.73
CA ARG A 381 7.22 18.66 -11.76
C ARG A 381 6.50 18.43 -10.41
N PHE A 382 5.17 18.18 -10.43
CA PHE A 382 4.45 17.87 -9.17
C PHE A 382 5.11 16.68 -8.47
N TYR A 383 5.45 15.64 -9.23
CA TYR A 383 5.99 14.40 -8.66
C TYR A 383 7.34 14.72 -7.98
N ARG A 384 8.19 15.48 -8.63
CA ARG A 384 9.50 15.90 -8.04
C ARG A 384 9.27 16.78 -6.79
N ASP A 385 8.32 17.72 -6.89
CA ASP A 385 7.99 18.66 -5.79
C ASP A 385 7.44 17.91 -4.58
N ALA A 386 6.59 16.89 -4.78
CA ALA A 386 5.85 16.27 -3.65
C ALA A 386 6.82 15.68 -2.61
N LYS A 387 7.91 15.09 -3.07
CA LYS A 387 8.86 14.41 -2.18
C LYS A 387 9.46 15.38 -1.17
N ALA A 388 9.50 16.67 -1.46
CA ALA A 388 10.05 17.65 -0.51
C ALA A 388 9.18 17.66 0.74
N GLY A 389 7.86 17.49 0.55
CA GLY A 389 6.89 17.52 1.64
C GLY A 389 7.13 16.41 2.64
N LYS A 390 7.83 15.33 2.28
CA LYS A 390 8.13 14.26 3.24
C LYS A 390 9.39 14.55 4.03
N ILE A 391 10.11 15.59 3.66
CA ILE A 391 11.44 15.86 4.26
C ILE A 391 11.38 17.10 5.15
N TYR A 392 10.92 18.23 4.64
CA TYR A 392 10.90 19.49 5.45
C TYR A 392 9.70 19.59 6.39
N GLU A 393 9.86 20.39 7.44
CA GLU A 393 8.84 20.71 8.50
C GLU A 393 8.54 19.42 9.25
N GLY A 394 9.54 18.57 9.42
CA GLY A 394 9.36 17.28 10.09
C GLY A 394 9.29 16.14 9.08
N THR A 395 10.31 15.28 9.08
CA THR A 395 10.28 14.10 8.20
C THR A 395 9.09 13.21 8.62
N SER A 396 8.66 12.30 7.76
CA SER A 396 7.61 11.31 8.10
C SER A 396 7.92 10.65 9.46
N ASN A 397 9.13 10.18 9.69
CA ASN A 397 9.48 9.49 10.97
C ASN A 397 9.37 10.48 12.13
N VAL A 398 9.78 11.72 11.97
CA VAL A 398 9.66 12.68 13.09
C VAL A 398 8.20 12.97 13.42
N LEU A 399 7.33 13.10 12.40
CA LEU A 399 5.89 13.28 12.65
C LEU A 399 5.34 12.07 13.38
N LEU A 400 5.67 10.85 12.96
CA LEU A 400 5.06 9.66 13.55
C LEU A 400 5.57 9.56 15.00
N ARG A 401 6.80 9.93 15.24
CA ARG A 401 7.33 9.90 16.62
C ARG A 401 6.55 10.89 17.51
N THR A 402 6.29 12.09 17.02
CA THR A 402 5.55 13.14 17.76
C THR A 402 4.14 12.65 18.02
N ILE A 403 3.44 12.13 16.99
CA ILE A 403 2.04 11.64 17.15
C ILE A 403 2.00 10.49 18.17
N ALA A 404 2.92 9.52 18.05
CA ALA A 404 2.95 8.37 18.97
C ALA A 404 3.23 8.84 20.40
N SER A 405 4.17 9.76 20.56
CA SER A 405 4.53 10.26 21.90
C SER A 405 3.29 10.83 22.61
N ILE A 406 2.48 11.61 21.87
CA ILE A 406 1.25 12.27 22.40
C ILE A 406 0.24 11.19 22.74
N MET A 407 -0.01 10.26 21.83
CA MET A 407 -1.11 9.26 21.94
C MET A 407 -0.74 8.19 22.99
N ILE A 408 0.50 7.72 23.02
CA ILE A 408 0.92 6.62 23.93
C ILE A 408 1.32 7.19 25.30
N GLY A 409 2.07 8.29 25.37
CA GLY A 409 2.75 8.78 26.58
C GLY A 409 4.03 7.99 26.82
N GLU B 40 30.79 -18.94 -13.75
CA GLU B 40 30.90 -18.22 -15.07
C GLU B 40 30.04 -16.94 -15.01
N ASN B 41 28.80 -17.07 -14.58
CA ASN B 41 27.86 -15.92 -14.51
C ASN B 41 28.20 -15.08 -13.29
N GLN B 42 28.87 -15.62 -12.29
CA GLN B 42 29.31 -14.79 -11.14
C GLN B 42 30.44 -13.89 -11.61
N ARG B 43 31.35 -14.44 -12.43
CA ARG B 43 32.50 -13.70 -12.99
C ARG B 43 31.94 -12.63 -13.94
N TRP B 44 30.96 -12.99 -14.75
CA TRP B 44 30.34 -12.02 -15.67
C TRP B 44 29.71 -10.87 -14.88
N ARG B 45 28.92 -11.18 -13.86
CA ARG B 45 28.31 -10.14 -13.01
C ARG B 45 29.39 -9.22 -12.49
N GLU B 46 30.45 -9.78 -11.94
CA GLU B 46 31.51 -8.98 -11.30
C GLU B 46 32.18 -8.10 -12.36
N ARG B 47 32.34 -8.63 -13.57
CA ARG B 47 33.03 -7.84 -14.62
C ARG B 47 32.16 -6.62 -14.97
N ILE B 48 30.86 -6.82 -15.16
CA ILE B 48 29.97 -5.64 -15.46
C ILE B 48 29.92 -4.70 -14.27
N ARG B 49 29.88 -5.21 -13.07
CA ARG B 49 29.84 -4.36 -11.90
C ARG B 49 31.08 -3.47 -11.82
N HIS B 50 32.23 -4.05 -12.03
CA HIS B 50 33.46 -3.30 -12.02
C HIS B 50 33.43 -2.24 -13.14
N PHE B 51 33.05 -2.63 -14.34
CA PHE B 51 32.90 -1.67 -15.46
C PHE B 51 31.98 -0.50 -15.07
N ALA B 52 30.78 -0.78 -14.56
CA ALA B 52 29.78 0.25 -14.26
C ALA B 52 30.35 1.20 -13.20
N GLU B 53 30.96 0.67 -12.14
CA GLU B 53 31.51 1.50 -11.03
C GLU B 53 32.68 2.35 -11.54
N LYS B 54 33.58 1.80 -12.37
CA LYS B 54 34.77 2.55 -12.83
C LYS B 54 34.44 3.47 -14.01
N GLU B 55 33.71 3.01 -15.01
CA GLU B 55 33.54 3.75 -16.28
C GLU B 55 32.26 4.57 -16.31
N ILE B 56 31.21 4.16 -15.58
CA ILE B 56 29.90 4.84 -15.75
C ILE B 56 29.68 5.81 -14.61
N ALA B 57 29.85 5.37 -13.38
CA ALA B 57 29.44 6.14 -12.18
C ALA B 57 29.98 7.56 -12.21
N PRO B 58 31.27 7.81 -12.54
CA PRO B 58 31.80 9.17 -12.48
C PRO B 58 31.19 10.10 -13.51
N LEU B 59 30.47 9.58 -14.51
CA LEU B 59 29.88 10.41 -15.59
C LEU B 59 28.35 10.57 -15.41
N SER B 60 27.71 9.78 -14.53
CA SER B 60 26.23 9.69 -14.47
C SER B 60 25.58 11.06 -14.23
N THR B 61 26.10 11.87 -13.29
CA THR B 61 25.45 13.14 -12.94
C THR B 61 25.43 14.03 -14.17
N THR B 62 26.58 14.21 -14.85
CA THR B 62 26.66 15.07 -16.03
C THR B 62 25.81 14.53 -17.18
N MET B 63 25.81 13.23 -17.45
CA MET B 63 25.00 12.61 -18.55
C MET B 63 23.51 12.86 -18.27
N ASP B 64 23.13 12.80 -17.01
CA ASP B 64 21.71 13.05 -16.64
C ASP B 64 21.39 14.52 -16.85
N ARG B 65 22.20 15.44 -16.30
CA ARG B 65 21.82 16.87 -16.44
C ARG B 65 21.77 17.27 -17.91
N THR B 66 22.73 16.88 -18.74
CA THR B 66 22.85 17.37 -20.15
C THR B 66 22.06 16.45 -21.11
N ALA B 67 21.54 15.30 -20.64
CA ALA B 67 20.89 14.29 -21.50
C ALA B 67 21.81 13.85 -22.63
N THR B 68 23.02 13.43 -22.29
CA THR B 68 24.06 13.00 -23.25
C THR B 68 24.63 11.64 -22.88
N LEU B 69 25.18 10.95 -23.88
CA LEU B 69 26.02 9.76 -23.68
C LEU B 69 27.47 10.22 -23.89
N ASP B 70 28.29 10.04 -22.88
CA ASP B 70 29.71 10.48 -22.96
C ASP B 70 30.41 9.72 -24.11
N ALA B 71 31.13 10.42 -25.00
CA ALA B 71 31.87 9.81 -26.13
C ALA B 71 32.87 8.76 -25.65
N GLY B 72 33.67 8.98 -24.60
CA GLY B 72 34.65 8.00 -24.09
C GLY B 72 33.90 6.75 -23.60
N LEU B 73 32.80 6.96 -22.86
CA LEU B 73 32.04 5.79 -22.39
C LEU B 73 31.47 5.02 -23.58
N ARG B 74 30.95 5.70 -24.58
CA ARG B 74 30.39 4.99 -25.76
C ARG B 74 31.42 4.04 -26.36
N GLU B 75 32.69 4.51 -26.48
CA GLU B 75 33.78 3.72 -27.08
C GLU B 75 34.01 2.51 -26.18
N ARG B 76 33.95 2.70 -24.84
CA ARG B 76 34.17 1.59 -23.88
C ARG B 76 33.02 0.56 -23.91
N LEU B 77 31.77 0.99 -23.99
CA LEU B 77 30.59 0.10 -24.03
C LEU B 77 30.76 -0.90 -25.21
N PHE B 78 31.17 -0.40 -26.36
CA PHE B 78 31.35 -1.25 -27.56
C PHE B 78 32.58 -2.18 -27.39
N ALA B 79 33.72 -1.62 -26.95
CA ALA B 79 34.99 -2.37 -26.80
C ALA B 79 34.82 -3.53 -25.82
N GLU B 80 34.12 -3.31 -24.70
CA GLU B 80 34.03 -4.34 -23.62
C GLU B 80 32.85 -5.29 -23.85
N GLY B 81 32.12 -5.18 -24.94
CA GLY B 81 31.12 -6.19 -25.29
C GLY B 81 29.70 -5.91 -24.73
N LEU B 82 29.42 -4.75 -24.13
CA LEU B 82 28.07 -4.47 -23.53
C LEU B 82 27.07 -4.14 -24.65
N MET B 83 27.54 -3.82 -25.86
CA MET B 83 26.68 -3.55 -27.02
C MET B 83 26.55 -4.78 -27.96
N SER B 84 27.00 -5.97 -27.55
CA SER B 84 26.95 -7.13 -28.46
C SER B 84 26.83 -8.44 -27.67
N VAL B 85 26.13 -8.44 -26.53
CA VAL B 85 26.24 -9.53 -25.54
C VAL B 85 25.79 -10.86 -26.19
N GLU B 86 24.68 -10.87 -26.92
CA GLU B 86 24.16 -12.11 -27.56
C GLU B 86 24.55 -12.19 -29.06
N ILE B 87 25.10 -11.16 -29.66
CA ILE B 87 25.49 -11.23 -31.10
C ILE B 87 26.56 -12.30 -31.26
N PRO B 88 26.36 -13.31 -32.14
CA PRO B 88 27.37 -14.36 -32.34
C PRO B 88 28.75 -13.75 -32.69
N ARG B 89 29.79 -14.47 -32.31
CA ARG B 89 31.22 -14.20 -32.55
C ARG B 89 31.48 -14.01 -34.06
N GLY B 90 30.78 -14.74 -34.93
CA GLY B 90 30.97 -14.65 -36.38
C GLY B 90 30.52 -13.32 -36.93
N TYR B 91 29.72 -12.53 -36.17
CA TYR B 91 29.32 -11.18 -36.58
C TYR B 91 30.06 -10.14 -35.72
N GLY B 92 31.05 -10.53 -34.95
CA GLY B 92 31.87 -9.58 -34.19
C GLY B 92 31.31 -9.38 -32.78
N GLY B 93 30.37 -10.23 -32.37
CA GLY B 93 29.75 -10.15 -31.04
C GLY B 93 30.39 -10.98 -29.96
N THR B 94 29.85 -10.90 -28.73
CA THR B 94 30.33 -11.67 -27.56
C THR B 94 29.86 -13.13 -27.70
N GLY B 95 28.77 -13.42 -28.39
CA GLY B 95 28.29 -14.81 -28.47
C GLY B 95 27.77 -15.36 -27.13
N GLY B 96 27.27 -14.49 -26.25
CA GLY B 96 26.83 -14.88 -24.91
C GLY B 96 25.35 -15.21 -24.86
N THR B 97 24.83 -15.40 -23.65
CA THR B 97 23.50 -15.96 -23.37
C THR B 97 22.51 -14.85 -22.99
N LEU B 98 21.22 -15.16 -23.04
CA LEU B 98 20.17 -14.25 -22.49
C LEU B 98 20.51 -13.95 -21.04
N CYS B 99 20.92 -14.93 -20.25
CA CYS B 99 21.25 -14.72 -18.84
C CYS B 99 22.31 -13.63 -18.73
N GLN B 100 23.38 -13.70 -19.53
CA GLN B 100 24.47 -12.71 -19.46
C GLN B 100 23.96 -11.34 -19.85
N LEU B 101 23.07 -11.25 -20.82
CA LEU B 101 22.49 -9.94 -21.25
C LEU B 101 21.63 -9.32 -20.13
N ILE B 102 20.84 -10.15 -19.47
CA ILE B 102 20.01 -9.72 -18.30
C ILE B 102 20.90 -9.26 -17.13
N LEU B 103 21.96 -9.97 -16.82
CA LEU B 103 22.90 -9.52 -15.79
C LEU B 103 23.60 -8.23 -16.21
N THR B 104 23.86 -8.02 -17.51
CA THR B 104 24.53 -6.80 -18.00
C THR B 104 23.61 -5.59 -17.70
N ILE B 105 22.36 -5.70 -18.09
CA ILE B 105 21.37 -4.59 -17.93
C ILE B 105 21.21 -4.33 -16.42
N GLU B 106 21.11 -5.39 -15.64
CA GLU B 106 20.92 -5.25 -14.18
C GLU B 106 22.10 -4.48 -13.58
N GLU B 107 23.34 -4.88 -13.84
CA GLU B 107 24.51 -4.25 -13.19
C GLU B 107 24.77 -2.85 -13.74
N VAL B 108 24.51 -2.56 -15.01
CA VAL B 108 24.56 -1.19 -15.55
C VAL B 108 23.51 -0.33 -14.79
N ALA B 109 22.29 -0.82 -14.73
CA ALA B 109 21.17 -0.09 -14.10
C ALA B 109 21.36 0.23 -12.60
N ARG B 110 22.09 -0.61 -11.92
CA ARG B 110 22.46 -0.44 -10.52
C ARG B 110 23.24 0.88 -10.27
N VAL B 111 23.99 1.36 -11.26
CA VAL B 111 24.67 2.60 -11.27
C VAL B 111 23.98 3.68 -12.16
N ASP B 112 23.44 3.31 -13.32
CA ASP B 112 22.86 4.29 -14.29
C ASP B 112 21.76 3.66 -15.13
N PRO B 113 20.50 3.71 -14.63
CA PRO B 113 19.36 3.25 -15.40
C PRO B 113 19.24 3.90 -16.78
N GLY B 114 19.69 5.15 -16.95
CA GLY B 114 19.63 5.86 -18.22
C GLY B 114 20.55 5.24 -19.27
N VAL B 115 21.79 4.97 -18.89
CA VAL B 115 22.70 4.21 -19.80
C VAL B 115 22.12 2.83 -20.08
N ALA B 116 21.51 2.19 -19.09
CA ALA B 116 20.90 0.86 -19.26
C ALA B 116 19.80 0.87 -20.32
N VAL B 117 19.04 1.93 -20.46
CA VAL B 117 18.01 2.01 -21.53
C VAL B 117 18.68 1.81 -22.91
N GLY B 118 19.76 2.55 -23.19
CA GLY B 118 20.46 2.43 -24.48
C GLY B 118 20.98 1.03 -24.70
N VAL B 119 21.58 0.43 -23.69
CA VAL B 119 22.08 -0.96 -23.76
C VAL B 119 20.94 -1.95 -24.02
N HIS B 120 19.82 -1.81 -23.31
CA HIS B 120 18.61 -2.64 -23.51
C HIS B 120 18.06 -2.51 -24.93
N VAL B 121 17.79 -1.31 -25.41
CA VAL B 121 17.20 -1.08 -26.75
C VAL B 121 18.10 -1.73 -27.83
N HIS B 122 19.38 -1.41 -27.76
CA HIS B 122 20.38 -1.85 -28.76
C HIS B 122 20.44 -3.39 -28.80
N ASN B 123 20.72 -4.04 -27.67
CA ASN B 123 20.85 -5.50 -27.59
C ASN B 123 19.51 -6.21 -27.79
N VAL B 124 18.50 -5.88 -26.98
CA VAL B 124 17.27 -6.70 -26.87
C VAL B 124 16.39 -6.40 -28.08
N LEU B 125 16.09 -5.13 -28.32
CA LEU B 125 15.03 -4.75 -29.28
C LEU B 125 15.62 -4.69 -30.69
N VAL B 126 16.80 -4.14 -30.88
CA VAL B 126 17.31 -3.96 -32.28
C VAL B 126 18.12 -5.21 -32.68
N ALA B 127 19.25 -5.50 -32.03
CA ALA B 127 20.09 -6.65 -32.43
C ALA B 127 19.25 -7.92 -32.31
N GLY B 128 18.46 -8.05 -31.24
CA GLY B 128 17.65 -9.24 -30.96
C GLY B 128 16.61 -9.49 -32.03
N THR B 129 15.96 -8.44 -32.53
CA THR B 129 14.94 -8.51 -33.60
C THR B 129 15.62 -9.01 -34.90
N LEU B 130 16.79 -8.49 -35.22
CA LEU B 130 17.53 -8.93 -36.44
C LEU B 130 17.97 -10.37 -36.26
N LEU B 131 18.44 -10.77 -35.10
CA LEU B 131 18.84 -12.19 -34.90
C LEU B 131 17.63 -13.10 -35.16
N ARG B 132 16.43 -12.68 -34.81
CA ARG B 132 15.20 -13.51 -34.97
C ARG B 132 14.60 -13.43 -36.36
N HIS B 133 14.69 -12.32 -37.09
CA HIS B 133 13.83 -12.09 -38.27
C HIS B 133 14.59 -11.68 -39.50
N ALA B 134 15.85 -11.28 -39.38
CA ALA B 134 16.54 -10.76 -40.57
C ALA B 134 17.01 -11.95 -41.44
N SER B 135 17.09 -11.75 -42.75
CA SER B 135 17.73 -12.74 -43.67
C SER B 135 19.24 -12.82 -43.38
N GLY B 136 19.86 -13.85 -43.94
CA GLY B 136 21.30 -14.09 -43.86
C GLY B 136 22.07 -12.87 -44.26
N ASP B 137 21.68 -12.30 -45.39
CA ASP B 137 22.30 -11.08 -45.95
C ASP B 137 22.17 -9.90 -44.96
N GLN B 138 20.98 -9.70 -44.40
CA GLN B 138 20.70 -8.56 -43.49
C GLN B 138 21.53 -8.71 -42.20
N ARG B 139 21.63 -9.92 -41.68
CA ARG B 139 22.44 -10.24 -40.48
C ARG B 139 23.91 -9.91 -40.76
N ARG B 140 24.42 -10.32 -41.93
CA ARG B 140 25.83 -10.10 -42.29
C ARG B 140 26.04 -8.60 -42.48
N GLN B 141 25.09 -7.87 -43.04
CA GLN B 141 25.24 -6.40 -43.23
C GLN B 141 25.16 -5.66 -41.86
N TYR B 142 24.16 -5.93 -41.00
CA TYR B 142 23.85 -5.02 -39.85
C TYR B 142 24.47 -5.50 -38.54
N LEU B 143 24.53 -6.80 -38.30
CA LEU B 143 24.99 -7.26 -36.97
C LEU B 143 26.42 -6.82 -36.71
N PRO B 144 27.38 -6.91 -37.67
CA PRO B 144 28.74 -6.44 -37.38
C PRO B 144 28.79 -4.95 -37.03
N GLN B 145 27.91 -4.16 -37.64
CA GLN B 145 27.82 -2.72 -37.38
C GLN B 145 27.37 -2.53 -35.92
N LEU B 146 26.29 -3.22 -35.52
CA LEU B 146 25.73 -3.08 -34.15
C LEU B 146 26.73 -3.59 -33.13
N ALA B 147 27.57 -4.56 -33.50
CA ALA B 147 28.54 -5.18 -32.57
C ALA B 147 29.76 -4.29 -32.40
N THR B 148 30.05 -3.40 -33.33
CA THR B 148 31.37 -2.71 -33.38
C THR B 148 31.23 -1.23 -33.02
N GLY B 149 30.23 -0.52 -33.50
CA GLY B 149 30.20 0.94 -33.26
C GLY B 149 28.94 1.67 -33.65
N LYS B 150 27.92 1.04 -34.23
CA LYS B 150 26.73 1.72 -34.68
C LYS B 150 25.65 1.43 -33.62
N ILE B 151 25.11 2.45 -33.01
CA ILE B 151 24.01 2.27 -32.02
C ILE B 151 22.69 2.08 -32.74
N GLY B 152 21.90 1.12 -32.24
CA GLY B 152 20.54 0.85 -32.73
C GLY B 152 19.49 1.45 -31.80
N ALA B 153 18.49 2.09 -32.38
CA ALA B 153 17.28 2.56 -31.69
C ALA B 153 16.03 1.96 -32.33
N PHE B 154 14.94 1.97 -31.57
CA PHE B 154 13.69 1.24 -31.91
C PHE B 154 12.56 2.25 -32.00
N ALA B 155 12.02 2.47 -33.19
CA ALA B 155 11.08 3.56 -33.47
C ALA B 155 9.73 2.95 -33.88
N LEU B 156 8.87 2.72 -32.89
CA LEU B 156 7.50 2.19 -33.10
C LEU B 156 6.47 3.26 -32.76
N SER B 157 6.52 3.78 -31.53
CA SER B 157 5.48 4.69 -31.02
C SER B 157 5.35 5.97 -31.86
N GLU B 158 4.15 6.53 -31.77
CA GLU B 158 3.74 7.79 -32.38
C GLU B 158 2.83 8.53 -31.39
N GLU B 159 2.52 9.76 -31.72
CA GLU B 159 1.65 10.60 -30.92
C GLU B 159 0.36 9.87 -30.60
N GLN B 160 -0.25 9.29 -31.60
CA GLN B 160 -1.49 8.57 -31.43
C GLN B 160 -1.42 7.04 -31.28
N ALA B 161 -0.23 6.51 -31.29
CA ALA B 161 0.02 5.06 -31.15
C ALA B 161 0.94 4.84 -29.94
N GLY B 162 0.33 4.77 -28.75
CA GLY B 162 1.06 4.46 -27.51
C GLY B 162 0.80 3.05 -27.07
N SER B 163 -0.15 2.88 -26.14
CA SER B 163 -0.56 1.54 -25.68
C SER B 163 -1.15 0.82 -26.89
N ASP B 164 -1.89 1.54 -27.76
CA ASP B 164 -2.47 0.99 -29.02
C ASP B 164 -1.37 1.10 -30.07
N ALA B 165 -0.35 0.30 -29.92
CA ALA B 165 1.00 0.59 -30.44
C ALA B 165 0.98 0.56 -31.98
N PHE B 166 0.03 -0.14 -32.59
CA PHE B 166 0.05 -0.35 -34.06
C PHE B 166 -0.99 0.53 -34.76
N ALA B 167 -1.56 1.54 -34.08
CA ALA B 167 -2.42 2.56 -34.73
C ALA B 167 -1.53 3.60 -35.46
N LEU B 168 -0.64 3.17 -36.35
CA LEU B 168 0.43 4.02 -36.97
C LEU B 168 -0.14 4.93 -38.04
N THR B 169 0.50 6.07 -38.26
CA THR B 169 0.20 6.93 -39.43
C THR B 169 1.45 7.10 -40.27
N THR B 170 2.65 6.68 -39.83
CA THR B 170 3.86 6.69 -40.67
C THR B 170 3.62 5.69 -41.84
N VAL B 171 3.95 6.07 -43.08
CA VAL B 171 3.65 5.23 -44.29
C VAL B 171 4.93 5.03 -45.10
N ALA B 172 5.16 3.80 -45.55
CA ALA B 172 6.19 3.44 -46.53
C ALA B 172 5.43 3.22 -47.86
N ARG B 173 5.50 4.19 -48.77
CA ARG B 173 4.79 4.14 -50.10
C ARG B 173 5.70 3.48 -51.13
N GLN B 174 5.18 2.53 -51.89
CA GLN B 174 5.92 1.84 -52.92
C GLN B 174 6.61 2.77 -53.89
N ASP B 175 7.78 2.35 -54.30
CA ASP B 175 8.68 3.01 -55.23
C ASP B 175 9.45 1.96 -56.00
N GLU B 176 10.11 2.33 -57.08
CA GLU B 176 10.92 1.37 -57.83
C GLU B 176 12.12 1.01 -56.96
N GLY B 177 12.33 -0.25 -56.58
CA GLY B 177 13.49 -0.62 -55.76
C GLY B 177 13.22 -0.58 -54.26
N GLY B 178 12.06 -0.04 -53.84
CA GLY B 178 11.59 -0.15 -52.44
C GLY B 178 10.48 0.82 -52.09
N TYR B 179 10.79 1.82 -51.26
CA TYR B 179 9.74 2.67 -50.66
C TYR B 179 10.25 4.07 -50.37
N LEU B 180 9.29 4.93 -50.13
CA LEU B 180 9.50 6.29 -49.70
C LEU B 180 8.77 6.39 -48.35
N LEU B 181 9.52 6.57 -47.29
CA LEU B 181 8.99 6.65 -45.94
C LEU B 181 8.68 8.07 -45.49
N THR B 182 7.47 8.31 -45.02
CA THR B 182 7.06 9.61 -44.53
C THR B 182 6.21 9.52 -43.27
N GLY B 183 6.62 10.23 -42.22
CA GLY B 183 5.83 10.35 -40.99
C GLY B 183 6.68 10.80 -39.83
N ARG B 184 6.18 10.57 -38.61
CA ARG B 184 6.83 11.01 -37.41
C ARG B 184 6.65 9.98 -36.32
N LYS B 185 7.78 9.60 -35.72
CA LYS B 185 7.81 8.68 -34.63
C LYS B 185 8.03 9.52 -33.35
N ARG B 186 7.50 9.05 -32.24
CA ARG B 186 7.59 9.73 -30.96
C ARG B 186 8.21 8.78 -29.93
N TRP B 187 8.90 9.31 -28.94
CA TRP B 187 9.54 8.58 -27.84
C TRP B 187 10.69 7.68 -28.26
N THR B 188 11.45 8.03 -29.30
CA THR B 188 12.56 7.12 -29.67
C THR B 188 13.74 7.34 -28.70
N SER B 189 13.94 6.40 -27.79
CA SER B 189 15.03 6.42 -26.79
C SER B 189 16.37 6.38 -27.56
N ASN B 190 17.36 7.14 -27.10
CA ASN B 190 18.74 7.13 -27.61
C ASN B 190 18.80 7.66 -29.04
N ALA B 191 17.75 8.28 -29.56
CA ALA B 191 17.71 8.69 -30.97
C ALA B 191 18.91 9.61 -31.29
N ARG B 192 19.25 10.56 -30.44
CA ARG B 192 20.32 11.56 -30.74
C ARG B 192 21.68 10.85 -30.80
N ASN B 193 21.80 9.61 -30.30
CA ASN B 193 23.05 8.85 -30.30
C ASN B 193 23.00 7.73 -31.37
N ALA B 194 21.91 7.55 -32.07
CA ALA B 194 21.70 6.31 -32.85
C ALA B 194 22.26 6.49 -34.27
N ASP B 195 22.63 5.36 -34.87
CA ASP B 195 23.12 5.26 -36.27
C ASP B 195 22.14 4.44 -37.11
N LEU B 196 21.45 3.47 -36.51
CA LEU B 196 20.53 2.55 -37.22
C LEU B 196 19.21 2.54 -36.46
N LEU B 197 18.11 2.74 -37.15
CA LEU B 197 16.75 2.80 -36.55
C LEU B 197 16.00 1.58 -37.04
N LEU B 198 15.41 0.83 -36.12
CA LEU B 198 14.42 -0.18 -36.52
C LEU B 198 13.05 0.48 -36.49
N VAL B 199 12.48 0.74 -37.66
CA VAL B 199 11.31 1.65 -37.82
C VAL B 199 10.10 0.81 -38.27
N PHE B 200 8.92 1.14 -37.77
CA PHE B 200 7.63 0.49 -38.11
C PHE B 200 6.79 1.51 -38.86
N ALA B 201 6.30 1.12 -40.02
CA ALA B 201 5.46 1.98 -40.88
C ALA B 201 4.43 1.11 -41.62
N LEU B 202 3.31 1.72 -42.02
CA LEU B 202 2.29 1.07 -42.90
C LEU B 202 2.88 0.93 -44.32
N ALA B 203 2.91 -0.25 -44.87
CA ALA B 203 3.41 -0.39 -46.21
C ALA B 203 2.21 -0.17 -47.10
N ASP B 204 2.12 1.00 -47.69
CA ASP B 204 0.97 1.40 -48.52
C ASP B 204 -0.38 1.13 -47.86
N GLY B 206 -1.42 -1.91 -46.65
CA GLY B 206 -0.61 -3.11 -46.60
C GLY B 206 -0.21 -3.59 -45.19
N GLY B 207 -0.48 -2.77 -44.21
CA GLY B 207 -0.21 -3.12 -42.85
C GLY B 207 1.19 -2.80 -42.32
N PRO B 208 1.34 -2.81 -41.00
CA PRO B 208 2.63 -2.52 -40.37
C PRO B 208 3.75 -3.43 -40.88
N THR B 209 4.90 -2.80 -41.14
CA THR B 209 6.13 -3.40 -41.71
C THR B 209 7.37 -2.81 -40.99
N ALA B 210 8.38 -3.62 -40.76
CA ALA B 210 9.64 -3.22 -40.11
C ALA B 210 10.69 -2.95 -41.17
N PHE B 211 11.45 -1.88 -40.99
CA PHE B 211 12.59 -1.46 -41.83
C PHE B 211 13.79 -1.12 -40.95
N VAL B 212 15.00 -1.39 -41.45
CA VAL B 212 16.25 -0.85 -40.87
C VAL B 212 16.57 0.39 -41.68
N VAL B 213 16.67 1.58 -41.04
CA VAL B 213 16.90 2.88 -41.71
C VAL B 213 18.06 3.56 -41.01
N PRO B 214 19.16 3.92 -41.73
CA PRO B 214 20.24 4.72 -41.17
C PRO B 214 19.69 6.06 -40.69
N ALA B 215 20.18 6.52 -39.55
CA ALA B 215 19.73 7.80 -38.93
C ALA B 215 20.13 8.99 -39.81
N ASP B 216 21.11 8.82 -40.69
CA ASP B 216 21.59 9.93 -41.55
C ASP B 216 21.08 9.73 -42.99
N ALA B 217 20.05 8.91 -43.21
CA ALA B 217 19.43 8.77 -44.55
C ALA B 217 18.83 10.11 -44.96
N PRO B 218 18.71 10.37 -46.27
CA PRO B 218 18.00 11.56 -46.75
C PRO B 218 16.60 11.66 -46.16
N GLY B 219 16.21 12.86 -45.77
CA GLY B 219 14.86 13.14 -45.24
C GLY B 219 14.68 12.70 -43.77
N VAL B 220 15.69 12.17 -43.09
CA VAL B 220 15.59 11.83 -41.62
C VAL B 220 16.06 13.02 -40.79
N SER B 221 15.27 13.47 -39.83
CA SER B 221 15.75 14.46 -38.83
C SER B 221 15.16 14.12 -37.45
N LEU B 222 15.70 14.74 -36.41
CA LEU B 222 15.25 14.57 -35.01
C LEU B 222 14.65 15.88 -34.52
N ASP B 223 13.68 15.77 -33.61
CA ASP B 223 13.17 16.90 -32.81
C ASP B 223 13.13 16.40 -31.35
N ASP B 224 14.06 16.86 -30.52
CA ASP B 224 14.14 16.46 -29.09
C ASP B 224 12.79 16.75 -28.41
N ARG B 225 12.12 17.84 -28.80
CA ARG B 225 10.69 18.20 -28.53
C ARG B 225 10.48 18.64 -27.07
N VAL B 226 10.95 17.88 -26.10
CA VAL B 226 10.55 18.07 -24.67
C VAL B 226 11.75 17.62 -23.83
N GLU B 227 11.76 18.04 -22.58
CA GLU B 227 12.61 17.54 -21.49
C GLU B 227 11.89 16.39 -20.79
N GLN B 228 12.57 15.28 -20.60
CA GLN B 228 12.00 14.14 -19.86
C GLN B 228 12.60 14.08 -18.46
N MET B 229 11.83 13.50 -17.55
CA MET B 229 12.14 13.59 -16.10
C MET B 229 13.38 12.75 -15.80
N GLY B 230 13.49 11.55 -16.37
CA GLY B 230 14.64 10.67 -16.10
C GLY B 230 15.04 9.81 -17.28
N VAL B 231 15.84 8.80 -16.99
CA VAL B 231 16.63 8.00 -18.00
C VAL B 231 17.18 8.93 -19.09
N ARG B 232 17.72 10.07 -18.67
CA ARG B 232 18.08 11.17 -19.59
C ARG B 232 19.33 10.86 -20.40
N ALA B 233 20.22 10.01 -19.91
CA ALA B 233 21.38 9.63 -20.72
C ALA B 233 20.93 9.00 -22.06
N ALA B 234 19.74 8.41 -22.13
CA ALA B 234 19.17 7.86 -23.39
C ALA B 234 17.89 8.61 -23.73
N ALA B 235 17.83 9.93 -23.50
CA ALA B 235 16.63 10.74 -23.73
C ALA B 235 16.04 10.46 -25.12
N THR B 236 14.73 10.54 -25.20
CA THR B 236 13.91 10.35 -26.44
C THR B 236 14.06 11.59 -27.35
N SER B 237 13.81 11.39 -28.64
CA SER B 237 13.47 12.44 -29.61
C SER B 237 12.32 11.94 -30.45
N ASP B 238 11.60 12.86 -31.06
CA ASP B 238 10.79 12.54 -32.26
C ASP B 238 11.75 12.26 -33.43
N VAL B 239 11.39 11.31 -34.30
CA VAL B 239 12.16 11.04 -35.54
C VAL B 239 11.22 11.35 -36.70
N ILE B 240 11.64 12.23 -37.59
CA ILE B 240 10.80 12.72 -38.71
C ILE B 240 11.35 12.14 -40.01
N PHE B 241 10.47 11.54 -40.81
CA PHE B 241 10.82 11.02 -42.16
C PHE B 241 10.09 11.86 -43.19
N ASP B 242 10.84 12.46 -44.11
CA ASP B 242 10.33 13.34 -45.20
C ASP B 242 10.69 12.69 -46.53
N GLY B 243 9.90 11.70 -46.94
CA GLY B 243 10.15 10.96 -48.18
C GLY B 243 11.52 10.28 -48.17
N THR B 244 11.90 9.65 -47.06
CA THR B 244 13.18 8.94 -46.97
C THR B 244 13.15 7.71 -47.88
N PRO B 245 14.13 7.56 -48.80
CA PRO B 245 14.23 6.34 -49.59
C PRO B 245 14.72 5.15 -48.78
N VAL B 246 14.03 4.04 -48.91
CA VAL B 246 14.33 2.75 -48.26
C VAL B 246 14.27 1.67 -49.37
N ARG B 247 15.34 0.91 -49.52
CA ARG B 247 15.39 -0.21 -50.48
C ARG B 247 14.65 -1.40 -49.90
N THR B 248 14.19 -2.31 -50.78
CA THR B 248 13.49 -3.55 -50.40
C THR B 248 14.36 -4.33 -49.44
N ALA B 249 15.67 -4.32 -49.67
CA ALA B 249 16.68 -5.07 -48.87
C ALA B 249 16.69 -4.59 -47.41
N GLN B 250 16.11 -3.42 -47.13
CA GLN B 250 16.03 -2.91 -45.74
C GLN B 250 14.76 -3.39 -45.01
N ARG B 251 13.83 -4.06 -45.69
CA ARG B 251 12.57 -4.50 -45.06
C ARG B 251 12.86 -5.74 -44.25
N VAL B 252 12.51 -5.76 -42.98
CA VAL B 252 12.70 -6.93 -42.10
C VAL B 252 11.38 -7.70 -42.03
N GLY B 253 11.36 -8.92 -42.57
CA GLY B 253 10.14 -9.72 -42.69
C GLY B 253 9.29 -9.23 -43.84
N PRO B 254 8.07 -9.80 -44.01
CA PRO B 254 7.20 -9.40 -45.10
C PRO B 254 6.44 -8.07 -44.86
N PRO B 255 5.92 -7.47 -45.95
CA PRO B 255 4.96 -6.37 -45.85
C PRO B 255 3.71 -6.81 -45.05
N GLY B 256 3.31 -5.99 -44.07
CA GLY B 256 2.28 -6.29 -43.07
C GLY B 256 2.69 -7.27 -41.98
N GLY B 257 3.95 -7.66 -41.86
CA GLY B 257 4.44 -8.60 -40.85
C GLY B 257 5.12 -7.90 -39.67
N GLY B 258 4.99 -6.56 -39.60
CA GLY B 258 5.55 -5.73 -38.52
C GLY B 258 5.12 -6.18 -37.14
N GLN B 259 3.85 -6.48 -36.92
CA GLN B 259 3.37 -6.92 -35.59
C GLN B 259 3.98 -8.26 -35.19
N THR B 260 4.17 -9.19 -36.10
CA THR B 260 4.83 -10.49 -35.79
C THR B 260 6.30 -10.24 -35.40
N VAL B 261 6.99 -9.42 -36.16
CA VAL B 261 8.39 -9.02 -35.85
C VAL B 261 8.45 -8.42 -34.42
N ALA B 262 7.59 -7.46 -34.08
CA ALA B 262 7.57 -6.82 -32.73
C ALA B 262 7.21 -7.84 -31.65
N LEU B 263 6.21 -8.69 -31.90
CA LEU B 263 5.64 -9.62 -30.89
C LEU B 263 6.71 -10.63 -30.46
N SER B 264 7.57 -11.08 -31.38
CA SER B 264 8.60 -12.07 -31.04
C SER B 264 9.53 -11.53 -29.95
N GLY B 265 9.73 -10.21 -29.84
CA GLY B 265 10.62 -9.56 -28.84
C GLY B 265 9.85 -8.94 -27.63
N LEU B 266 8.54 -9.10 -27.54
CA LEU B 266 7.72 -8.48 -26.45
C LEU B 266 8.19 -9.02 -25.08
N GLY B 267 8.19 -10.34 -24.91
CA GLY B 267 8.60 -11.03 -23.67
C GLY B 267 10.00 -10.65 -23.27
N LEU B 268 10.92 -10.69 -24.22
CA LEU B 268 12.34 -10.44 -23.94
C LEU B 268 12.51 -8.97 -23.57
N GLY B 269 11.74 -8.08 -24.20
CA GLY B 269 11.76 -6.64 -23.89
C GLY B 269 11.37 -6.42 -22.44
N ARG B 270 10.30 -7.08 -22.02
CA ARG B 270 9.86 -7.00 -20.62
C ARG B 270 10.87 -7.59 -19.68
N LEU B 271 11.61 -8.66 -20.00
CA LEU B 271 12.65 -9.16 -19.08
C LEU B 271 13.79 -8.15 -18.96
N GLY B 272 14.11 -7.48 -20.03
CA GLY B 272 15.22 -6.50 -20.01
C GLY B 272 14.88 -5.34 -19.10
N ILE B 273 13.63 -4.86 -19.16
CA ILE B 273 13.21 -3.75 -18.25
C ILE B 273 13.09 -4.31 -16.84
N ALA B 274 12.60 -5.53 -16.64
CA ALA B 274 12.56 -6.13 -15.27
C ALA B 274 14.00 -6.11 -14.70
N ALA B 275 14.98 -6.41 -15.52
CA ALA B 275 16.41 -6.38 -15.09
C ALA B 275 16.84 -4.94 -14.77
N GLN B 276 16.47 -3.98 -15.59
CA GLN B 276 16.82 -2.56 -15.33
C GLN B 276 16.20 -2.10 -13.98
N MET B 277 14.97 -2.49 -13.72
CA MET B 277 14.23 -2.10 -12.50
C MET B 277 14.87 -2.81 -11.29
N THR B 278 15.24 -4.07 -11.40
CA THR B 278 15.91 -4.84 -10.33
C THR B 278 17.24 -4.20 -9.99
N GLY B 279 18.02 -3.83 -11.01
CA GLY B 279 19.31 -3.19 -10.77
C GLY B 279 19.16 -1.84 -10.11
N LEU B 280 18.23 -1.02 -10.62
CA LEU B 280 17.93 0.33 -10.04
C LEU B 280 17.61 0.16 -8.54
N ALA B 281 16.75 -0.78 -8.20
CA ALA B 281 16.31 -1.02 -6.82
C ALA B 281 17.51 -1.40 -5.95
N GLN B 282 18.39 -2.25 -6.46
CA GLN B 282 19.63 -2.64 -5.77
C GLN B 282 20.49 -1.40 -5.53
N GLY B 283 20.70 -0.56 -6.54
CA GLY B 283 21.52 0.64 -6.41
C GLY B 283 20.92 1.56 -5.35
N ALA B 284 19.60 1.72 -5.39
CA ALA B 284 18.92 2.57 -4.38
C ALA B 284 19.15 1.97 -2.97
N LEU B 285 18.90 0.69 -2.81
CA LEU B 285 19.07 -0.03 -1.52
C LEU B 285 20.52 0.05 -1.04
N ASP B 286 21.52 -0.12 -1.92
CA ASP B 286 22.96 -0.03 -1.54
C ASP B 286 23.28 1.39 -1.01
N ALA B 287 22.82 2.46 -1.69
CA ALA B 287 23.02 3.84 -1.23
C ALA B 287 22.36 4.07 0.16
N ALA B 288 21.11 3.66 0.37
CA ALA B 288 20.36 3.88 1.62
C ALA B 288 20.98 3.07 2.76
N THR B 289 21.34 1.80 2.52
CA THR B 289 21.94 0.93 3.58
C THR B 289 23.27 1.58 4.02
N GLY B 290 24.16 1.91 3.07
CA GLY B 290 25.48 2.49 3.40
C GLY B 290 25.33 3.79 4.16
N TYR B 291 24.38 4.65 3.76
CA TYR B 291 24.15 5.95 4.42
C TYR B 291 23.67 5.74 5.85
N SER B 292 22.78 4.77 6.07
CA SER B 292 22.15 4.55 7.38
C SER B 292 23.20 4.12 8.42
N ARG B 293 24.33 3.57 7.97
CA ARG B 293 25.42 3.14 8.89
C ARG B 293 26.24 4.34 9.33
N VAL B 294 26.29 5.43 8.56
CA VAL B 294 27.27 6.54 8.81
C VAL B 294 26.57 7.85 9.18
N ARG B 295 25.34 8.10 8.75
CA ARG B 295 24.63 9.34 9.18
C ARG B 295 24.23 9.22 10.66
N GLU B 296 24.60 10.22 11.45
CA GLU B 296 24.22 10.31 12.90
C GLU B 296 23.37 11.54 13.16
N GLN B 297 22.25 11.30 13.84
CA GLN B 297 21.38 12.33 14.44
C GLN B 297 21.01 11.85 15.85
N PHE B 298 20.86 12.77 16.79
CA PHE B 298 20.49 12.45 18.20
C PHE B 298 21.57 11.56 18.86
N GLY B 299 22.81 11.65 18.42
CA GLY B 299 23.97 11.02 19.09
C GLY B 299 24.27 9.61 18.60
N GLY B 300 23.69 9.12 17.49
CA GLY B 300 23.95 7.74 17.04
C GLY B 300 23.47 7.54 15.60
N ARG B 301 23.86 6.43 15.00
CA ARG B 301 23.55 6.15 13.56
C ARG B 301 22.04 6.01 13.38
N ILE B 302 21.50 6.53 12.27
CA ILE B 302 20.03 6.49 12.03
C ILE B 302 19.58 5.04 11.83
N ALA B 303 20.45 4.13 11.40
CA ALA B 303 20.11 2.69 11.27
C ALA B 303 19.63 2.11 12.62
N ASP B 304 19.94 2.68 13.78
CA ASP B 304 19.52 2.07 15.05
C ASP B 304 18.05 2.39 15.35
N HIS B 305 17.30 3.03 14.46
CA HIS B 305 15.86 3.30 14.69
C HIS B 305 15.09 2.34 13.78
N GLN B 306 14.09 1.63 14.28
CA GLN B 306 13.30 0.70 13.44
C GLN B 306 12.59 1.44 12.32
N GLY B 307 12.26 2.72 12.53
CA GLY B 307 11.63 3.51 11.48
C GLY B 307 12.56 3.73 10.31
N VAL B 308 13.85 3.61 10.49
CA VAL B 308 14.81 3.67 9.34
C VAL B 308 15.12 2.24 8.87
N ALA B 309 15.47 1.34 9.77
CA ALA B 309 15.89 -0.03 9.40
C ALA B 309 14.77 -0.84 8.73
N PHE B 310 13.55 -0.80 9.25
CA PHE B 310 12.46 -1.68 8.78
C PHE B 310 12.12 -1.41 7.31
N PRO B 311 11.98 -0.16 6.86
CA PRO B 311 11.73 0.05 5.42
C PRO B 311 12.84 -0.55 4.55
N LEU B 312 14.09 -0.53 4.99
CA LEU B 312 15.18 -1.11 4.18
C LEU B 312 15.02 -2.63 4.10
N ALA B 313 14.70 -3.29 5.20
CA ALA B 313 14.48 -4.74 5.26
C ALA B 313 13.30 -5.12 4.38
N ASP B 314 12.25 -4.33 4.41
CA ASP B 314 11.05 -4.59 3.60
C ASP B 314 11.42 -4.54 2.11
N VAL B 315 12.09 -3.48 1.69
CA VAL B 315 12.59 -3.32 0.29
C VAL B 315 13.50 -4.48 -0.06
N ALA B 316 14.46 -4.83 0.78
CA ALA B 316 15.39 -5.95 0.51
C ALA B 316 14.60 -7.23 0.26
N SER B 317 13.55 -7.50 1.04
CA SER B 317 12.72 -8.73 0.92
C SER B 317 11.99 -8.74 -0.42
N ARG B 318 11.35 -7.62 -0.75
CA ARG B 318 10.58 -7.51 -2.02
C ARG B 318 11.55 -7.64 -3.22
N LEU B 319 12.73 -7.07 -3.10
CA LEU B 319 13.75 -7.11 -4.18
C LEU B 319 14.27 -8.54 -4.35
N ALA B 320 14.48 -9.29 -3.29
CA ALA B 320 14.89 -10.71 -3.43
C ALA B 320 13.80 -11.47 -4.19
N ALA B 321 12.52 -11.20 -3.92
CA ALA B 321 11.45 -11.88 -4.65
C ALA B 321 11.40 -11.45 -6.12
N ALA B 322 11.55 -10.16 -6.39
CA ALA B 322 11.53 -9.63 -7.78
C ALA B 322 12.68 -10.26 -8.60
N ARG B 323 13.85 -10.33 -8.00
CA ARG B 323 15.03 -10.91 -8.69
C ARG B 323 14.78 -12.41 -8.90
N ALA B 324 14.23 -13.14 -7.92
CA ALA B 324 14.00 -14.60 -8.06
C ALA B 324 13.03 -14.84 -9.23
N LEU B 325 11.97 -14.04 -9.32
CA LEU B 325 11.01 -14.18 -10.43
C LEU B 325 11.68 -13.86 -11.78
N LEU B 326 12.43 -12.76 -11.88
CA LEU B 326 13.15 -12.40 -13.12
C LEU B 326 13.99 -13.60 -13.56
N TYR B 327 14.83 -14.15 -12.68
CA TYR B 327 15.80 -15.20 -13.09
C TYR B 327 15.07 -16.52 -13.40
N ARG B 328 13.95 -16.77 -12.74
CA ARG B 328 13.08 -17.90 -13.11
C ARG B 328 12.54 -17.72 -14.54
N ALA B 329 12.01 -16.55 -14.85
CA ALA B 329 11.44 -16.24 -16.16
C ALA B 329 12.55 -16.36 -17.23
N VAL B 330 13.78 -15.92 -16.95
CA VAL B 330 14.95 -16.05 -17.86
C VAL B 330 15.34 -17.52 -18.06
N ASP B 331 15.43 -18.30 -16.98
CA ASP B 331 15.78 -19.74 -16.98
C ASP B 331 14.80 -20.54 -17.84
N LEU B 332 13.53 -20.19 -17.88
CA LEU B 332 12.54 -20.98 -18.65
C LEU B 332 12.62 -20.68 -20.16
N HIS B 333 13.48 -19.75 -20.62
CA HIS B 333 13.80 -19.58 -22.08
C HIS B 333 14.71 -20.73 -22.58
N GLY B 334 14.56 -21.06 -23.87
CA GLY B 334 15.30 -22.15 -24.53
C GLY B 334 15.07 -23.51 -23.88
N ARG B 335 13.86 -23.78 -23.36
CA ARG B 335 13.51 -25.10 -22.75
C ARG B 335 12.28 -25.71 -23.43
N GLY B 336 11.78 -25.12 -24.52
CA GLY B 336 10.47 -25.44 -25.12
C GLY B 336 9.31 -25.11 -24.19
N THR B 337 9.46 -24.16 -23.30
CA THR B 337 8.38 -23.76 -22.42
C THR B 337 7.25 -23.15 -23.24
N ASP B 338 6.01 -23.40 -22.85
CA ASP B 338 4.83 -22.85 -23.50
C ASP B 338 4.99 -21.33 -23.64
N PRO B 339 4.78 -20.80 -24.83
CA PRO B 339 4.89 -19.38 -25.16
C PRO B 339 3.98 -18.51 -24.31
N VAL B 340 2.73 -18.92 -24.09
CA VAL B 340 1.77 -18.18 -23.22
C VAL B 340 2.37 -18.03 -21.81
N GLU B 341 2.89 -19.11 -21.24
CA GLU B 341 3.53 -19.10 -19.92
C GLU B 341 4.73 -18.12 -19.95
N LEU B 342 5.52 -18.10 -21.01
CA LEU B 342 6.61 -17.16 -21.09
C LEU B 342 6.12 -15.71 -21.11
N MET B 343 5.07 -15.44 -21.85
CA MET B 343 4.46 -14.11 -21.91
C MET B 343 3.97 -13.71 -20.50
N ARG B 344 3.31 -14.64 -19.82
CA ARG B 344 2.76 -14.40 -18.48
C ARG B 344 3.92 -14.06 -17.55
N LEU B 345 4.98 -14.89 -17.52
CA LEU B 345 6.07 -14.74 -16.53
C LEU B 345 6.81 -13.41 -16.83
N ALA B 346 7.00 -13.04 -18.10
CA ALA B 346 7.75 -11.80 -18.46
C ALA B 346 6.94 -10.57 -18.03
N ALA B 347 5.62 -10.61 -18.20
CA ALA B 347 4.73 -9.48 -17.81
C ALA B 347 4.75 -9.34 -16.28
N MET B 348 4.67 -10.46 -15.57
CA MET B 348 4.67 -10.48 -14.08
C MET B 348 6.03 -10.00 -13.58
N ALA B 349 7.15 -10.43 -14.19
CA ALA B 349 8.49 -10.03 -13.75
C ALA B 349 8.66 -8.53 -13.87
N LYS B 350 8.22 -7.98 -14.97
CA LYS B 350 8.38 -6.52 -15.19
C LYS B 350 7.47 -5.73 -14.24
N TYR B 351 6.26 -6.21 -14.06
CA TYR B 351 5.27 -5.54 -13.18
C TYR B 351 5.84 -5.46 -11.74
N VAL B 352 6.24 -6.60 -11.21
CA VAL B 352 6.79 -6.71 -9.84
C VAL B 352 8.09 -5.91 -9.67
N ALA B 353 9.02 -6.02 -10.61
CA ALA B 353 10.32 -5.32 -10.56
C ALA B 353 10.08 -3.81 -10.61
N SER B 354 9.15 -3.34 -11.43
CA SER B 354 8.82 -1.91 -11.51
C SER B 354 8.33 -1.37 -10.17
N GLU B 355 7.45 -2.12 -9.55
CA GLU B 355 6.89 -1.77 -8.27
C GLU B 355 7.99 -1.66 -7.22
N VAL B 356 8.83 -2.68 -7.14
CA VAL B 356 9.94 -2.68 -6.16
C VAL B 356 10.92 -1.53 -6.45
N ALA B 357 11.24 -1.24 -7.70
CA ALA B 357 12.11 -0.09 -8.03
C ALA B 357 11.52 1.21 -7.48
N GLU B 358 10.22 1.45 -7.67
CA GLU B 358 9.60 2.66 -7.14
C GLU B 358 9.76 2.75 -5.62
N ARG B 359 9.40 1.68 -4.92
CA ARG B 359 9.51 1.57 -3.44
C ARG B 359 10.95 1.80 -2.99
N ALA B 360 11.93 1.11 -3.59
CA ALA B 360 13.35 1.23 -3.25
C ALA B 360 13.81 2.69 -3.39
N ALA B 361 13.52 3.32 -4.54
CA ALA B 361 14.00 4.67 -4.84
C ALA B 361 13.35 5.66 -3.83
N SER B 362 12.07 5.51 -3.58
CA SER B 362 11.31 6.34 -2.63
C SER B 362 11.94 6.23 -1.23
N VAL B 363 12.06 5.00 -0.73
CA VAL B 363 12.66 4.74 0.60
C VAL B 363 14.07 5.31 0.63
N ALA B 364 14.85 5.18 -0.45
CA ALA B 364 16.24 5.63 -0.46
C ALA B 364 16.28 7.16 -0.36
N VAL B 365 15.46 7.86 -1.12
CA VAL B 365 15.43 9.35 -1.01
C VAL B 365 15.15 9.74 0.44
N GLU B 366 14.13 9.13 1.04
CA GLU B 366 13.75 9.51 2.42
C GLU B 366 14.83 9.13 3.44
N THR B 367 15.51 8.01 3.26
CA THR B 367 16.55 7.54 4.20
C THR B 367 17.66 8.59 4.24
N LEU B 368 17.97 9.15 3.09
CA LEU B 368 19.07 10.14 2.99
C LEU B 368 18.59 11.54 3.40
N GLY B 369 17.31 11.79 3.67
CA GLY B 369 16.82 13.13 4.04
C GLY B 369 17.12 14.18 3.00
N GLY B 370 17.48 15.41 3.38
CA GLY B 370 17.75 16.46 2.42
C GLY B 370 18.76 16.05 1.40
N ASN B 371 19.83 15.38 1.83
CA ASN B 371 20.87 14.93 0.88
C ASN B 371 20.27 14.05 -0.23
N GLY B 372 19.25 13.27 0.10
CA GLY B 372 18.59 12.37 -0.84
C GLY B 372 17.80 13.13 -1.88
N TYR B 373 17.47 14.40 -1.60
CA TYR B 373 16.74 15.28 -2.54
C TYR B 373 17.69 16.01 -3.50
N THR B 374 18.98 15.70 -3.46
CA THR B 374 20.02 16.44 -4.20
C THR B 374 20.85 15.52 -5.08
N ASP B 375 21.56 16.12 -6.02
CA ASP B 375 22.43 15.41 -6.92
C ASP B 375 23.76 15.06 -6.28
N ALA B 376 23.97 15.42 -5.03
CA ALA B 376 25.17 15.03 -4.35
C ALA B 376 25.19 13.47 -4.17
N TYR B 377 24.03 12.85 -4.24
CA TYR B 377 23.83 11.40 -4.11
C TYR B 377 23.01 10.96 -5.32
N PRO B 378 23.03 9.65 -5.64
CA PRO B 378 22.36 9.20 -6.86
C PRO B 378 20.86 8.90 -6.75
N VAL B 379 20.30 8.93 -5.55
CA VAL B 379 18.97 8.33 -5.29
C VAL B 379 17.84 9.20 -5.86
N GLU B 380 17.99 10.52 -5.95
CA GLU B 380 16.95 11.34 -6.61
C GLU B 380 16.93 11.01 -8.12
N ARG B 381 18.10 10.74 -8.72
CA ARG B 381 18.15 10.28 -10.14
C ARG B 381 17.45 8.94 -10.23
N PHE B 382 17.75 8.00 -9.35
CA PHE B 382 17.08 6.69 -9.41
C PHE B 382 15.55 6.86 -9.27
N TYR B 383 15.09 7.78 -8.43
CA TYR B 383 13.64 8.04 -8.24
C TYR B 383 13.00 8.56 -9.57
N ARG B 384 13.60 9.52 -10.23
CA ARG B 384 13.17 10.03 -11.57
C ARG B 384 13.21 8.93 -12.64
N ASP B 385 14.25 8.11 -12.60
CA ASP B 385 14.47 7.02 -13.60
C ASP B 385 13.42 5.92 -13.42
N ALA B 386 13.05 5.59 -12.17
CA ALA B 386 12.21 4.43 -11.88
C ALA B 386 10.86 4.55 -12.57
N LYS B 387 10.31 5.76 -12.56
CA LYS B 387 9.02 5.99 -13.17
C LYS B 387 8.91 5.60 -14.66
N ALA B 388 10.02 5.68 -15.40
CA ALA B 388 9.99 5.31 -16.83
C ALA B 388 9.63 3.82 -16.97
N GLY B 389 10.03 2.99 -15.98
CA GLY B 389 9.73 1.55 -16.00
C GLY B 389 8.24 1.24 -15.90
N LYS B 390 7.43 2.15 -15.39
CA LYS B 390 5.95 1.94 -15.32
C LYS B 390 5.31 2.29 -16.68
N ILE B 391 6.04 2.93 -17.56
CA ILE B 391 5.45 3.49 -18.82
C ILE B 391 5.91 2.66 -20.01
N TYR B 392 7.20 2.53 -20.25
CA TYR B 392 7.66 1.79 -21.46
C TYR B 392 7.65 0.24 -21.30
N GLU B 393 7.63 -0.45 -22.45
CA GLU B 393 7.51 -1.93 -22.63
C GLU B 393 6.26 -2.46 -21.92
N GLY B 394 5.17 -1.75 -22.09
CA GLY B 394 3.89 -2.10 -21.46
C GLY B 394 3.66 -1.30 -20.20
N THR B 395 2.70 -0.37 -20.22
CA THR B 395 2.31 0.34 -18.99
C THR B 395 1.85 -0.71 -17.96
N SER B 396 1.75 -0.30 -16.69
CA SER B 396 1.18 -1.14 -15.61
C SER B 396 -0.17 -1.72 -16.03
N ASN B 397 -1.06 -0.89 -16.54
CA ASN B 397 -2.42 -1.38 -16.90
C ASN B 397 -2.33 -2.37 -18.06
N VAL B 398 -1.46 -2.14 -19.04
CA VAL B 398 -1.30 -3.06 -20.18
C VAL B 398 -0.77 -4.43 -19.69
N LEU B 399 0.16 -4.43 -18.75
CA LEU B 399 0.67 -5.70 -18.16
C LEU B 399 -0.47 -6.41 -17.42
N LEU B 400 -1.21 -5.69 -16.59
CA LEU B 400 -2.25 -6.34 -15.78
C LEU B 400 -3.36 -6.88 -16.70
N ARG B 401 -3.65 -6.17 -17.79
CA ARG B 401 -4.62 -6.59 -18.80
C ARG B 401 -4.20 -7.92 -19.40
N THR B 402 -2.94 -8.02 -19.76
CA THR B 402 -2.40 -9.23 -20.35
C THR B 402 -2.43 -10.40 -19.37
N ILE B 403 -1.93 -10.13 -18.19
CA ILE B 403 -1.89 -11.14 -17.17
C ILE B 403 -3.30 -11.66 -16.82
N ALA B 404 -4.23 -10.74 -16.59
CA ALA B 404 -5.59 -11.13 -16.21
C ALA B 404 -6.20 -11.95 -17.37
N SER B 405 -5.97 -11.51 -18.60
CA SER B 405 -6.57 -12.14 -19.79
C SER B 405 -6.12 -13.61 -19.88
N ILE B 406 -4.86 -13.90 -19.58
CA ILE B 406 -4.32 -15.28 -19.59
C ILE B 406 -5.02 -16.05 -18.45
N MET B 407 -5.24 -15.44 -17.29
CA MET B 407 -5.79 -16.11 -16.09
C MET B 407 -7.30 -16.36 -16.23
N ILE B 408 -8.08 -15.46 -16.78
CA ILE B 408 -9.57 -15.55 -16.79
C ILE B 408 -10.14 -15.83 -18.18
N GLY B 409 -9.32 -16.00 -19.23
CA GLY B 409 -9.84 -16.17 -20.61
C GLY B 409 -10.24 -14.81 -21.22
N GLY B 410 -10.43 -14.78 -22.54
CA GLY B 410 -10.77 -13.57 -23.32
C GLY B 410 -9.51 -12.88 -23.80
N SER B 411 -9.67 -11.75 -24.43
CA SER B 411 -8.55 -10.97 -24.85
C SER B 411 -8.49 -9.71 -23.99
N PRO B 412 -7.35 -9.05 -23.99
CA PRO B 412 -7.20 -7.80 -23.22
C PRO B 412 -8.29 -6.78 -23.55
N GLY B 413 -8.70 -6.72 -24.82
CA GLY B 413 -9.75 -5.79 -25.25
C GLY B 413 -11.11 -6.08 -24.63
N ASP B 414 -11.37 -7.28 -24.09
CA ASP B 414 -12.64 -7.56 -23.35
C ASP B 414 -12.65 -6.88 -21.97
N LEU B 415 -11.48 -6.45 -21.44
CA LEU B 415 -11.43 -5.92 -20.04
C LEU B 415 -11.65 -4.41 -20.08
N GLU B 416 -12.71 -3.88 -19.47
CA GLU B 416 -13.02 -2.40 -19.47
C GLU B 416 -12.72 -1.71 -18.11
N GLU C 40 9.50 -35.73 -11.16
CA GLU C 40 9.43 -36.42 -9.89
C GLU C 40 8.74 -35.52 -8.86
N ASN C 41 9.14 -34.26 -8.84
CA ASN C 41 8.54 -33.25 -7.93
C ASN C 41 7.20 -32.79 -8.47
N GLN C 42 7.00 -32.86 -9.79
CA GLN C 42 5.69 -32.55 -10.43
C GLN C 42 4.66 -33.66 -10.10
N ARG C 43 5.07 -34.91 -10.18
CA ARG C 43 4.20 -36.04 -9.81
C ARG C 43 3.86 -35.91 -8.30
N TRP C 44 4.84 -35.58 -7.47
CA TRP C 44 4.66 -35.48 -6.00
C TRP C 44 3.63 -34.37 -5.75
N ARG C 45 3.78 -33.23 -6.41
CA ARG C 45 2.85 -32.11 -6.22
C ARG C 45 1.45 -32.56 -6.58
N GLU C 46 1.28 -33.24 -7.73
CA GLU C 46 -0.05 -33.66 -8.19
C GLU C 46 -0.66 -34.70 -7.22
N ARG C 47 0.14 -35.57 -6.63
CA ARG C 47 -0.36 -36.58 -5.65
C ARG C 47 -0.91 -35.83 -4.41
N ILE C 48 -0.16 -34.86 -3.90
CA ILE C 48 -0.64 -34.11 -2.69
C ILE C 48 -1.86 -33.30 -3.08
N ARG C 49 -1.89 -32.68 -4.28
CA ARG C 49 -3.06 -31.90 -4.65
C ARG C 49 -4.29 -32.80 -4.71
N HIS C 50 -4.13 -33.98 -5.32
CA HIS C 50 -5.26 -34.94 -5.42
C HIS C 50 -5.68 -35.38 -4.00
N PHE C 51 -4.73 -35.66 -3.11
CA PHE C 51 -5.03 -36.01 -1.70
C PHE C 51 -5.84 -34.88 -1.03
N ALA C 52 -5.34 -33.65 -1.12
CA ALA C 52 -5.94 -32.48 -0.45
C ALA C 52 -7.36 -32.31 -0.98
N GLU C 53 -7.55 -32.35 -2.31
CA GLU C 53 -8.89 -32.06 -2.89
C GLU C 53 -9.87 -33.17 -2.50
N LYS C 54 -9.43 -34.41 -2.36
CA LYS C 54 -10.39 -35.52 -2.14
C LYS C 54 -10.58 -35.81 -0.65
N GLU C 55 -9.52 -35.81 0.17
CA GLU C 55 -9.53 -36.28 1.57
C GLU C 55 -9.66 -35.10 2.56
N ILE C 56 -9.19 -33.91 2.19
CA ILE C 56 -9.23 -32.74 3.15
C ILE C 56 -10.42 -31.84 2.86
N ALA C 57 -10.59 -31.39 1.63
CA ALA C 57 -11.58 -30.32 1.29
C ALA C 57 -12.97 -30.58 1.88
N PRO C 58 -13.52 -31.80 1.75
CA PRO C 58 -14.87 -32.07 2.26
C PRO C 58 -15.03 -31.90 3.77
N LEU C 59 -13.94 -31.94 4.55
CA LEU C 59 -13.94 -31.90 6.01
C LEU C 59 -13.53 -30.51 6.54
N SER C 60 -13.01 -29.59 5.71
CA SER C 60 -12.43 -28.28 6.15
C SER C 60 -13.42 -27.43 6.94
N THR C 61 -14.62 -27.26 6.45
CA THR C 61 -15.54 -26.42 7.16
C THR C 61 -15.82 -26.89 8.57
N THR C 62 -16.09 -28.18 8.73
CA THR C 62 -16.37 -28.75 10.02
C THR C 62 -15.14 -28.69 10.96
N MET C 63 -13.99 -29.09 10.45
CA MET C 63 -12.77 -29.01 11.26
C MET C 63 -12.54 -27.58 11.75
N ASP C 64 -12.80 -26.58 10.92
CA ASP C 64 -12.65 -25.15 11.26
C ASP C 64 -13.65 -24.81 12.36
N ARG C 65 -14.92 -25.07 12.14
CA ARG C 65 -15.96 -24.68 13.13
C ARG C 65 -15.70 -25.38 14.48
N THR C 66 -15.35 -26.66 14.50
CA THR C 66 -15.23 -27.44 15.77
C THR C 66 -13.79 -27.40 16.32
N ALA C 67 -12.82 -26.83 15.59
CA ALA C 67 -11.38 -26.85 15.97
C ALA C 67 -10.92 -28.30 16.21
N THR C 68 -11.23 -29.19 15.28
CA THR C 68 -10.85 -30.61 15.36
C THR C 68 -10.04 -31.04 14.12
N LEU C 69 -9.28 -32.11 14.30
CA LEU C 69 -8.68 -32.90 13.24
C LEU C 69 -9.51 -34.18 13.12
N ASP C 70 -10.11 -34.38 11.96
CA ASP C 70 -10.99 -35.56 11.69
C ASP C 70 -10.17 -36.85 11.87
N ALA C 71 -10.67 -37.85 12.62
CA ALA C 71 -9.94 -39.12 12.91
C ALA C 71 -9.65 -39.87 11.61
N GLY C 72 -10.57 -39.89 10.65
CA GLY C 72 -10.34 -40.57 9.36
C GLY C 72 -9.21 -39.89 8.58
N LEU C 73 -9.17 -38.56 8.57
CA LEU C 73 -8.11 -37.85 7.86
C LEU C 73 -6.79 -38.09 8.58
N ARG C 74 -6.81 -38.11 9.90
CA ARG C 74 -5.55 -38.31 10.64
C ARG C 74 -4.90 -39.60 10.13
N GLU C 75 -5.72 -40.65 10.03
CA GLU C 75 -5.18 -41.97 9.59
C GLU C 75 -4.63 -41.87 8.17
N ARG C 76 -5.33 -41.17 7.27
CA ARG C 76 -4.87 -41.00 5.89
C ARG C 76 -3.57 -40.18 5.80
N LEU C 77 -3.44 -39.15 6.64
CA LEU C 77 -2.21 -38.31 6.62
C LEU C 77 -0.97 -39.19 6.89
N PHE C 78 -1.02 -40.04 7.93
CA PHE C 78 0.04 -41.02 8.23
C PHE C 78 0.20 -42.03 7.08
N ALA C 79 -0.88 -42.66 6.62
CA ALA C 79 -0.77 -43.81 5.68
C ALA C 79 -0.23 -43.33 4.34
N GLU C 80 -0.58 -42.11 3.90
CA GLU C 80 -0.14 -41.60 2.57
C GLU C 80 1.19 -40.85 2.64
N GLY C 81 1.86 -40.84 3.78
CA GLY C 81 3.23 -40.34 3.90
C GLY C 81 3.33 -38.83 4.23
N LEU C 82 2.23 -38.11 4.44
CA LEU C 82 2.28 -36.62 4.66
C LEU C 82 2.89 -36.31 6.04
N MET C 83 2.95 -37.32 6.94
CA MET C 83 3.55 -37.15 8.29
C MET C 83 4.97 -37.69 8.32
N SER C 84 5.59 -37.99 7.17
CA SER C 84 6.96 -38.52 7.24
C SER C 84 7.77 -38.22 5.96
N VAL C 85 7.50 -37.07 5.34
CA VAL C 85 7.93 -36.79 3.96
C VAL C 85 9.45 -36.93 3.84
N GLU C 86 10.21 -36.40 4.79
CA GLU C 86 11.68 -36.38 4.67
C GLU C 86 12.29 -37.34 5.69
N ILE C 87 11.51 -38.04 6.50
CA ILE C 87 12.07 -39.03 7.46
C ILE C 87 12.58 -40.21 6.63
N PRO C 88 13.87 -40.58 6.73
CA PRO C 88 14.39 -41.69 5.93
C PRO C 88 13.59 -42.97 6.12
N ARG C 89 13.61 -43.82 5.10
CA ARG C 89 12.93 -45.15 5.17
C ARG C 89 13.55 -46.04 6.25
N GLY C 90 14.79 -45.80 6.64
CA GLY C 90 15.49 -46.48 7.76
C GLY C 90 14.74 -46.35 9.07
N TYR C 91 13.84 -45.36 9.21
CA TYR C 91 13.05 -45.19 10.45
C TYR C 91 11.61 -45.59 10.19
N GLY C 92 11.24 -45.90 8.97
CA GLY C 92 9.82 -46.08 8.65
C GLY C 92 9.21 -44.93 7.88
N GLY C 93 10.01 -43.97 7.45
CA GLY C 93 9.50 -42.75 6.78
C GLY C 93 9.34 -42.91 5.29
N THR C 94 8.99 -41.82 4.63
CA THR C 94 8.76 -41.75 3.17
C THR C 94 10.12 -41.71 2.47
N GLY C 95 11.17 -41.17 3.07
CA GLY C 95 12.47 -41.07 2.40
C GLY C 95 12.49 -40.03 1.27
N GLY C 96 11.64 -39.01 1.33
CA GLY C 96 11.66 -37.91 0.33
C GLY C 96 12.60 -36.77 0.72
N THR C 97 12.47 -35.63 0.06
CA THR C 97 13.43 -34.49 0.17
C THR C 97 12.74 -33.31 0.90
N LEU C 98 13.55 -32.33 1.31
CA LEU C 98 13.07 -31.03 1.83
C LEU C 98 12.14 -30.42 0.80
N CYS C 99 12.53 -30.37 -0.47
CA CYS C 99 11.68 -29.80 -1.55
C CYS C 99 10.29 -30.47 -1.56
N GLN C 100 10.19 -31.80 -1.43
CA GLN C 100 8.88 -32.49 -1.43
C GLN C 100 8.09 -32.13 -0.16
N LEU C 101 8.75 -31.98 0.97
CA LEU C 101 8.05 -31.58 2.22
C LEU C 101 7.48 -30.15 2.02
N ILE C 102 8.27 -29.21 1.51
CA ILE C 102 7.78 -27.84 1.21
C ILE C 102 6.59 -27.88 0.23
N LEU C 103 6.62 -28.69 -0.83
CA LEU C 103 5.49 -28.82 -1.75
C LEU C 103 4.30 -29.40 -1.03
N THR C 104 4.51 -30.34 -0.11
CA THR C 104 3.41 -30.98 0.62
C THR C 104 2.67 -29.92 1.43
N ILE C 105 3.41 -29.09 2.17
CA ILE C 105 2.81 -28.01 2.99
C ILE C 105 2.01 -27.06 2.09
N GLU C 106 2.59 -26.66 0.98
CA GLU C 106 1.98 -25.73 -0.01
C GLU C 106 0.66 -26.30 -0.51
N GLU C 107 0.66 -27.56 -0.94
CA GLU C 107 -0.55 -28.12 -1.58
C GLU C 107 -1.60 -28.42 -0.53
N VAL C 108 -1.21 -28.76 0.69
CA VAL C 108 -2.23 -28.94 1.76
C VAL C 108 -2.85 -27.56 2.05
N ALA C 109 -2.03 -26.51 2.20
CA ALA C 109 -2.49 -25.16 2.63
C ALA C 109 -3.37 -24.56 1.54
N ARG C 110 -3.20 -24.96 0.27
CA ARG C 110 -4.06 -24.47 -0.81
C ARG C 110 -5.54 -24.85 -0.57
N VAL C 111 -5.80 -25.93 0.17
CA VAL C 111 -7.16 -26.36 0.57
C VAL C 111 -7.43 -26.00 2.03
N ASP C 112 -6.45 -26.22 2.91
CA ASP C 112 -6.67 -26.11 4.36
C ASP C 112 -5.41 -25.68 5.10
N PRO C 113 -5.21 -24.36 5.26
CA PRO C 113 -4.09 -23.84 6.05
C PRO C 113 -4.04 -24.40 7.47
N GLY C 114 -5.17 -24.68 8.10
CA GLY C 114 -5.19 -25.21 9.48
C GLY C 114 -4.60 -26.63 9.56
N VAL C 115 -4.97 -27.50 8.66
CA VAL C 115 -4.37 -28.87 8.57
C VAL C 115 -2.91 -28.71 8.23
N ALA C 116 -2.55 -27.74 7.40
CA ALA C 116 -1.15 -27.51 7.05
C ALA C 116 -0.31 -27.13 8.28
N VAL C 117 -0.87 -26.40 9.25
CA VAL C 117 -0.11 -26.10 10.51
C VAL C 117 0.36 -27.42 11.13
N GLY C 118 -0.54 -28.40 11.32
CA GLY C 118 -0.21 -29.70 11.97
C GLY C 118 0.88 -30.43 11.20
N VAL C 119 0.75 -30.49 9.90
CA VAL C 119 1.77 -31.14 9.03
C VAL C 119 3.13 -30.47 9.17
N HIS C 120 3.14 -29.12 9.14
CA HIS C 120 4.37 -28.32 9.27
C HIS C 120 5.01 -28.52 10.63
N VAL C 121 4.28 -28.37 11.70
CA VAL C 121 4.88 -28.52 13.06
C VAL C 121 5.48 -29.94 13.19
N HIS C 122 4.70 -30.95 12.84
CA HIS C 122 5.08 -32.37 12.96
C HIS C 122 6.36 -32.64 12.15
N ASN C 123 6.35 -32.37 10.85
CA ASN C 123 7.47 -32.68 9.94
C ASN C 123 8.65 -31.74 10.19
N VAL C 124 8.41 -30.42 10.14
CA VAL C 124 9.55 -29.45 10.16
C VAL C 124 10.06 -29.25 11.58
N LEU C 125 9.24 -28.82 12.53
CA LEU C 125 9.70 -28.40 13.87
C LEU C 125 10.04 -29.61 14.74
N VAL C 126 9.31 -30.73 14.64
CA VAL C 126 9.60 -31.86 15.58
C VAL C 126 10.47 -32.90 14.85
N ALA C 127 9.96 -33.65 13.87
CA ALA C 127 10.74 -34.72 13.18
C ALA C 127 12.03 -34.12 12.61
N GLY C 128 11.95 -32.96 11.94
CA GLY C 128 13.10 -32.38 11.23
C GLY C 128 14.18 -31.90 12.17
N THR C 129 13.81 -31.43 13.36
CA THR C 129 14.75 -31.03 14.42
C THR C 129 15.44 -32.29 14.99
N LEU C 130 14.69 -33.35 15.27
CA LEU C 130 15.31 -34.62 15.79
C LEU C 130 16.27 -35.15 14.76
N LEU C 131 15.90 -35.14 13.48
CA LEU C 131 16.70 -35.67 12.36
C LEU C 131 18.03 -34.92 12.28
N ARG C 132 18.00 -33.62 12.55
CA ARG C 132 19.20 -32.74 12.37
C ARG C 132 19.99 -32.63 13.66
N HIS C 133 19.42 -32.80 14.83
CA HIS C 133 20.10 -32.38 16.09
C HIS C 133 20.03 -33.41 17.19
N ALA C 134 19.21 -34.47 17.08
CA ALA C 134 19.11 -35.42 18.20
C ALA C 134 20.19 -36.51 18.08
N SER C 135 20.41 -37.27 19.12
CA SER C 135 21.41 -38.38 19.09
C SER C 135 20.86 -39.55 18.24
N GLY C 136 21.73 -40.47 17.83
CA GLY C 136 21.32 -41.72 17.16
C GLY C 136 20.23 -42.40 17.92
N ASP C 137 20.39 -42.58 19.22
CA ASP C 137 19.43 -43.36 20.04
C ASP C 137 18.08 -42.67 20.00
N GLN C 138 18.05 -41.33 20.08
CA GLN C 138 16.78 -40.57 20.13
C GLN C 138 16.13 -40.63 18.74
N ARG C 139 16.89 -40.53 17.66
CA ARG C 139 16.34 -40.63 16.30
C ARG C 139 15.64 -41.99 16.17
N ARG C 140 16.33 -43.05 16.59
CA ARG C 140 15.82 -44.43 16.43
C ARG C 140 14.64 -44.63 17.36
N GLN C 141 14.61 -43.97 18.50
CA GLN C 141 13.51 -44.20 19.45
C GLN C 141 12.25 -43.47 18.94
N TYR C 142 12.37 -42.26 18.40
CA TYR C 142 11.20 -41.36 18.19
C TYR C 142 10.82 -41.23 16.72
N LEU C 143 11.74 -41.24 15.77
CA LEU C 143 11.35 -41.03 14.37
C LEU C 143 10.40 -42.12 13.88
N PRO C 144 10.56 -43.41 14.27
CA PRO C 144 9.64 -44.45 13.75
C PRO C 144 8.21 -44.24 14.24
N GLN C 145 8.06 -43.67 15.44
CA GLN C 145 6.74 -43.33 16.03
C GLN C 145 6.12 -42.14 15.26
N LEU C 146 6.90 -41.09 15.09
CA LEU C 146 6.46 -39.85 14.38
C LEU C 146 6.14 -40.17 12.92
N ALA C 147 6.83 -41.12 12.31
CA ALA C 147 6.52 -41.50 10.92
C ALA C 147 5.18 -42.23 10.78
N THR C 148 4.72 -42.96 11.78
CA THR C 148 3.66 -44.00 11.58
C THR C 148 2.39 -43.72 12.35
N GLY C 149 2.41 -43.03 13.48
CA GLY C 149 1.13 -42.78 14.16
C GLY C 149 1.13 -41.78 15.31
N LYS C 150 2.25 -41.17 15.68
CA LYS C 150 2.30 -40.31 16.86
C LYS C 150 2.55 -38.87 16.34
N ILE C 151 1.65 -37.95 16.66
CA ILE C 151 1.75 -36.54 16.22
C ILE C 151 2.73 -35.79 17.14
N GLY C 152 3.68 -35.08 16.55
CA GLY C 152 4.58 -34.18 17.26
C GLY C 152 4.01 -32.76 17.31
N ALA C 153 4.17 -32.10 18.46
CA ALA C 153 3.92 -30.66 18.63
C ALA C 153 5.13 -30.00 19.30
N PHE C 154 5.22 -28.68 19.17
CA PHE C 154 6.43 -27.89 19.49
C PHE C 154 6.03 -26.84 20.53
N ALA C 155 6.55 -26.95 21.76
CA ALA C 155 6.06 -26.15 22.89
C ALA C 155 7.20 -25.31 23.44
N LEU C 156 7.39 -24.13 22.86
CA LEU C 156 8.43 -23.16 23.25
C LEU C 156 7.77 -21.99 23.98
N SER C 157 6.84 -21.29 23.31
CA SER C 157 6.28 -20.02 23.82
C SER C 157 5.62 -20.20 25.19
N GLU C 158 5.54 -19.10 25.94
CA GLU C 158 4.79 -18.95 27.18
C GLU C 158 4.16 -17.54 27.23
N GLU C 159 3.38 -17.28 28.26
CA GLU C 159 2.72 -15.97 28.50
C GLU C 159 3.74 -14.86 28.39
N GLN C 160 4.91 -14.99 29.04
CA GLN C 160 5.92 -13.89 29.06
C GLN C 160 7.06 -14.17 28.09
N ALA C 161 7.00 -15.23 27.28
CA ALA C 161 8.06 -15.54 26.29
C ALA C 161 7.42 -15.71 24.90
N GLY C 162 7.23 -14.61 24.19
CA GLY C 162 6.62 -14.59 22.84
C GLY C 162 7.72 -14.26 21.86
N SER C 163 7.81 -13.01 21.46
CA SER C 163 8.87 -12.58 20.61
C SER C 163 10.22 -12.79 21.33
N ASP C 164 10.26 -12.58 22.64
CA ASP C 164 11.44 -12.79 23.51
C ASP C 164 11.30 -14.26 23.87
N ALA C 165 11.66 -15.11 22.91
CA ALA C 165 11.22 -16.52 22.91
C ALA C 165 11.91 -17.27 24.07
N PHE C 166 13.07 -16.80 24.53
CA PHE C 166 13.88 -17.57 25.52
C PHE C 166 13.78 -16.97 26.91
N ALA C 167 12.83 -16.06 27.18
CA ALA C 167 12.52 -15.55 28.54
C ALA C 167 11.61 -16.55 29.27
N LEU C 168 11.99 -17.84 29.24
CA LEU C 168 11.15 -18.98 29.76
C LEU C 168 11.07 -18.99 31.28
N THR C 169 9.95 -19.42 31.85
CA THR C 169 9.82 -19.68 33.29
C THR C 169 9.55 -21.18 33.55
N THR C 170 9.21 -22.00 32.57
CA THR C 170 9.05 -23.48 32.81
C THR C 170 10.45 -24.02 33.24
N VAL C 171 10.47 -24.82 34.28
CA VAL C 171 11.77 -25.39 34.78
C VAL C 171 11.80 -26.94 34.68
N ALA C 172 13.01 -27.45 34.43
CA ALA C 172 13.42 -28.87 34.56
C ALA C 172 14.47 -28.93 35.67
N ARG C 173 14.06 -29.47 36.81
CA ARG C 173 14.88 -29.64 38.02
C ARG C 173 15.37 -31.09 38.06
N GLN C 174 16.68 -31.27 38.08
CA GLN C 174 17.32 -32.62 38.15
C GLN C 174 16.80 -33.39 39.37
N ASP C 175 16.62 -34.70 39.18
CA ASP C 175 16.41 -35.74 40.21
C ASP C 175 17.44 -36.85 39.93
N GLU C 176 17.19 -38.05 40.45
CA GLU C 176 18.12 -39.20 40.33
C GLU C 176 18.15 -39.70 38.87
N GLY C 177 17.01 -39.76 38.16
CA GLY C 177 16.90 -40.45 36.85
C GLY C 177 16.83 -39.48 35.66
N GLY C 178 16.88 -38.16 35.93
CA GLY C 178 16.78 -37.12 34.90
C GLY C 178 16.23 -35.83 35.49
N TYR C 179 14.96 -35.48 35.23
CA TYR C 179 14.40 -34.15 35.61
C TYR C 179 12.92 -34.26 35.92
N LEU C 180 12.42 -33.29 36.71
CA LEU C 180 10.97 -33.08 36.89
C LEU C 180 10.61 -31.72 36.24
N LEU C 181 9.60 -31.70 35.37
CA LEU C 181 9.21 -30.46 34.64
C LEU C 181 8.04 -29.80 35.34
N THR C 182 8.15 -28.49 35.57
CA THR C 182 7.02 -27.72 36.13
C THR C 182 6.89 -26.39 35.38
N GLY C 183 5.70 -26.13 34.83
CA GLY C 183 5.42 -24.82 34.22
C GLY C 183 4.26 -24.91 33.26
N ARG C 184 4.12 -23.89 32.43
CA ARG C 184 2.97 -23.71 31.58
C ARG C 184 3.46 -23.20 30.24
N LYS C 185 3.09 -23.89 29.17
CA LYS C 185 3.44 -23.44 27.81
C LYS C 185 2.16 -22.79 27.24
N ARG C 186 2.31 -21.86 26.34
CA ARG C 186 1.16 -21.18 25.71
C ARG C 186 1.34 -21.28 24.20
N TRP C 187 0.25 -21.29 23.44
CA TRP C 187 0.24 -21.31 21.98
C TRP C 187 0.74 -22.61 21.30
N THR C 188 0.57 -23.73 21.95
CA THR C 188 0.98 -25.00 21.40
C THR C 188 0.02 -25.51 20.29
N SER C 189 0.36 -25.28 19.05
CA SER C 189 -0.49 -25.69 17.91
C SER C 189 -0.65 -27.23 17.95
N ASN C 190 -1.85 -27.70 17.64
CA ASN C 190 -2.17 -29.14 17.48
C ASN C 190 -2.01 -29.89 18.80
N ALA C 191 -1.95 -29.19 19.94
CA ALA C 191 -1.64 -29.84 21.26
C ALA C 191 -2.72 -30.89 21.54
N ARG C 192 -4.00 -30.59 21.27
CA ARG C 192 -5.08 -31.55 21.62
C ARG C 192 -5.03 -32.82 20.77
N ASN C 193 -4.25 -32.84 19.70
CA ASN C 193 -4.05 -34.01 18.81
C ASN C 193 -2.65 -34.65 19.01
N ALA C 194 -1.78 -34.04 19.80
CA ALA C 194 -0.37 -34.44 19.86
C ALA C 194 -0.17 -35.66 20.79
N ASP C 195 0.81 -36.48 20.44
CA ASP C 195 1.27 -37.62 21.26
C ASP C 195 2.66 -37.34 21.84
N LEU C 196 3.50 -36.58 21.15
CA LEU C 196 4.87 -36.28 21.56
C LEU C 196 5.00 -34.75 21.51
N LEU C 197 5.64 -34.17 22.52
CA LEU C 197 5.93 -32.73 22.62
C LEU C 197 7.44 -32.49 22.62
N LEU C 198 7.93 -31.57 21.80
CA LEU C 198 9.30 -31.06 21.94
C LEU C 198 9.19 -29.81 22.82
N VAL C 199 9.60 -29.92 24.06
CA VAL C 199 9.30 -28.91 25.12
C VAL C 199 10.58 -28.20 25.49
N PHE C 200 10.53 -26.87 25.71
CA PHE C 200 11.72 -26.07 26.10
C PHE C 200 11.52 -25.61 27.54
N ALA C 201 12.56 -25.80 28.35
CA ALA C 201 12.53 -25.49 29.79
C ALA C 201 13.94 -25.09 30.27
N LEU C 202 13.98 -24.38 31.39
CA LEU C 202 15.26 -23.94 32.00
C LEU C 202 15.79 -25.16 32.77
N ALA C 203 16.91 -25.75 32.35
CA ALA C 203 17.42 -26.98 33.01
C ALA C 203 18.44 -26.55 34.05
N ASP C 204 18.10 -26.67 35.33
CA ASP C 204 19.04 -26.39 36.45
C ASP C 204 19.46 -24.93 36.30
N ALA C 205 20.77 -24.66 36.18
CA ALA C 205 21.31 -23.30 35.94
C ALA C 205 21.86 -23.19 34.53
N GLY C 206 21.62 -24.21 33.67
CA GLY C 206 22.22 -24.32 32.33
C GLY C 206 21.50 -23.46 31.30
N GLY C 207 20.31 -22.96 31.61
CA GLY C 207 19.52 -22.15 30.65
C GLY C 207 18.57 -23.02 29.82
N PRO C 208 18.05 -22.46 28.70
CA PRO C 208 17.00 -23.12 27.92
C PRO C 208 17.49 -24.46 27.35
N THR C 209 16.62 -25.47 27.49
CA THR C 209 16.93 -26.89 27.16
C THR C 209 15.70 -27.54 26.50
N ALA C 210 15.96 -28.41 25.52
CA ALA C 210 14.93 -29.17 24.75
C ALA C 210 14.75 -30.59 25.30
N PHE C 211 13.52 -31.03 25.47
CA PHE C 211 13.10 -32.38 25.92
C PHE C 211 12.03 -32.95 24.98
N VAL C 212 12.08 -34.26 24.72
CA VAL C 212 10.93 -34.99 24.12
C VAL C 212 10.09 -35.53 25.24
N VAL C 213 8.83 -35.11 25.31
CA VAL C 213 7.91 -35.54 26.37
C VAL C 213 6.66 -36.10 25.71
N PRO C 214 6.26 -37.33 26.09
CA PRO C 214 4.91 -37.81 25.75
C PRO C 214 3.78 -36.99 26.35
N ALA C 215 2.76 -36.73 25.54
CA ALA C 215 1.63 -35.86 25.97
C ALA C 215 0.85 -36.55 27.10
N ASP C 216 1.01 -37.84 27.29
CA ASP C 216 0.24 -38.60 28.29
C ASP C 216 1.17 -38.92 29.47
N ALA C 217 2.35 -38.31 29.55
CA ALA C 217 3.27 -38.46 30.70
C ALA C 217 2.58 -37.97 31.96
N PRO C 218 2.96 -38.50 33.15
CA PRO C 218 2.38 -38.02 34.41
C PRO C 218 2.49 -36.49 34.52
N GLY C 219 1.43 -35.87 34.99
CA GLY C 219 1.42 -34.44 35.36
C GLY C 219 1.22 -33.50 34.15
N VAL C 220 1.03 -34.06 32.96
CA VAL C 220 0.84 -33.25 31.71
C VAL C 220 -0.66 -33.06 31.55
N SER C 221 -1.11 -31.82 31.34
CA SER C 221 -2.53 -31.59 31.03
C SER C 221 -2.66 -30.40 30.04
N LEU C 222 -3.80 -30.29 29.41
CA LEU C 222 -4.04 -29.22 28.42
C LEU C 222 -5.05 -28.24 28.99
N ASP C 223 -4.97 -26.98 28.57
CA ASP C 223 -6.07 -25.99 28.83
C ASP C 223 -6.27 -25.25 27.49
N ASP C 224 -7.36 -25.49 26.79
CA ASP C 224 -7.58 -24.88 25.44
C ASP C 224 -7.56 -23.35 25.58
N ARG C 225 -8.12 -22.86 26.70
CA ARG C 225 -8.01 -21.50 27.25
C ARG C 225 -8.89 -20.51 26.44
N VAL C 226 -8.78 -20.46 25.13
CA VAL C 226 -9.38 -19.37 24.31
C VAL C 226 -9.86 -19.93 22.98
N GLU C 227 -10.69 -19.18 22.27
CA GLU C 227 -11.03 -19.45 20.85
C GLU C 227 -10.07 -18.65 20.00
N GLN C 228 -9.41 -19.26 19.00
CA GLN C 228 -8.55 -18.51 18.07
C GLN C 228 -9.33 -18.26 16.76
N MET C 229 -8.88 -17.26 15.99
CA MET C 229 -9.66 -16.77 14.82
C MET C 229 -9.61 -17.80 13.67
N GLY C 230 -8.43 -18.38 13.42
CA GLY C 230 -8.22 -19.29 12.28
C GLY C 230 -7.20 -20.36 12.56
N VAL C 231 -6.69 -21.00 11.52
CA VAL C 231 -5.93 -22.28 11.58
C VAL C 231 -6.47 -23.15 12.72
N ARG C 232 -7.80 -23.23 12.81
CA ARG C 232 -8.49 -23.89 13.94
C ARG C 232 -8.36 -25.42 13.87
N ALA C 233 -8.17 -26.02 12.69
CA ALA C 233 -7.98 -27.49 12.58
C ALA C 233 -6.81 -27.89 13.48
N ALA C 234 -5.87 -26.98 13.74
CA ALA C 234 -4.70 -27.25 14.60
C ALA C 234 -4.65 -26.25 15.73
N ALA C 235 -5.81 -25.87 16.24
CA ALA C 235 -5.94 -24.88 17.32
C ALA C 235 -4.91 -25.13 18.46
N THR C 236 -4.49 -24.05 19.09
CA THR C 236 -3.55 -24.06 20.23
C THR C 236 -4.27 -24.54 21.50
N SER C 237 -3.46 -24.97 22.45
CA SER C 237 -3.82 -25.07 23.88
C SER C 237 -2.62 -24.61 24.69
N ASP C 238 -2.89 -24.24 25.93
CA ASP C 238 -1.80 -24.22 26.93
C ASP C 238 -1.43 -25.67 27.25
N VAL C 239 -0.15 -25.93 27.53
CA VAL C 239 0.30 -27.25 28.06
C VAL C 239 0.88 -27.04 29.47
N ILE C 240 0.33 -27.72 30.45
CA ILE C 240 0.70 -27.58 31.89
C ILE C 240 1.51 -28.82 32.30
N PHE C 241 2.68 -28.59 32.89
CA PHE C 241 3.54 -29.65 33.48
C PHE C 241 3.50 -29.47 34.99
N ASP C 242 3.05 -30.49 35.72
CA ASP C 242 3.03 -30.47 37.20
C ASP C 242 3.91 -31.63 37.72
N GLY C 243 5.20 -31.41 37.87
CA GLY C 243 6.13 -32.44 38.35
C GLY C 243 6.23 -33.58 37.37
N THR C 244 6.32 -33.27 36.06
CA THR C 244 6.36 -34.27 34.97
C THR C 244 7.73 -34.93 34.95
N PRO C 245 7.84 -36.27 35.17
CA PRO C 245 9.15 -36.89 35.11
C PRO C 245 9.64 -37.13 33.68
N VAL C 246 10.90 -36.84 33.45
CA VAL C 246 11.54 -37.13 32.16
C VAL C 246 12.92 -37.70 32.50
N ARG C 247 13.39 -38.64 31.70
CA ARG C 247 14.72 -39.29 31.82
C ARG C 247 15.73 -38.42 31.11
N THR C 248 17.01 -38.51 31.48
CA THR C 248 18.10 -37.80 30.80
C THR C 248 18.09 -38.11 29.31
N ALA C 249 17.75 -39.34 28.91
CA ALA C 249 17.76 -39.78 27.49
C ALA C 249 16.71 -38.97 26.66
N GLN C 250 15.78 -38.29 27.32
CA GLN C 250 14.74 -37.45 26.63
C GLN C 250 15.23 -36.03 26.41
N ARG C 251 16.38 -35.64 26.95
CA ARG C 251 16.99 -34.30 26.70
C ARG C 251 17.69 -34.26 25.35
N VAL C 252 17.27 -33.36 24.47
CA VAL C 252 17.83 -33.22 23.11
C VAL C 252 18.91 -32.14 23.16
N GLY C 253 20.15 -32.51 22.93
CA GLY C 253 21.34 -31.66 23.13
C GLY C 253 21.67 -31.50 24.61
N PRO C 254 22.74 -30.72 24.96
CA PRO C 254 23.10 -30.50 26.37
C PRO C 254 22.15 -29.50 27.03
N PRO C 255 22.20 -29.38 28.38
CA PRO C 255 21.64 -28.22 29.09
C PRO C 255 22.17 -26.90 28.50
N GLY C 256 21.30 -25.92 28.26
CA GLY C 256 21.67 -24.66 27.59
C GLY C 256 21.69 -24.79 26.10
N GLY C 257 21.41 -26.00 25.57
CA GLY C 257 21.44 -26.21 24.12
C GLY C 257 20.11 -25.91 23.46
N GLY C 258 19.08 -25.49 24.22
CA GLY C 258 17.71 -25.21 23.73
C GLY C 258 17.70 -24.20 22.62
N GLN C 259 18.44 -23.09 22.75
CA GLN C 259 18.41 -22.02 21.71
C GLN C 259 19.06 -22.57 20.47
N THR C 260 20.16 -23.32 20.60
CA THR C 260 20.74 -24.00 19.42
C THR C 260 19.70 -24.93 18.82
N VAL C 261 19.01 -25.74 19.63
CA VAL C 261 18.00 -26.68 19.06
C VAL C 261 16.86 -25.87 18.39
N ALA C 262 16.30 -24.85 19.04
CA ALA C 262 15.19 -24.04 18.46
C ALA C 262 15.68 -23.19 17.30
N LEU C 263 16.66 -22.32 17.55
CA LEU C 263 17.18 -21.43 16.47
C LEU C 263 17.62 -22.29 15.26
N SER C 264 18.03 -23.53 15.46
CA SER C 264 18.62 -24.35 14.36
C SER C 264 17.53 -24.78 13.37
N GLY C 265 16.27 -24.91 13.78
CA GLY C 265 15.16 -25.18 12.84
C GLY C 265 14.34 -23.92 12.55
N LEU C 266 14.82 -22.73 12.94
CA LEU C 266 14.08 -21.44 12.76
C LEU C 266 13.92 -21.18 11.27
N GLY C 267 15.05 -21.28 10.52
CA GLY C 267 15.17 -21.16 9.06
C GLY C 267 14.20 -22.05 8.33
N LEU C 268 14.32 -23.38 8.47
CA LEU C 268 13.41 -24.35 7.82
C LEU C 268 11.96 -24.08 8.31
N GLY C 269 11.72 -23.71 9.56
CA GLY C 269 10.36 -23.36 10.07
C GLY C 269 9.78 -22.17 9.28
N ARG C 270 10.60 -21.17 9.00
CA ARG C 270 10.16 -19.99 8.21
C ARG C 270 9.84 -20.41 6.78
N LEU C 271 10.64 -21.31 6.19
CA LEU C 271 10.35 -21.78 4.84
C LEU C 271 9.02 -22.54 4.84
N GLY C 272 8.78 -23.38 5.83
CA GLY C 272 7.51 -24.12 5.91
C GLY C 272 6.33 -23.19 5.99
N ILE C 273 6.43 -22.11 6.77
CA ILE C 273 5.29 -21.15 6.82
C ILE C 273 5.22 -20.34 5.52
N ALA C 274 6.35 -20.04 4.86
CA ALA C 274 6.32 -19.39 3.55
C ALA C 274 5.54 -20.29 2.58
N ALA C 275 5.73 -21.61 2.67
CA ALA C 275 5.01 -22.58 1.81
C ALA C 275 3.52 -22.57 2.16
N GLN C 276 3.19 -22.55 3.45
CA GLN C 276 1.78 -22.48 3.89
C GLN C 276 1.08 -21.21 3.34
N MET C 277 1.78 -20.10 3.37
CA MET C 277 1.22 -18.81 2.91
C MET C 277 1.08 -18.78 1.38
N THR C 278 2.07 -19.30 0.65
CA THR C 278 2.07 -19.40 -0.80
C THR C 278 0.89 -20.29 -1.22
N GLY C 279 0.72 -21.42 -0.55
CA GLY C 279 -0.40 -22.32 -0.88
C GLY C 279 -1.73 -21.67 -0.57
N LEU C 280 -1.89 -21.07 0.60
CA LEU C 280 -3.12 -20.31 0.93
C LEU C 280 -3.42 -19.26 -0.17
N ALA C 281 -2.43 -18.45 -0.56
CA ALA C 281 -2.63 -17.40 -1.57
C ALA C 281 -3.15 -18.03 -2.85
N GLN C 282 -2.55 -19.16 -3.24
CA GLN C 282 -2.96 -19.87 -4.46
C GLN C 282 -4.41 -20.33 -4.34
N GLY C 283 -4.82 -20.89 -3.20
CA GLY C 283 -6.19 -21.35 -3.03
C GLY C 283 -7.17 -20.18 -3.08
N ALA C 284 -6.80 -19.05 -2.49
CA ALA C 284 -7.63 -17.83 -2.55
C ALA C 284 -7.77 -17.36 -4.02
N LEU C 285 -6.67 -17.28 -4.74
CA LEU C 285 -6.67 -16.83 -6.15
C LEU C 285 -7.48 -17.82 -7.00
N ASP C 286 -7.35 -19.13 -6.77
CA ASP C 286 -8.13 -20.13 -7.54
C ASP C 286 -9.62 -19.88 -7.33
N ALA C 287 -10.06 -19.70 -6.09
CA ALA C 287 -11.49 -19.44 -5.79
C ALA C 287 -11.93 -18.14 -6.49
N ALA C 288 -11.17 -17.06 -6.39
CA ALA C 288 -11.61 -15.75 -6.92
C ALA C 288 -11.65 -15.78 -8.44
N THR C 289 -10.62 -16.37 -9.08
CA THR C 289 -10.52 -16.44 -10.55
C THR C 289 -11.72 -17.24 -11.07
N GLY C 290 -11.97 -18.41 -10.48
CA GLY C 290 -13.09 -19.31 -10.83
C GLY C 290 -14.42 -18.60 -10.74
N TYR C 291 -14.63 -17.89 -9.64
CA TYR C 291 -15.91 -17.21 -9.35
C TYR C 291 -16.11 -16.04 -10.34
N SER C 292 -15.06 -15.28 -10.61
CA SER C 292 -15.15 -14.09 -11.48
C SER C 292 -15.62 -14.48 -12.89
N ARG C 293 -15.29 -15.70 -13.32
CA ARG C 293 -15.68 -16.21 -14.65
C ARG C 293 -17.15 -16.55 -14.69
N VAL C 294 -17.83 -16.82 -13.58
CA VAL C 294 -19.23 -17.34 -13.63
C VAL C 294 -20.23 -16.37 -13.01
N ARG C 295 -19.83 -15.51 -12.08
CA ARG C 295 -20.76 -14.56 -11.45
C ARG C 295 -21.09 -13.43 -12.41
N GLU C 296 -22.37 -13.23 -12.70
CA GLU C 296 -22.83 -12.13 -13.58
C GLU C 296 -23.64 -11.11 -12.77
N GLN C 297 -23.38 -9.83 -13.00
CA GLN C 297 -24.22 -8.70 -12.57
C GLN C 297 -24.27 -7.72 -13.74
N PHE C 298 -25.37 -7.00 -13.90
CA PHE C 298 -25.52 -5.99 -15.00
C PHE C 298 -25.41 -6.73 -16.35
N GLY C 299 -25.75 -8.02 -16.41
CA GLY C 299 -25.84 -8.77 -17.67
C GLY C 299 -24.51 -9.32 -18.17
N GLY C 300 -23.43 -9.34 -17.37
CA GLY C 300 -22.21 -10.02 -17.82
C GLY C 300 -21.29 -10.40 -16.67
N ARG C 301 -20.25 -11.16 -16.97
CA ARG C 301 -19.41 -11.75 -15.91
C ARG C 301 -18.64 -10.60 -15.26
N ILE C 302 -18.36 -10.74 -13.98
CA ILE C 302 -17.68 -9.65 -13.23
C ILE C 302 -16.22 -9.58 -13.65
N ALA C 303 -15.62 -10.67 -14.13
CA ALA C 303 -14.23 -10.68 -14.66
C ALA C 303 -13.98 -9.65 -15.78
N ASP C 304 -14.99 -9.17 -16.49
CA ASP C 304 -14.75 -8.24 -17.62
C ASP C 304 -14.57 -6.80 -17.13
N HIS C 305 -14.70 -6.53 -15.85
CA HIS C 305 -14.38 -5.20 -15.29
C HIS C 305 -12.89 -5.18 -14.88
N GLN C 306 -12.16 -4.13 -15.23
CA GLN C 306 -10.73 -4.00 -14.81
C GLN C 306 -10.66 -3.94 -13.29
N GLY C 307 -11.66 -3.36 -12.66
CA GLY C 307 -11.74 -3.29 -11.19
C GLY C 307 -11.70 -4.64 -10.53
N VAL C 308 -12.21 -5.67 -11.18
CA VAL C 308 -12.20 -7.05 -10.64
C VAL C 308 -10.94 -7.79 -11.14
N ALA C 309 -10.62 -7.68 -12.42
CA ALA C 309 -9.52 -8.44 -13.06
C ALA C 309 -8.16 -7.94 -12.58
N PHE C 310 -7.95 -6.62 -12.42
CA PHE C 310 -6.60 -6.11 -12.15
C PHE C 310 -6.11 -6.58 -10.78
N PRO C 311 -6.93 -6.53 -9.71
CA PRO C 311 -6.46 -7.00 -8.40
C PRO C 311 -6.07 -8.47 -8.44
N LEU C 312 -6.73 -9.24 -9.30
CA LEU C 312 -6.36 -10.67 -9.39
C LEU C 312 -5.01 -10.82 -10.07
N ALA C 313 -4.79 -10.08 -11.14
CA ALA C 313 -3.49 -10.10 -11.86
C ALA C 313 -2.36 -9.59 -10.94
N ASP C 314 -2.61 -8.54 -10.14
CA ASP C 314 -1.63 -7.98 -9.18
C ASP C 314 -1.24 -9.07 -8.17
N VAL C 315 -2.24 -9.74 -7.59
CA VAL C 315 -1.99 -10.85 -6.62
C VAL C 315 -1.21 -11.96 -7.28
N ALA C 316 -1.59 -12.34 -8.49
CA ALA C 316 -0.95 -13.42 -9.26
C ALA C 316 0.54 -13.10 -9.44
N SER C 317 0.84 -11.86 -9.82
CA SER C 317 2.23 -11.40 -10.06
C SER C 317 3.03 -11.50 -8.75
N ARG C 318 2.52 -10.95 -7.68
CA ARG C 318 3.26 -10.95 -6.40
C ARG C 318 3.44 -12.39 -5.92
N LEU C 319 2.41 -13.25 -6.11
CA LEU C 319 2.48 -14.66 -5.68
C LEU C 319 3.57 -15.37 -6.50
N ALA C 320 3.68 -15.10 -7.81
CA ALA C 320 4.76 -15.74 -8.62
C ALA C 320 6.12 -15.35 -8.04
N ALA C 321 6.30 -14.12 -7.57
CA ALA C 321 7.57 -13.65 -6.98
C ALA C 321 7.79 -14.31 -5.62
N ALA C 322 6.76 -14.40 -4.77
CA ALA C 322 6.90 -15.07 -3.46
C ALA C 322 7.28 -16.54 -3.65
N ARG C 323 6.62 -17.25 -4.55
CA ARG C 323 6.92 -18.67 -4.86
C ARG C 323 8.37 -18.82 -5.37
N ALA C 324 8.80 -17.96 -6.30
CA ALA C 324 10.17 -18.01 -6.83
C ALA C 324 11.17 -17.86 -5.68
N LEU C 325 10.95 -16.91 -4.78
CA LEU C 325 11.86 -16.69 -3.65
C LEU C 325 11.88 -17.90 -2.70
N LEU C 326 10.70 -18.43 -2.37
CA LEU C 326 10.62 -19.63 -1.53
C LEU C 326 11.47 -20.77 -2.16
N TYR C 327 11.25 -21.12 -3.40
CA TYR C 327 11.92 -22.25 -4.05
C TYR C 327 13.44 -22.03 -4.20
N ARG C 328 13.83 -20.77 -4.41
CA ARG C 328 15.25 -20.38 -4.43
C ARG C 328 15.88 -20.65 -3.07
N ALA C 329 15.19 -20.32 -1.99
CA ALA C 329 15.68 -20.49 -0.62
C ALA C 329 15.80 -21.98 -0.31
N VAL C 330 14.80 -22.75 -0.69
CA VAL C 330 14.80 -24.24 -0.54
C VAL C 330 15.95 -24.86 -1.35
N ASP C 331 16.13 -24.43 -2.61
CA ASP C 331 17.17 -24.99 -3.52
C ASP C 331 18.56 -24.75 -2.90
N LEU C 332 18.79 -23.66 -2.15
CA LEU C 332 20.11 -23.39 -1.54
C LEU C 332 20.39 -24.19 -0.25
N HIS C 333 19.45 -24.96 0.28
CA HIS C 333 19.69 -25.96 1.36
C HIS C 333 20.43 -27.19 0.79
N GLY C 334 21.20 -27.88 1.64
CA GLY C 334 21.95 -29.10 1.27
C GLY C 334 23.13 -28.84 0.34
N ARG C 335 23.75 -27.66 0.43
CA ARG C 335 24.85 -27.23 -0.49
C ARG C 335 26.00 -26.53 0.26
N GLY C 336 26.11 -26.65 1.59
CA GLY C 336 27.04 -25.81 2.38
C GLY C 336 26.95 -24.32 2.05
N THR C 337 25.80 -23.80 1.59
CA THR C 337 25.52 -22.33 1.53
C THR C 337 25.79 -21.73 2.92
N ASP C 338 26.35 -20.54 2.99
CA ASP C 338 26.59 -19.79 4.25
C ASP C 338 25.31 -19.76 5.08
N PRO C 339 25.33 -20.21 6.36
CA PRO C 339 24.13 -20.24 7.20
C PRO C 339 23.42 -18.88 7.37
N VAL C 340 24.18 -17.78 7.41
CA VAL C 340 23.62 -16.40 7.55
C VAL C 340 22.73 -16.08 6.34
N GLU C 341 23.19 -16.37 5.13
CA GLU C 341 22.47 -16.21 3.86
C GLU C 341 21.20 -17.07 3.90
N LEU C 342 21.26 -18.30 4.40
CA LEU C 342 20.07 -19.19 4.50
C LEU C 342 19.05 -18.55 5.45
N MET C 343 19.51 -17.97 6.56
CA MET C 343 18.62 -17.33 7.55
C MET C 343 17.98 -16.08 6.90
N ARG C 344 18.78 -15.27 6.20
CA ARG C 344 18.32 -14.04 5.53
C ARG C 344 17.22 -14.46 4.55
N LEU C 345 17.47 -15.45 3.70
CA LEU C 345 16.51 -15.81 2.61
C LEU C 345 15.24 -16.39 3.23
N ALA C 346 15.33 -17.17 4.31
CA ALA C 346 14.10 -17.75 4.91
C ALA C 346 13.24 -16.65 5.51
N ALA C 347 13.83 -15.67 6.24
CA ALA C 347 13.04 -14.59 6.87
C ALA C 347 12.37 -13.75 5.75
N MET C 348 13.11 -13.46 4.69
CA MET C 348 12.57 -12.71 3.52
C MET C 348 11.43 -13.51 2.88
N ALA C 349 11.59 -14.83 2.64
CA ALA C 349 10.57 -15.65 1.96
C ALA C 349 9.30 -15.67 2.80
N LYS C 350 9.43 -15.78 4.10
CA LYS C 350 8.21 -15.85 4.97
C LYS C 350 7.56 -14.46 4.97
N TYR C 351 8.36 -13.40 5.07
CA TYR C 351 7.80 -12.01 5.13
C TYR C 351 6.99 -11.72 3.86
N VAL C 352 7.61 -11.94 2.71
CA VAL C 352 6.97 -11.71 1.40
C VAL C 352 5.74 -12.62 1.26
N ALA C 353 5.87 -13.92 1.53
CA ALA C 353 4.73 -14.86 1.36
C ALA C 353 3.52 -14.52 2.29
N SER C 354 3.76 -14.07 3.51
CA SER C 354 2.71 -13.69 4.49
C SER C 354 1.95 -12.49 3.96
N GLU C 355 2.68 -11.54 3.38
CA GLU C 355 2.05 -10.31 2.81
C GLU C 355 1.18 -10.70 1.63
N VAL C 356 1.67 -11.54 0.73
CA VAL C 356 0.90 -11.96 -0.47
C VAL C 356 -0.35 -12.74 -0.01
N ALA C 357 -0.22 -13.64 0.97
CA ALA C 357 -1.37 -14.42 1.48
C ALA C 357 -2.44 -13.45 1.99
N GLU C 358 -2.07 -12.40 2.71
CA GLU C 358 -3.09 -11.46 3.29
C GLU C 358 -3.79 -10.74 2.13
N ARG C 359 -3.03 -10.27 1.16
CA ARG C 359 -3.57 -9.54 -0.01
C ARG C 359 -4.45 -10.46 -0.83
N ALA C 360 -4.00 -11.70 -1.10
CA ALA C 360 -4.77 -12.71 -1.88
C ALA C 360 -6.10 -12.99 -1.19
N ALA C 361 -6.11 -13.30 0.08
CA ALA C 361 -7.35 -13.67 0.80
C ALA C 361 -8.30 -12.46 0.82
N SER C 362 -7.78 -11.26 1.04
CA SER C 362 -8.56 -9.99 1.10
C SER C 362 -9.26 -9.73 -0.25
N VAL C 363 -8.49 -9.82 -1.35
CA VAL C 363 -9.03 -9.65 -2.71
C VAL C 363 -10.05 -10.75 -2.96
N ALA C 364 -9.78 -11.98 -2.54
CA ALA C 364 -10.69 -13.10 -2.82
C ALA C 364 -12.02 -12.90 -2.09
N VAL C 365 -12.00 -12.46 -0.83
CA VAL C 365 -13.26 -12.18 -0.11
C VAL C 365 -14.06 -11.13 -0.90
N GLU C 366 -13.43 -10.04 -1.29
CA GLU C 366 -14.11 -8.93 -1.97
C GLU C 366 -14.54 -9.35 -3.39
N THR C 367 -13.79 -10.18 -4.09
CA THR C 367 -14.19 -10.63 -5.45
C THR C 367 -15.51 -11.39 -5.36
N LEU C 368 -15.72 -12.17 -4.30
CA LEU C 368 -16.91 -13.03 -4.17
C LEU C 368 -18.06 -12.22 -3.56
N GLY C 369 -17.85 -10.98 -3.10
CA GLY C 369 -18.92 -10.18 -2.50
C GLY C 369 -19.50 -10.83 -1.26
N GLY C 370 -20.83 -10.73 -1.06
CA GLY C 370 -21.50 -11.35 0.09
C GLY C 370 -21.10 -12.80 0.28
N ASN C 371 -21.13 -13.59 -0.81
CA ASN C 371 -20.72 -15.01 -0.78
C ASN C 371 -19.33 -15.15 -0.14
N GLY C 372 -18.44 -14.21 -0.38
CA GLY C 372 -17.06 -14.31 0.12
C GLY C 372 -17.01 -14.16 1.63
N TYR C 373 -18.03 -13.53 2.22
CA TYR C 373 -18.12 -13.26 3.67
C TYR C 373 -18.72 -14.46 4.39
N THR C 374 -18.98 -15.57 3.68
CA THR C 374 -19.70 -16.72 4.25
C THR C 374 -18.95 -18.03 4.10
N ASP C 375 -19.36 -19.02 4.90
CA ASP C 375 -18.72 -20.37 4.86
C ASP C 375 -19.24 -21.23 3.69
N ALA C 376 -20.08 -20.72 2.78
CA ALA C 376 -20.41 -21.45 1.54
C ALA C 376 -19.19 -21.45 0.59
N TYR C 377 -18.20 -20.59 0.79
CA TYR C 377 -16.93 -20.55 0.02
C TYR C 377 -15.80 -20.60 1.04
N PRO C 378 -14.59 -21.04 0.65
CA PRO C 378 -13.49 -21.15 1.59
C PRO C 378 -12.71 -19.87 1.90
N VAL C 379 -13.01 -18.76 1.20
CA VAL C 379 -12.07 -17.59 1.21
C VAL C 379 -12.13 -16.84 2.55
N GLU C 380 -13.27 -16.82 3.27
CA GLU C 380 -13.30 -16.13 4.59
C GLU C 380 -12.41 -16.94 5.57
N ARG C 381 -12.43 -18.26 5.50
CA ARG C 381 -11.52 -19.12 6.30
C ARG C 381 -10.06 -18.80 5.90
N PHE C 382 -9.75 -18.68 4.61
CA PHE C 382 -8.38 -18.29 4.19
C PHE C 382 -7.97 -16.93 4.80
N TYR C 383 -8.91 -15.99 4.81
CA TYR C 383 -8.64 -14.64 5.38
C TYR C 383 -8.31 -14.74 6.89
N ARG C 384 -9.13 -15.49 7.66
CA ARG C 384 -8.87 -15.77 9.10
C ARG C 384 -7.55 -16.50 9.30
N ASP C 385 -7.29 -17.49 8.44
CA ASP C 385 -6.07 -18.29 8.54
C ASP C 385 -4.82 -17.45 8.22
N ALA C 386 -4.90 -16.57 7.21
CA ALA C 386 -3.70 -15.85 6.71
C ALA C 386 -3.05 -15.07 7.84
N LYS C 387 -3.84 -14.49 8.74
CA LYS C 387 -3.27 -13.56 9.75
C LYS C 387 -2.36 -14.34 10.72
N ALA C 388 -2.57 -15.63 10.89
CA ALA C 388 -1.71 -16.42 11.80
C ALA C 388 -0.28 -16.41 11.28
N GLY C 389 -0.12 -16.31 9.97
CA GLY C 389 1.22 -16.33 9.36
C GLY C 389 2.02 -15.07 9.64
N LYS C 390 1.39 -13.99 10.06
CA LYS C 390 2.12 -12.77 10.46
C LYS C 390 2.61 -12.87 11.92
N ILE C 391 2.19 -13.90 12.64
CA ILE C 391 2.40 -13.98 14.12
C ILE C 391 3.38 -15.09 14.47
N TYR C 392 3.12 -16.30 14.02
CA TYR C 392 4.01 -17.44 14.36
C TYR C 392 5.26 -17.54 13.50
N GLU C 393 6.27 -18.29 13.99
CA GLU C 393 7.61 -18.49 13.35
C GLU C 393 8.26 -17.13 13.07
N GLY C 394 8.07 -16.17 13.99
CA GLY C 394 8.64 -14.82 13.82
C GLY C 394 7.54 -13.85 13.38
N THR C 395 7.17 -12.92 14.25
CA THR C 395 6.25 -11.83 13.81
C THR C 395 6.93 -11.05 12.68
N SER C 396 6.14 -10.24 11.96
CA SER C 396 6.64 -9.31 10.92
C SER C 396 7.81 -8.49 11.45
N ASN C 397 7.65 -7.86 12.60
CA ASN C 397 8.71 -7.00 13.17
C ASN C 397 9.98 -7.81 13.49
N VAL C 398 9.84 -9.01 14.08
CA VAL C 398 10.98 -9.93 14.36
C VAL C 398 11.68 -10.28 13.06
N LEU C 399 10.94 -10.59 11.97
CA LEU C 399 11.59 -10.88 10.67
C LEU C 399 12.34 -9.62 10.18
N LEU C 400 11.70 -8.44 10.23
CA LEU C 400 12.36 -7.25 9.66
C LEU C 400 13.61 -6.95 10.49
N ARG C 401 13.54 -7.12 11.80
CA ARG C 401 14.72 -6.89 12.69
C ARG C 401 15.86 -7.84 12.33
N THR C 402 15.56 -9.10 12.07
CA THR C 402 16.59 -10.10 11.65
C THR C 402 17.20 -9.70 10.31
N ILE C 403 16.37 -9.43 9.31
CA ILE C 403 16.84 -9.03 7.96
C ILE C 403 17.72 -7.76 8.08
N ALA C 404 17.26 -6.74 8.82
CA ALA C 404 18.01 -5.46 8.94
C ALA C 404 19.35 -5.73 9.65
N SER C 405 19.35 -6.56 10.68
CA SER C 405 20.57 -6.89 11.44
C SER C 405 21.61 -7.52 10.50
N ILE C 406 21.19 -8.46 9.67
CA ILE C 406 22.11 -9.12 8.70
C ILE C 406 22.59 -8.08 7.70
N MET C 407 21.69 -7.29 7.12
CA MET C 407 22.07 -6.39 6.08
C MET C 407 22.85 -5.16 6.44
N ILE C 408 22.56 -4.59 7.57
CA ILE C 408 23.22 -3.40 7.99
C ILE C 408 24.45 -3.67 8.85
N GLU D 40 -23.60 19.97 23.70
CA GLU D 40 -24.72 19.08 23.56
C GLU D 40 -24.36 17.74 22.91
N ASN D 41 -23.60 17.79 21.84
CA ASN D 41 -23.19 16.60 21.15
C ASN D 41 -22.04 15.88 21.87
N GLN D 42 -21.29 16.63 22.65
CA GLN D 42 -20.21 16.06 23.51
C GLN D 42 -20.88 15.22 24.62
N ARG D 43 -21.94 15.74 25.23
CA ARG D 43 -22.72 14.97 26.22
C ARG D 43 -23.38 13.75 25.53
N TRP D 44 -23.92 13.92 24.33
CA TRP D 44 -24.58 12.82 23.59
C TRP D 44 -23.53 11.71 23.35
N ARG D 45 -22.35 12.07 22.87
CA ARG D 45 -21.31 11.07 22.55
C ARG D 45 -20.92 10.34 23.83
N GLU D 46 -20.74 11.06 24.92
CA GLU D 46 -20.34 10.46 26.21
C GLU D 46 -21.45 9.52 26.73
N ARG D 47 -22.69 9.92 26.56
CA ARG D 47 -23.81 9.06 26.99
C ARG D 47 -23.81 7.73 26.20
N ILE D 48 -23.64 7.78 24.87
CA ILE D 48 -23.61 6.51 24.08
C ILE D 48 -22.36 5.70 24.46
N ARG D 49 -21.23 6.35 24.66
CA ARG D 49 -20.00 5.61 24.99
C ARG D 49 -20.20 4.88 26.32
N HIS D 50 -20.81 5.57 27.28
CA HIS D 50 -21.05 4.95 28.61
C HIS D 50 -22.00 3.78 28.44
N PHE D 51 -23.07 3.95 27.67
CA PHE D 51 -24.03 2.87 27.38
C PHE D 51 -23.30 1.67 26.74
N ALA D 52 -22.50 1.92 25.70
CA ALA D 52 -21.84 0.82 24.95
C ALA D 52 -20.89 0.06 25.89
N GLU D 53 -20.13 0.81 26.67
CA GLU D 53 -19.09 0.21 27.57
C GLU D 53 -19.79 -0.60 28.67
N LYS D 54 -20.89 -0.09 29.23
CA LYS D 54 -21.62 -0.77 30.32
C LYS D 54 -22.53 -1.90 29.81
N GLU D 55 -23.33 -1.68 28.76
CA GLU D 55 -24.44 -2.60 28.39
C GLU D 55 -24.11 -3.53 27.23
N ILE D 56 -23.20 -3.16 26.34
CA ILE D 56 -22.88 -3.99 25.14
C ILE D 56 -21.62 -4.79 25.40
N ALA D 57 -20.53 -4.16 25.79
CA ALA D 57 -19.20 -4.80 25.83
C ALA D 57 -19.19 -6.16 26.54
N PRO D 58 -19.85 -6.34 27.70
CA PRO D 58 -19.79 -7.64 28.41
C PRO D 58 -20.52 -8.75 27.66
N LEU D 59 -21.37 -8.42 26.67
CA LEU D 59 -22.14 -9.41 25.91
C LEU D 59 -21.55 -9.68 24.52
N SER D 60 -20.61 -8.84 24.04
CA SER D 60 -20.18 -8.89 22.61
C SER D 60 -19.63 -10.26 22.21
N THR D 61 -18.80 -10.88 23.03
CA THR D 61 -18.15 -12.17 22.64
C THR D 61 -19.23 -13.22 22.45
N THR D 62 -20.21 -13.34 23.37
CA THR D 62 -21.30 -14.34 23.24
C THR D 62 -22.23 -14.02 22.09
N MET D 63 -22.60 -12.76 21.92
CA MET D 63 -23.45 -12.38 20.74
C MET D 63 -22.73 -12.77 19.44
N ASP D 64 -21.42 -12.56 19.36
CA ASP D 64 -20.66 -12.88 18.12
C ASP D 64 -20.66 -14.41 17.92
N ARG D 65 -20.30 -15.19 18.94
CA ARG D 65 -20.12 -16.66 18.77
C ARG D 65 -21.49 -17.25 18.42
N THR D 66 -22.57 -16.80 19.05
CA THR D 66 -23.91 -17.43 18.85
C THR D 66 -24.70 -16.73 17.73
N ALA D 67 -24.23 -15.60 17.20
CA ALA D 67 -25.00 -14.79 16.22
C ALA D 67 -26.39 -14.40 16.77
N THR D 68 -26.42 -13.85 17.97
CA THR D 68 -27.67 -13.48 18.68
C THR D 68 -27.59 -12.03 19.16
N LEU D 69 -28.75 -11.40 19.27
CA LEU D 69 -28.90 -10.14 19.99
C LEU D 69 -29.47 -10.48 21.38
N ASP D 70 -28.71 -10.20 22.42
CA ASP D 70 -29.17 -10.45 23.82
C ASP D 70 -30.52 -9.76 24.05
N ALA D 71 -31.48 -10.44 24.67
CA ALA D 71 -32.85 -9.90 24.97
C ALA D 71 -32.78 -8.72 25.94
N GLY D 72 -31.94 -8.79 26.97
CA GLY D 72 -31.73 -7.69 27.92
C GLY D 72 -31.21 -6.46 27.20
N LEU D 73 -30.21 -6.63 26.32
CA LEU D 73 -29.64 -5.50 25.57
C LEU D 73 -30.71 -4.92 24.62
N ARG D 74 -31.48 -5.77 23.97
CA ARG D 74 -32.53 -5.29 23.04
C ARG D 74 -33.45 -4.34 23.81
N GLU D 75 -33.88 -4.69 25.03
CA GLU D 75 -34.82 -3.81 25.77
C GLU D 75 -34.10 -2.52 26.08
N ARG D 76 -32.83 -2.57 26.42
CA ARG D 76 -32.07 -1.37 26.73
C ARG D 76 -31.88 -0.44 25.51
N LEU D 77 -31.62 -1.03 24.35
CA LEU D 77 -31.48 -0.24 23.10
C LEU D 77 -32.74 0.61 22.87
N PHE D 78 -33.93 0.01 23.03
CA PHE D 78 -35.23 0.74 22.86
C PHE D 78 -35.42 1.77 23.96
N ALA D 79 -35.24 1.37 25.21
CA ALA D 79 -35.46 2.21 26.42
C ALA D 79 -34.57 3.46 26.37
N GLU D 80 -33.30 3.35 25.95
CA GLU D 80 -32.40 4.52 25.98
C GLU D 80 -32.45 5.33 24.69
N GLY D 81 -33.34 5.06 23.74
CA GLY D 81 -33.51 5.93 22.57
C GLY D 81 -32.59 5.57 21.39
N LEU D 82 -31.80 4.50 21.47
CA LEU D 82 -30.82 4.17 20.37
C LEU D 82 -31.58 3.66 19.15
N MET D 83 -32.85 3.28 19.31
CA MET D 83 -33.69 2.80 18.20
C MET D 83 -34.63 3.86 17.70
N SER D 84 -34.46 5.12 18.09
CA SER D 84 -35.39 6.18 17.61
C SER D 84 -34.69 7.53 17.50
N VAL D 85 -33.38 7.56 17.20
CA VAL D 85 -32.57 8.78 17.40
C VAL D 85 -33.14 9.96 16.63
N GLU D 86 -33.53 9.81 15.38
CA GLU D 86 -34.03 10.95 14.59
C GLU D 86 -35.57 10.86 14.41
N ILE D 87 -36.23 9.81 14.88
CA ILE D 87 -37.71 9.70 14.80
C ILE D 87 -38.27 10.89 15.61
N PRO D 88 -39.08 11.76 15.01
CA PRO D 88 -39.60 12.94 15.73
C PRO D 88 -40.35 12.56 17.03
N ARG D 89 -40.35 13.47 17.99
CA ARG D 89 -41.03 13.28 19.31
C ARG D 89 -42.54 13.05 19.15
N GLY D 90 -43.11 13.60 18.08
CA GLY D 90 -44.53 13.46 17.69
C GLY D 90 -44.91 12.01 17.45
N TYR D 91 -43.95 11.13 17.11
CA TYR D 91 -44.21 9.70 16.87
C TYR D 91 -43.69 8.90 18.04
N GLY D 92 -43.33 9.54 19.13
CA GLY D 92 -42.78 8.80 20.28
C GLY D 92 -41.28 8.59 20.19
N GLY D 93 -40.59 9.26 19.26
CA GLY D 93 -39.13 9.09 19.12
C GLY D 93 -38.32 10.07 19.96
N THR D 94 -37.01 10.08 19.74
CA THR D 94 -36.07 10.96 20.49
C THR D 94 -36.11 12.35 19.86
N GLY D 95 -36.39 12.52 18.57
CA GLY D 95 -36.41 13.87 17.99
C GLY D 95 -35.01 14.48 17.79
N GLY D 96 -33.99 13.65 17.67
CA GLY D 96 -32.61 14.15 17.52
C GLY D 96 -32.22 14.38 16.07
N THR D 97 -30.92 14.65 15.87
CA THR D 97 -30.36 15.13 14.59
C THR D 97 -29.62 13.98 13.88
N LEU D 98 -29.34 14.19 12.62
CA LEU D 98 -28.47 13.29 11.84
C LEU D 98 -27.14 13.20 12.57
N CYS D 99 -26.62 14.31 13.02
CA CYS D 99 -25.31 14.31 13.72
C CYS D 99 -25.38 13.35 14.91
N GLN D 100 -26.48 13.37 15.68
CA GLN D 100 -26.61 12.48 16.84
C GLN D 100 -26.75 11.02 16.41
N LEU D 101 -27.44 10.73 15.34
CA LEU D 101 -27.57 9.33 14.84
C LEU D 101 -26.15 8.83 14.44
N ILE D 102 -25.36 9.68 13.77
CA ILE D 102 -23.99 9.29 13.33
C ILE D 102 -23.10 9.00 14.54
N LEU D 103 -23.15 9.85 15.56
CA LEU D 103 -22.35 9.65 16.78
C LEU D 103 -22.81 8.38 17.48
N THR D 104 -24.12 8.09 17.45
CA THR D 104 -24.68 6.86 18.05
C THR D 104 -24.06 5.62 17.37
N ILE D 105 -24.11 5.57 16.06
CA ILE D 105 -23.54 4.40 15.29
C ILE D 105 -22.03 4.29 15.59
N GLU D 106 -21.31 5.40 15.57
CA GLU D 106 -19.84 5.45 15.81
C GLU D 106 -19.52 4.92 17.20
N GLU D 107 -20.24 5.34 18.25
CA GLU D 107 -19.86 4.95 19.62
C GLU D 107 -20.27 3.49 19.86
N VAL D 108 -21.37 3.04 19.27
CA VAL D 108 -21.77 1.63 19.39
C VAL D 108 -20.69 0.78 18.69
N ALA D 109 -20.30 1.14 17.46
CA ALA D 109 -19.35 0.33 16.65
C ALA D 109 -17.96 0.25 17.31
N ARG D 110 -17.57 1.25 18.10
CA ARG D 110 -16.29 1.25 18.82
C ARG D 110 -16.20 0.05 19.77
N VAL D 111 -17.37 -0.43 20.20
CA VAL D 111 -17.47 -1.63 21.08
C VAL D 111 -17.94 -2.84 20.27
N ASP D 112 -18.96 -2.67 19.41
CA ASP D 112 -19.64 -3.80 18.75
C ASP D 112 -20.18 -3.35 17.40
N PRO D 113 -19.34 -3.47 16.34
CA PRO D 113 -19.80 -3.22 14.96
C PRO D 113 -21.04 -4.06 14.58
N GLY D 114 -21.20 -5.27 15.15
CA GLY D 114 -22.35 -6.15 14.80
C GLY D 114 -23.67 -5.57 15.29
N VAL D 115 -23.69 -5.15 16.54
CA VAL D 115 -24.85 -4.44 17.14
C VAL D 115 -25.09 -3.16 16.33
N ALA D 116 -24.04 -2.46 15.93
CA ALA D 116 -24.17 -1.21 15.15
C ALA D 116 -24.90 -1.44 13.83
N VAL D 117 -24.72 -2.57 13.16
CA VAL D 117 -25.45 -2.89 11.90
C VAL D 117 -26.94 -2.82 12.17
N GLY D 118 -27.42 -3.47 13.24
CA GLY D 118 -28.88 -3.47 13.52
C GLY D 118 -29.40 -2.09 13.83
N VAL D 119 -28.66 -1.29 14.61
CA VAL D 119 -29.01 0.11 14.92
C VAL D 119 -29.06 0.93 13.63
N HIS D 120 -28.06 0.78 12.76
CA HIS D 120 -28.02 1.49 11.47
C HIS D 120 -29.22 1.15 10.56
N VAL D 121 -29.44 -0.13 10.31
CA VAL D 121 -30.51 -0.60 9.40
C VAL D 121 -31.85 -0.06 9.93
N HIS D 122 -32.07 -0.22 11.23
CA HIS D 122 -33.38 0.15 11.84
C HIS D 122 -33.59 1.65 11.69
N ASN D 123 -32.61 2.44 12.13
CA ASN D 123 -32.73 3.91 12.16
C ASN D 123 -32.69 4.50 10.76
N VAL D 124 -31.68 4.16 9.96
CA VAL D 124 -31.36 4.93 8.73
C VAL D 124 -32.21 4.34 7.61
N LEU D 125 -32.13 3.04 7.38
CA LEU D 125 -32.72 2.42 6.18
C LEU D 125 -34.22 2.20 6.37
N VAL D 126 -34.71 1.87 7.58
CA VAL D 126 -36.16 1.53 7.69
C VAL D 126 -36.90 2.78 8.17
N ALA D 127 -36.62 3.25 9.38
CA ALA D 127 -37.35 4.41 9.97
C ALA D 127 -37.10 5.64 9.11
N GLY D 128 -35.86 5.90 8.72
CA GLY D 128 -35.47 7.06 7.89
C GLY D 128 -36.20 7.07 6.56
N THR D 129 -36.33 5.93 5.92
CA THR D 129 -37.01 5.80 4.62
C THR D 129 -38.53 6.06 4.78
N LEU D 130 -39.13 5.48 5.81
CA LEU D 130 -40.60 5.69 6.06
C LEU D 130 -40.82 7.17 6.34
N LEU D 131 -39.96 7.80 7.10
CA LEU D 131 -40.09 9.23 7.39
C LEU D 131 -40.08 10.04 6.08
N ARG D 132 -39.28 9.63 5.11
CA ARG D 132 -39.13 10.35 3.89
C ARG D 132 -40.11 9.99 2.78
N HIS D 133 -40.66 8.80 2.81
CA HIS D 133 -41.53 8.36 1.77
C HIS D 133 -42.88 7.83 2.12
N ALA D 134 -43.13 7.47 3.36
CA ALA D 134 -44.40 6.89 3.69
C ALA D 134 -45.53 7.90 3.84
N SER D 135 -46.76 7.46 3.70
CA SER D 135 -47.94 8.36 3.90
C SER D 135 -48.07 8.73 5.39
N GLY D 136 -48.86 9.77 5.68
CA GLY D 136 -49.35 10.11 7.03
C GLY D 136 -49.79 8.89 7.81
N ASP D 137 -50.66 8.08 7.24
CA ASP D 137 -51.23 6.90 7.92
C ASP D 137 -50.12 5.88 8.20
N GLN D 138 -49.25 5.60 7.23
CA GLN D 138 -48.14 4.62 7.41
C GLN D 138 -47.19 5.13 8.50
N ARG D 139 -46.88 6.41 8.49
CA ARG D 139 -45.92 6.99 9.46
C ARG D 139 -46.52 6.85 10.87
N ARG D 140 -47.82 7.16 11.01
CA ARG D 140 -48.51 7.08 12.34
C ARG D 140 -48.59 5.62 12.76
N GLN D 141 -48.71 4.71 11.81
CA GLN D 141 -48.80 3.31 12.17
C GLN D 141 -47.41 2.79 12.57
N TYR D 142 -46.39 2.94 11.73
CA TYR D 142 -45.12 2.19 11.88
C TYR D 142 -44.06 2.96 12.68
N LEU D 143 -43.97 4.28 12.63
CA LEU D 143 -42.87 4.96 13.33
C LEU D 143 -42.93 4.80 14.84
N PRO D 144 -44.13 4.88 15.49
CA PRO D 144 -44.19 4.66 16.93
C PRO D 144 -43.77 3.25 17.34
N GLN D 145 -44.11 2.26 16.51
CA GLN D 145 -43.75 0.85 16.73
C GLN D 145 -42.23 0.69 16.65
N LEU D 146 -41.62 1.27 15.60
CA LEU D 146 -40.13 1.21 15.37
C LEU D 146 -39.43 1.96 16.50
N ALA D 147 -40.02 3.04 17.02
CA ALA D 147 -39.37 3.82 18.09
C ALA D 147 -39.29 3.03 19.40
N THR D 148 -40.23 2.13 19.67
CA THR D 148 -40.44 1.67 21.07
C THR D 148 -40.34 0.16 21.17
N GLY D 149 -40.35 -0.64 20.11
CA GLY D 149 -40.04 -2.05 20.37
C GLY D 149 -40.03 -2.97 19.19
N LYS D 150 -40.47 -2.53 18.02
CA LYS D 150 -40.43 -3.41 16.86
C LYS D 150 -39.10 -3.11 16.10
N ILE D 151 -38.33 -4.13 15.80
CA ILE D 151 -37.07 -3.97 15.01
C ILE D 151 -37.44 -3.98 13.52
N GLY D 152 -36.89 -3.04 12.78
CA GLY D 152 -37.01 -2.97 11.31
C GLY D 152 -35.75 -3.50 10.61
N ALA D 153 -35.96 -4.30 9.58
CA ALA D 153 -34.91 -4.83 8.68
C ALA D 153 -35.27 -4.44 7.24
N PHE D 154 -34.26 -4.44 6.39
CA PHE D 154 -34.31 -3.88 5.02
C PHE D 154 -34.03 -5.04 4.07
N ALA D 155 -35.01 -5.40 3.24
CA ALA D 155 -34.90 -6.63 2.43
C ALA D 155 -34.95 -6.26 0.95
N LEU D 156 -33.80 -5.91 0.38
CA LEU D 156 -33.67 -5.54 -1.07
C LEU D 156 -32.99 -6.66 -1.86
N SER D 157 -31.77 -7.02 -1.47
CA SER D 157 -30.89 -7.95 -2.21
C SER D 157 -31.52 -9.33 -2.43
N GLU D 158 -31.06 -10.01 -3.46
CA GLU D 158 -31.39 -11.41 -3.80
C GLU D 158 -30.14 -12.09 -4.35
N GLU D 159 -30.22 -13.40 -4.56
CA GLU D 159 -29.09 -14.17 -5.11
C GLU D 159 -28.56 -13.47 -6.36
N GLN D 160 -29.40 -13.05 -7.28
CA GLN D 160 -28.96 -12.49 -8.59
C GLN D 160 -29.07 -10.95 -8.60
N ALA D 161 -29.33 -10.34 -7.45
CA ALA D 161 -29.48 -8.87 -7.34
C ALA D 161 -28.63 -8.36 -6.17
N GLY D 162 -27.38 -8.10 -6.45
CA GLY D 162 -26.35 -7.70 -5.48
C GLY D 162 -25.98 -6.28 -5.76
N SER D 163 -24.88 -6.10 -6.47
CA SER D 163 -24.49 -4.74 -6.95
C SER D 163 -25.58 -4.27 -7.92
N ASP D 164 -26.13 -5.17 -8.72
CA ASP D 164 -27.22 -4.91 -9.70
C ASP D 164 -28.52 -5.05 -8.89
N ALA D 165 -28.66 -4.17 -7.93
CA ALA D 165 -29.69 -4.20 -6.92
C ALA D 165 -31.14 -4.35 -7.36
N PHE D 166 -31.44 -3.85 -8.52
CA PHE D 166 -32.81 -3.87 -8.96
C PHE D 166 -33.19 -4.95 -9.94
N ALA D 167 -32.32 -5.93 -10.11
CA ALA D 167 -32.60 -7.07 -10.96
C ALA D 167 -33.40 -8.09 -10.12
N LEU D 168 -34.49 -7.63 -9.53
CA LEU D 168 -35.33 -8.44 -8.61
C LEU D 168 -36.11 -9.50 -9.35
N THR D 169 -36.30 -10.66 -8.72
CA THR D 169 -37.26 -11.70 -9.16
C THR D 169 -38.38 -11.88 -8.11
N THR D 170 -38.30 -11.32 -6.90
CA THR D 170 -39.45 -11.39 -5.95
C THR D 170 -40.60 -10.60 -6.57
N VAL D 171 -41.81 -11.12 -6.52
CA VAL D 171 -42.99 -10.54 -7.25
C VAL D 171 -44.12 -10.28 -6.25
N ALA D 172 -44.74 -9.11 -6.39
CA ALA D 172 -46.03 -8.77 -5.72
C ALA D 172 -47.15 -8.83 -6.79
N ARG D 173 -47.91 -9.92 -6.79
CA ARG D 173 -49.01 -10.18 -7.76
C ARG D 173 -50.32 -9.57 -7.26
N GLN D 174 -50.95 -8.76 -8.08
CA GLN D 174 -52.19 -8.12 -7.69
C GLN D 174 -53.24 -9.11 -7.20
N ASP D 175 -53.98 -8.66 -6.23
CA ASP D 175 -55.06 -9.37 -5.56
C ASP D 175 -56.08 -8.33 -5.12
N GLY D 177 -57.60 -7.20 -2.08
CA GLY D 177 -57.19 -6.19 -1.07
C GLY D 177 -55.80 -5.56 -1.30
N GLY D 178 -55.02 -6.06 -2.27
CA GLY D 178 -53.64 -5.58 -2.53
C GLY D 178 -52.82 -6.59 -3.34
N TYR D 179 -52.01 -7.42 -2.66
CA TYR D 179 -50.97 -8.21 -3.38
C TYR D 179 -50.70 -9.50 -2.64
N LEU D 180 -50.16 -10.46 -3.39
CA LEU D 180 -49.59 -11.72 -2.89
C LEU D 180 -48.09 -11.67 -3.26
N LEU D 181 -47.23 -11.71 -2.27
CA LEU D 181 -45.79 -11.64 -2.48
C LEU D 181 -45.19 -13.00 -2.47
N THR D 182 -44.39 -13.28 -3.47
CA THR D 182 -43.71 -14.54 -3.57
C THR D 182 -42.27 -14.31 -4.04
N GLY D 183 -41.33 -14.87 -3.31
CA GLY D 183 -39.92 -14.73 -3.64
C GLY D 183 -38.97 -15.09 -2.52
N ARG D 184 -37.69 -14.78 -2.72
CA ARG D 184 -36.64 -15.05 -1.73
C ARG D 184 -35.72 -13.84 -1.68
N LYS D 185 -35.49 -13.27 -0.52
CA LYS D 185 -34.55 -12.20 -0.36
C LYS D 185 -33.30 -12.84 0.28
N ARG D 186 -32.14 -12.27 -0.01
CA ARG D 186 -30.88 -12.78 0.51
C ARG D 186 -30.18 -11.64 1.24
N TRP D 187 -29.36 -11.95 2.23
CA TRP D 187 -28.57 -11.02 3.00
C TRP D 187 -29.35 -10.04 3.91
N THR D 188 -30.50 -10.45 4.46
CA THR D 188 -31.27 -9.49 5.31
C THR D 188 -30.66 -9.46 6.70
N SER D 189 -29.90 -8.42 7.00
CA SER D 189 -29.26 -8.24 8.32
C SER D 189 -30.37 -8.14 9.39
N ASN D 190 -30.14 -8.81 10.51
CA ASN D 190 -30.98 -8.70 11.72
C ASN D 190 -32.35 -9.36 11.48
N ALA D 191 -32.53 -10.12 10.40
CA ALA D 191 -33.83 -10.74 10.04
C ALA D 191 -34.35 -11.59 11.21
N ARG D 192 -33.52 -12.37 11.88
CA ARG D 192 -34.00 -13.29 12.96
C ARG D 192 -34.43 -12.47 14.19
N ASN D 193 -34.18 -11.17 14.24
CA ASN D 193 -34.57 -10.28 15.35
C ASN D 193 -35.69 -9.34 14.90
N ALA D 194 -35.98 -9.27 13.62
CA ALA D 194 -36.86 -8.23 13.06
C ALA D 194 -38.35 -8.53 13.29
N ASP D 195 -39.13 -7.47 13.39
CA ASP D 195 -40.62 -7.50 13.50
C ASP D 195 -41.24 -6.89 12.25
N LEU D 196 -40.58 -5.91 11.65
CA LEU D 196 -41.09 -5.25 10.42
C LEU D 196 -39.98 -5.33 9.36
N LEU D 197 -40.35 -5.67 8.14
CA LEU D 197 -39.45 -5.77 6.96
C LEU D 197 -39.86 -4.73 5.94
N LEU D 198 -38.93 -3.89 5.51
CA LEU D 198 -39.11 -3.04 4.31
C LEU D 198 -38.64 -3.88 3.12
N VAL D 199 -39.58 -4.39 2.32
CA VAL D 199 -39.28 -5.37 1.25
C VAL D 199 -39.53 -4.74 -0.13
N PHE D 200 -38.67 -5.09 -1.08
CA PHE D 200 -38.74 -4.60 -2.47
C PHE D 200 -39.09 -5.79 -3.35
N ALA D 201 -40.09 -5.60 -4.20
CA ALA D 201 -40.58 -6.65 -5.10
C ALA D 201 -41.15 -6.01 -6.40
N LEU D 202 -41.19 -6.78 -7.48
CA LEU D 202 -41.78 -6.30 -8.76
C LEU D 202 -43.31 -6.40 -8.65
N ALA D 203 -43.98 -5.31 -8.97
CA ALA D 203 -45.46 -5.21 -9.03
C ALA D 203 -45.90 -5.49 -10.47
N ASP D 204 -46.64 -6.59 -10.71
CA ASP D 204 -47.35 -6.90 -11.99
C ASP D 204 -46.98 -5.91 -13.10
N GLY D 206 -45.43 -3.15 -13.63
CA GLY D 206 -44.03 -2.78 -13.88
C GLY D 206 -43.32 -2.13 -12.69
N GLY D 207 -42.27 -2.78 -12.25
CA GLY D 207 -41.16 -2.09 -11.60
C GLY D 207 -41.07 -2.46 -10.13
N PRO D 208 -39.83 -2.36 -9.61
CA PRO D 208 -39.58 -2.51 -8.17
C PRO D 208 -40.52 -1.59 -7.39
N THR D 209 -41.08 -2.16 -6.34
CA THR D 209 -42.05 -1.48 -5.42
C THR D 209 -41.66 -1.81 -3.97
N ALA D 210 -41.81 -0.87 -3.05
CA ALA D 210 -41.55 -1.08 -1.60
C ALA D 210 -42.82 -1.44 -0.83
N PHE D 211 -42.71 -2.37 0.13
CA PHE D 211 -43.82 -2.74 1.05
C PHE D 211 -43.32 -2.86 2.48
N VAL D 212 -44.12 -2.45 3.47
CA VAL D 212 -43.87 -2.85 4.88
C VAL D 212 -44.60 -4.16 5.13
N VAL D 213 -43.86 -5.19 5.53
CA VAL D 213 -44.41 -6.53 5.84
C VAL D 213 -44.01 -6.93 7.26
N PRO D 214 -44.99 -7.29 8.12
CA PRO D 214 -44.67 -7.91 9.41
C PRO D 214 -43.90 -9.21 9.19
N ALA D 215 -42.91 -9.48 10.04
CA ALA D 215 -42.03 -10.65 9.91
C ALA D 215 -42.82 -11.93 10.24
N ASP D 216 -43.96 -11.80 10.90
CA ASP D 216 -44.74 -13.03 11.26
C ASP D 216 -45.98 -13.13 10.38
N ALA D 217 -46.11 -12.33 9.31
CA ALA D 217 -47.22 -12.45 8.33
C ALA D 217 -47.24 -13.85 7.72
N PRO D 218 -48.42 -14.31 7.26
CA PRO D 218 -48.56 -15.65 6.68
C PRO D 218 -47.63 -15.78 5.46
N GLY D 219 -47.01 -16.95 5.35
CA GLY D 219 -46.14 -17.32 4.22
C GLY D 219 -44.71 -16.74 4.37
N VAL D 220 -44.41 -16.02 5.46
CA VAL D 220 -43.02 -15.52 5.71
C VAL D 220 -42.24 -16.55 6.51
N SER D 221 -41.07 -16.95 6.04
CA SER D 221 -40.14 -17.77 6.86
C SER D 221 -38.70 -17.28 6.60
N LEU D 222 -37.81 -17.69 7.49
CA LEU D 222 -36.37 -17.36 7.42
C LEU D 222 -35.60 -18.64 7.11
N ASP D 223 -34.49 -18.49 6.39
CA ASP D 223 -33.47 -19.54 6.23
C ASP D 223 -32.13 -18.87 6.53
N ASP D 224 -31.55 -19.15 7.66
CA ASP D 224 -30.29 -18.58 8.06
C ASP D 224 -29.23 -18.85 6.97
N ARG D 225 -29.34 -20.02 6.36
CA ARG D 225 -28.56 -20.48 5.21
C ARG D 225 -27.07 -20.73 5.33
N VAL D 226 -26.33 -19.83 5.93
CA VAL D 226 -24.85 -19.90 5.99
C VAL D 226 -24.37 -19.31 7.31
N GLU D 227 -23.11 -19.53 7.65
CA GLU D 227 -22.38 -18.76 8.69
C GLU D 227 -21.65 -17.58 8.03
N GLN D 228 -21.77 -16.38 8.59
CA GLN D 228 -21.04 -15.20 8.07
C GLN D 228 -19.87 -14.93 9.01
N MET D 229 -18.82 -14.32 8.45
CA MET D 229 -17.53 -14.18 9.15
C MET D 229 -17.65 -13.21 10.34
N GLY D 230 -18.36 -12.12 10.20
CA GLY D 230 -18.45 -11.08 11.26
C GLY D 230 -19.79 -10.35 11.20
N VAL D 231 -19.85 -9.20 11.88
CA VAL D 231 -21.09 -8.49 12.30
C VAL D 231 -22.20 -9.50 12.65
N ARG D 232 -21.82 -10.52 13.43
CA ARG D 232 -22.70 -11.71 13.65
C ARG D 232 -23.85 -11.40 14.62
N ALA D 233 -23.72 -10.39 15.45
CA ALA D 233 -24.84 -9.99 16.34
C ALA D 233 -26.04 -9.57 15.50
N ALA D 234 -25.86 -9.22 14.22
CA ALA D 234 -26.96 -8.86 13.31
C ALA D 234 -26.91 -9.72 12.07
N ALA D 235 -26.52 -10.95 12.25
CA ALA D 235 -26.30 -11.92 11.14
C ALA D 235 -27.52 -11.93 10.19
N THR D 236 -27.23 -12.10 8.91
CA THR D 236 -28.20 -12.18 7.80
C THR D 236 -28.96 -13.52 7.85
N SER D 237 -30.13 -13.50 7.24
CA SER D 237 -30.90 -14.69 6.80
C SER D 237 -31.43 -14.38 5.43
N ASP D 238 -31.84 -15.42 4.74
CA ASP D 238 -32.66 -15.31 3.57
C ASP D 238 -34.11 -15.15 4.18
N VAL D 239 -34.96 -14.39 3.54
CA VAL D 239 -36.40 -14.23 3.91
C VAL D 239 -37.19 -14.82 2.73
N ILE D 240 -38.04 -15.78 3.03
CA ILE D 240 -38.89 -16.45 2.02
C ILE D 240 -40.35 -15.98 2.19
N PHE D 241 -40.95 -15.62 1.05
CA PHE D 241 -42.37 -15.22 0.89
C PHE D 241 -43.04 -16.28 0.00
N ASP D 242 -44.00 -16.98 0.60
CA ASP D 242 -44.86 -17.98 -0.08
C ASP D 242 -46.31 -17.45 -0.13
N GLY D 243 -46.65 -16.65 -1.13
CA GLY D 243 -47.99 -16.04 -1.26
C GLY D 243 -48.37 -15.24 -0.04
N THR D 244 -47.47 -14.38 0.44
CA THR D 244 -47.72 -13.55 1.64
C THR D 244 -48.71 -12.46 1.27
N PRO D 245 -49.91 -12.38 1.90
CA PRO D 245 -50.86 -11.32 1.57
C PRO D 245 -50.40 -9.98 2.12
N VAL D 246 -50.50 -8.95 1.31
CA VAL D 246 -50.08 -7.59 1.72
C VAL D 246 -51.16 -6.64 1.18
N ARG D 247 -51.68 -5.77 2.04
CA ARG D 247 -52.74 -4.78 1.68
C ARG D 247 -52.08 -3.62 0.95
N THR D 248 -52.84 -2.94 0.09
CA THR D 248 -52.44 -1.69 -0.58
C THR D 248 -51.90 -0.71 0.44
N ALA D 249 -52.52 -0.68 1.62
CA ALA D 249 -52.14 0.22 2.72
C ALA D 249 -50.64 0.02 3.12
N GLN D 250 -50.06 -1.15 2.82
CA GLN D 250 -48.66 -1.49 3.21
C GLN D 250 -47.65 -1.08 2.12
N ARG D 251 -48.12 -0.60 0.96
CA ARG D 251 -47.24 -0.25 -0.19
C ARG D 251 -46.66 1.14 0.04
N VAL D 252 -45.34 1.28 0.05
CA VAL D 252 -44.68 2.58 0.32
C VAL D 252 -44.38 3.21 -1.03
N GLY D 253 -45.10 4.30 -1.35
CA GLY D 253 -45.06 4.96 -2.65
C GLY D 253 -45.88 4.19 -3.68
N PRO D 254 -45.84 4.66 -4.95
CA PRO D 254 -46.58 4.00 -6.03
C PRO D 254 -45.96 2.68 -6.50
N PRO D 255 -46.72 1.85 -7.24
CA PRO D 255 -46.16 0.72 -7.98
C PRO D 255 -45.03 1.28 -8.87
N GLY D 256 -43.87 0.62 -8.89
CA GLY D 256 -42.70 1.08 -9.66
C GLY D 256 -41.91 2.19 -8.97
N GLY D 257 -42.30 2.60 -7.77
CA GLY D 257 -41.62 3.68 -7.02
C GLY D 257 -40.47 3.15 -6.16
N GLY D 258 -40.16 1.86 -6.24
CA GLY D 258 -39.21 1.14 -5.36
C GLY D 258 -37.81 1.72 -5.41
N GLN D 259 -37.30 2.06 -6.61
CA GLN D 259 -35.91 2.54 -6.72
C GLN D 259 -35.80 3.91 -6.08
N THR D 260 -36.76 4.80 -6.31
CA THR D 260 -36.78 6.14 -5.67
C THR D 260 -36.78 5.97 -4.15
N VAL D 261 -37.58 5.05 -3.64
CA VAL D 261 -37.67 4.77 -2.17
C VAL D 261 -36.29 4.29 -1.65
N ALA D 262 -35.67 3.29 -2.26
CA ALA D 262 -34.31 2.78 -1.90
C ALA D 262 -33.25 3.87 -2.10
N LEU D 263 -33.30 4.65 -3.17
CA LEU D 263 -32.14 5.51 -3.49
C LEU D 263 -32.13 6.77 -2.63
N SER D 264 -33.26 7.26 -2.14
CA SER D 264 -33.25 8.42 -1.19
C SER D 264 -32.48 8.08 0.10
N GLY D 265 -32.32 6.79 0.47
CA GLY D 265 -31.55 6.37 1.66
C GLY D 265 -30.08 6.00 1.34
N LEU D 266 -29.64 6.14 0.10
CA LEU D 266 -28.31 5.65 -0.37
C LEU D 266 -27.21 6.42 0.35
N GLY D 267 -27.28 7.74 0.27
CA GLY D 267 -26.25 8.64 0.82
C GLY D 267 -26.20 8.53 2.30
N LEU D 268 -27.36 8.64 2.96
CA LEU D 268 -27.41 8.56 4.42
C LEU D 268 -26.97 7.17 4.86
N GLY D 269 -27.29 6.13 4.11
CA GLY D 269 -26.85 4.77 4.43
C GLY D 269 -25.32 4.68 4.41
N ARG D 270 -24.70 5.29 3.41
CA ARG D 270 -23.22 5.28 3.27
C ARG D 270 -22.59 6.08 4.42
N LEU D 271 -23.20 7.18 4.87
CA LEU D 271 -22.67 7.93 6.06
C LEU D 271 -22.78 7.09 7.33
N GLY D 272 -23.89 6.35 7.53
CA GLY D 272 -24.02 5.41 8.66
C GLY D 272 -22.92 4.36 8.69
N ILE D 273 -22.58 3.80 7.54
CA ILE D 273 -21.54 2.76 7.49
C ILE D 273 -20.18 3.44 7.65
N ALA D 274 -20.02 4.68 7.13
CA ALA D 274 -18.77 5.44 7.37
C ALA D 274 -18.60 5.59 8.90
N ALA D 275 -19.68 5.91 9.63
CA ALA D 275 -19.60 6.04 11.10
C ALA D 275 -19.29 4.69 11.76
N GLN D 276 -19.91 3.62 11.31
CA GLN D 276 -19.63 2.26 11.84
C GLN D 276 -18.12 1.99 11.68
N MET D 277 -17.60 2.27 10.50
CA MET D 277 -16.19 1.96 10.21
C MET D 277 -15.26 2.85 11.04
N THR D 278 -15.57 4.14 11.18
CA THR D 278 -14.77 5.09 11.97
C THR D 278 -14.74 4.60 13.43
N GLY D 279 -15.89 4.21 13.98
CA GLY D 279 -15.98 3.70 15.36
C GLY D 279 -15.17 2.41 15.56
N LEU D 280 -15.35 1.45 14.68
CA LEU D 280 -14.56 0.20 14.66
C LEU D 280 -13.06 0.55 14.70
N ALA D 281 -12.59 1.42 13.83
CA ALA D 281 -11.19 1.81 13.77
C ALA D 281 -10.77 2.35 15.14
N GLN D 282 -11.60 3.22 15.75
CA GLN D 282 -11.25 3.83 17.05
C GLN D 282 -11.11 2.73 18.11
N GLY D 283 -12.05 1.79 18.15
CA GLY D 283 -12.02 0.67 19.09
C GLY D 283 -10.76 -0.17 18.92
N ALA D 284 -10.38 -0.44 17.69
CA ALA D 284 -9.14 -1.19 17.38
C ALA D 284 -7.90 -0.43 17.87
N LEU D 285 -7.83 0.85 17.51
CA LEU D 285 -6.74 1.75 17.93
C LEU D 285 -6.67 1.84 19.46
N ASP D 286 -7.80 2.05 20.14
CA ASP D 286 -7.80 2.14 21.61
C ASP D 286 -7.30 0.81 22.24
N ALA D 287 -7.70 -0.36 21.71
CA ALA D 287 -7.19 -1.66 22.22
C ALA D 287 -5.67 -1.78 22.00
N ALA D 288 -5.18 -1.45 20.80
CA ALA D 288 -3.76 -1.58 20.45
C ALA D 288 -2.91 -0.60 21.27
N THR D 289 -3.36 0.64 21.41
CA THR D 289 -2.61 1.71 22.11
C THR D 289 -2.46 1.30 23.58
N GLY D 290 -3.57 0.95 24.22
CA GLY D 290 -3.58 0.53 25.64
C GLY D 290 -2.67 -0.67 25.85
N TYR D 291 -2.72 -1.65 24.95
CA TYR D 291 -1.93 -2.90 25.09
C TYR D 291 -0.44 -2.59 24.96
N SER D 292 -0.07 -1.68 24.07
CA SER D 292 1.33 -1.32 23.80
C SER D 292 1.98 -0.69 25.04
N ARG D 293 1.20 -0.09 25.91
CA ARG D 293 1.73 0.56 27.13
C ARG D 293 2.02 -0.49 28.21
N VAL D 294 1.36 -1.65 28.18
CA VAL D 294 1.46 -2.60 29.31
C VAL D 294 2.21 -3.88 28.90
N ARG D 295 2.13 -4.33 27.65
CA ARG D 295 2.86 -5.57 27.22
C ARG D 295 4.36 -5.31 27.19
N GLU D 296 5.11 -6.13 27.91
CA GLU D 296 6.60 -6.09 27.95
C GLU D 296 7.18 -7.34 27.28
N GLN D 297 8.15 -7.13 26.40
CA GLN D 297 9.06 -8.17 25.88
C GLN D 297 10.45 -7.58 25.79
N PHE D 298 11.47 -8.39 26.01
CA PHE D 298 12.88 -7.94 26.01
C PHE D 298 13.14 -6.86 27.08
N GLY D 299 12.42 -6.85 28.19
CA GLY D 299 12.74 -5.97 29.33
C GLY D 299 11.94 -4.68 29.39
N GLY D 300 11.04 -4.39 28.43
CA GLY D 300 10.25 -3.14 28.51
C GLY D 300 9.07 -3.12 27.57
N ARG D 301 8.27 -2.06 27.64
CA ARG D 301 6.96 -2.06 26.96
C ARG D 301 7.22 -2.11 25.46
N ILE D 302 6.35 -2.77 24.71
CA ILE D 302 6.54 -2.88 23.24
C ILE D 302 6.37 -1.51 22.56
N ALA D 303 5.64 -0.57 23.15
CA ALA D 303 5.46 0.80 22.58
C ALA D 303 6.79 1.54 22.42
N ASP D 304 7.87 1.13 23.10
CA ASP D 304 9.19 1.79 22.98
C ASP D 304 9.90 1.41 21.69
N HIS D 305 9.31 0.60 20.82
CA HIS D 305 9.92 0.25 19.53
C HIS D 305 9.16 1.02 18.44
N GLN D 306 9.88 1.66 17.52
CA GLN D 306 9.21 2.37 16.39
C GLN D 306 8.40 1.42 15.54
N GLY D 307 8.81 0.15 15.42
CA GLY D 307 8.03 -0.81 14.62
C GLY D 307 6.66 -1.07 15.21
N VAL D 308 6.46 -0.82 16.51
CA VAL D 308 5.15 -0.90 17.20
C VAL D 308 4.46 0.46 17.20
N ALA D 309 5.17 1.50 17.61
CA ALA D 309 4.56 2.84 17.74
C ALA D 309 4.17 3.41 16.37
N PHE D 310 4.99 3.28 15.32
CA PHE D 310 4.75 4.06 14.06
C PHE D 310 3.46 3.59 13.39
N PRO D 311 3.14 2.27 13.29
CA PRO D 311 1.84 1.85 12.73
C PRO D 311 0.64 2.46 13.49
N LEU D 312 0.72 2.58 14.81
CA LEU D 312 -0.39 3.19 15.62
C LEU D 312 -0.54 4.67 15.26
N ALA D 313 0.57 5.37 15.04
CA ALA D 313 0.54 6.81 14.74
C ALA D 313 -0.01 6.98 13.32
N ASP D 314 0.38 6.09 12.42
CA ASP D 314 -0.06 6.09 11.03
C ASP D 314 -1.60 5.93 11.04
N VAL D 315 -2.10 4.91 11.72
CA VAL D 315 -3.57 4.62 11.80
C VAL D 315 -4.29 5.82 12.43
N ALA D 316 -3.78 6.37 13.52
CA ALA D 316 -4.39 7.53 14.20
C ALA D 316 -4.57 8.69 13.21
N SER D 317 -3.56 8.98 12.36
CA SER D 317 -3.53 10.09 11.40
C SER D 317 -4.60 9.87 10.34
N ARG D 318 -4.66 8.67 9.80
CA ARG D 318 -5.66 8.28 8.77
C ARG D 318 -7.07 8.31 9.34
N LEU D 319 -7.20 7.89 10.58
CA LEU D 319 -8.51 7.90 11.27
C LEU D 319 -8.99 9.35 11.50
N ALA D 320 -8.12 10.24 11.95
CA ALA D 320 -8.45 11.69 12.10
C ALA D 320 -8.98 12.21 10.78
N ALA D 321 -8.36 11.85 9.66
CA ALA D 321 -8.78 12.35 8.33
C ALA D 321 -10.12 11.70 7.95
N ALA D 322 -10.31 10.40 8.15
CA ALA D 322 -11.59 9.75 7.82
C ALA D 322 -12.70 10.40 8.65
N ARG D 323 -12.47 10.63 9.92
CA ARG D 323 -13.53 11.24 10.79
C ARG D 323 -13.82 12.67 10.34
N ALA D 324 -12.78 13.46 10.02
CA ALA D 324 -13.00 14.83 9.53
C ALA D 324 -13.88 14.80 8.27
N LEU D 325 -13.63 13.89 7.34
CA LEU D 325 -14.44 13.81 6.10
C LEU D 325 -15.88 13.44 6.45
N LEU D 326 -16.09 12.40 7.25
CA LEU D 326 -17.43 11.97 7.67
C LEU D 326 -18.21 13.16 8.26
N TYR D 327 -17.63 13.90 9.22
CA TYR D 327 -18.31 15.00 9.92
C TYR D 327 -18.63 16.15 8.95
N ARG D 328 -17.72 16.41 8.03
CA ARG D 328 -17.93 17.40 6.97
C ARG D 328 -19.12 17.01 6.13
N ALA D 329 -19.19 15.75 5.70
CA ALA D 329 -20.28 15.24 4.84
C ALA D 329 -21.62 15.31 5.59
N VAL D 330 -21.61 15.03 6.88
CA VAL D 330 -22.81 15.15 7.77
C VAL D 330 -23.22 16.63 7.85
N ASP D 331 -22.27 17.50 8.12
CA ASP D 331 -22.55 18.93 8.36
C ASP D 331 -23.21 19.53 7.10
N LEU D 332 -22.87 19.05 5.91
CA LEU D 332 -23.43 19.65 4.66
C LEU D 332 -24.87 19.17 4.37
N HIS D 333 -25.47 18.27 5.14
CA HIS D 333 -26.93 17.93 5.07
C HIS D 333 -27.77 19.05 5.71
N GLY D 334 -29.00 19.24 5.21
CA GLY D 334 -29.91 20.29 5.69
C GLY D 334 -29.43 21.70 5.38
N ARG D 335 -28.66 21.92 4.31
CA ARG D 335 -28.13 23.28 3.96
C ARG D 335 -28.48 23.66 2.53
N GLY D 336 -29.36 22.95 1.82
CA GLY D 336 -29.54 23.14 0.36
C GLY D 336 -28.25 22.86 -0.46
N THR D 337 -27.38 21.97 0.00
CA THR D 337 -26.15 21.61 -0.76
C THR D 337 -26.56 20.75 -1.96
N ASP D 338 -25.88 20.92 -3.08
CA ASP D 338 -26.20 20.18 -4.33
C ASP D 338 -26.25 18.68 -4.01
N PRO D 339 -27.31 17.94 -4.43
CA PRO D 339 -27.48 16.53 -4.08
C PRO D 339 -26.39 15.61 -4.69
N VAL D 340 -25.83 16.00 -5.83
CA VAL D 340 -24.71 15.25 -6.46
C VAL D 340 -23.48 15.35 -5.53
N GLU D 341 -23.17 16.54 -5.03
CA GLU D 341 -22.08 16.78 -4.07
C GLU D 341 -22.32 15.97 -2.78
N LEU D 342 -23.54 15.91 -2.23
CA LEU D 342 -23.81 15.08 -1.03
C LEU D 342 -23.54 13.61 -1.38
N MET D 343 -23.90 13.16 -2.58
CA MET D 343 -23.68 11.74 -2.98
C MET D 343 -22.17 11.48 -3.11
N ARG D 344 -21.44 12.42 -3.69
CA ARG D 344 -19.97 12.28 -3.85
C ARG D 344 -19.36 12.14 -2.46
N LEU D 345 -19.66 13.05 -1.56
CA LEU D 345 -19.05 13.09 -0.21
C LEU D 345 -19.40 11.84 0.59
N ALA D 346 -20.64 11.35 0.51
CA ALA D 346 -21.04 10.12 1.23
C ALA D 346 -20.24 8.92 0.70
N ALA D 347 -20.09 8.78 -0.61
CA ALA D 347 -19.34 7.65 -1.20
C ALA D 347 -17.86 7.77 -0.77
N MET D 348 -17.28 8.95 -0.82
CA MET D 348 -15.86 9.12 -0.43
C MET D 348 -15.69 8.85 1.05
N ALA D 349 -16.63 9.29 1.88
CA ALA D 349 -16.54 9.08 3.33
C ALA D 349 -16.55 7.59 3.63
N LYS D 350 -17.42 6.84 2.98
CA LYS D 350 -17.54 5.40 3.28
C LYS D 350 -16.30 4.69 2.77
N TYR D 351 -15.82 5.08 1.59
CA TYR D 351 -14.64 4.42 0.99
C TYR D 351 -13.43 4.61 1.90
N VAL D 352 -13.16 5.85 2.29
CA VAL D 352 -11.97 6.18 3.13
C VAL D 352 -12.13 5.51 4.51
N ALA D 353 -13.28 5.63 5.15
CA ALA D 353 -13.48 5.05 6.50
C ALA D 353 -13.32 3.52 6.49
N SER D 354 -13.82 2.82 5.48
CA SER D 354 -13.70 1.35 5.32
C SER D 354 -12.25 0.97 5.24
N GLU D 355 -11.46 1.71 4.47
CA GLU D 355 -10.04 1.47 4.34
C GLU D 355 -9.33 1.61 5.66
N VAL D 356 -9.62 2.70 6.36
CA VAL D 356 -8.99 2.94 7.67
C VAL D 356 -9.42 1.83 8.66
N ALA D 357 -10.66 1.38 8.63
CA ALA D 357 -11.15 0.36 9.52
C ALA D 357 -10.30 -0.93 9.36
N GLU D 358 -10.08 -1.30 8.11
CA GLU D 358 -9.32 -2.48 7.76
C GLU D 358 -7.90 -2.34 8.29
N ARG D 359 -7.24 -1.25 7.98
CA ARG D 359 -5.85 -1.01 8.46
C ARG D 359 -5.80 -1.06 9.99
N ALA D 360 -6.69 -0.35 10.68
CA ALA D 360 -6.75 -0.25 12.17
C ALA D 360 -6.91 -1.65 12.78
N ALA D 361 -7.83 -2.47 12.27
CA ALA D 361 -8.10 -3.80 12.85
C ALA D 361 -6.89 -4.72 12.57
N SER D 362 -6.29 -4.56 11.40
CA SER D 362 -5.11 -5.35 11.00
C SER D 362 -3.93 -5.06 11.93
N VAL D 363 -3.63 -3.79 12.11
CA VAL D 363 -2.54 -3.30 13.01
C VAL D 363 -2.86 -3.72 14.43
N ALA D 364 -4.11 -3.65 14.86
CA ALA D 364 -4.47 -3.98 16.27
C ALA D 364 -4.26 -5.48 16.51
N VAL D 365 -4.66 -6.36 15.59
CA VAL D 365 -4.40 -7.81 15.75
C VAL D 365 -2.90 -8.03 15.91
N GLU D 366 -2.09 -7.47 15.02
CA GLU D 366 -0.64 -7.71 15.07
C GLU D 366 0.05 -7.03 16.27
N THR D 367 -0.43 -5.89 16.77
CA THR D 367 0.12 -5.23 17.98
C THR D 367 -0.05 -6.19 19.17
N LEU D 368 -1.17 -6.89 19.21
CA LEU D 368 -1.51 -7.74 20.35
C LEU D 368 -0.87 -9.11 20.17
N GLY D 369 -0.22 -9.42 19.05
CA GLY D 369 0.41 -10.74 18.86
C GLY D 369 -0.57 -11.87 18.98
N GLY D 370 -0.14 -12.99 19.58
CA GLY D 370 -1.05 -14.13 19.73
C GLY D 370 -2.35 -13.75 20.41
N ASN D 371 -2.30 -12.94 21.49
CA ASN D 371 -3.54 -12.52 22.17
C ASN D 371 -4.52 -11.91 21.14
N GLY D 372 -4.00 -11.15 20.18
CA GLY D 372 -4.84 -10.44 19.19
C GLY D 372 -5.55 -11.38 18.25
N TYR D 373 -5.08 -12.64 18.17
CA TYR D 373 -5.66 -13.69 17.32
C TYR D 373 -6.74 -14.45 18.08
N THR D 374 -7.05 -14.04 19.29
CA THR D 374 -8.00 -14.73 20.13
C THR D 374 -9.17 -13.90 20.70
N ASP D 375 -10.21 -14.58 21.11
CA ASP D 375 -11.38 -13.93 21.66
C ASP D 375 -11.19 -13.33 23.03
N ALA D 376 -10.04 -13.54 23.64
CA ALA D 376 -9.72 -12.86 24.93
C ALA D 376 -9.65 -11.34 24.76
N TYR D 377 -9.47 -10.84 23.53
CA TYR D 377 -9.47 -9.42 23.21
C TYR D 377 -10.44 -9.21 22.05
N PRO D 378 -10.95 -7.99 21.86
CA PRO D 378 -11.97 -7.73 20.83
C PRO D 378 -11.45 -7.56 19.38
N VAL D 379 -10.12 -7.53 19.19
CA VAL D 379 -9.55 -7.01 17.92
C VAL D 379 -9.73 -8.02 16.79
N GLU D 380 -9.75 -9.35 17.06
CA GLU D 380 -9.98 -10.30 15.97
C GLU D 380 -11.43 -10.18 15.48
N ARG D 381 -12.37 -9.91 16.39
CA ARG D 381 -13.78 -9.66 16.02
C ARG D 381 -13.83 -8.37 15.18
N PHE D 382 -13.10 -7.32 15.57
CA PHE D 382 -13.12 -6.06 14.79
C PHE D 382 -12.57 -6.35 13.37
N TYR D 383 -11.55 -7.19 13.28
CA TYR D 383 -10.94 -7.62 11.99
C TYR D 383 -11.99 -8.35 11.10
N ARG D 384 -12.70 -9.30 11.66
CA ARG D 384 -13.75 -9.99 10.92
C ARG D 384 -14.90 -9.06 10.52
N ASP D 385 -15.33 -8.16 11.43
CA ASP D 385 -16.43 -7.21 11.21
C ASP D 385 -16.04 -6.22 10.11
N ALA D 386 -14.79 -5.73 10.11
CA ALA D 386 -14.38 -4.63 9.22
C ALA D 386 -14.67 -4.96 7.77
N LYS D 387 -14.44 -6.20 7.35
CA LYS D 387 -14.57 -6.59 5.94
C LYS D 387 -16.02 -6.41 5.46
N ALA D 388 -17.02 -6.50 6.36
CA ALA D 388 -18.42 -6.29 5.98
C ALA D 388 -18.61 -4.89 5.36
N GLY D 389 -17.88 -3.91 5.87
CA GLY D 389 -18.01 -2.53 5.41
C GLY D 389 -17.54 -2.29 3.99
N LYS D 390 -16.72 -3.19 3.43
CA LYS D 390 -16.26 -3.12 2.01
C LYS D 390 -17.33 -3.73 1.07
N ILE D 391 -18.36 -4.37 1.62
CA ILE D 391 -19.32 -5.21 0.85
C ILE D 391 -20.67 -4.53 0.82
N TYR D 392 -21.26 -4.22 1.98
CA TYR D 392 -22.63 -3.66 1.95
C TYR D 392 -22.63 -2.13 1.74
N GLU D 393 -23.79 -1.60 1.35
CA GLU D 393 -24.05 -0.16 1.02
C GLU D 393 -23.05 0.32 -0.05
N GLY D 394 -22.83 -0.49 -1.06
CA GLY D 394 -21.91 -0.17 -2.15
C GLY D 394 -20.56 -0.80 -1.91
N THR D 395 -20.20 -1.80 -2.69
CA THR D 395 -18.83 -2.37 -2.64
C THR D 395 -17.81 -1.25 -2.95
N SER D 396 -16.55 -1.47 -2.60
CA SER D 396 -15.46 -0.53 -2.98
C SER D 396 -15.57 -0.19 -4.48
N ASN D 397 -15.70 -1.17 -5.35
CA ASN D 397 -15.71 -0.88 -6.80
C ASN D 397 -16.91 0.01 -7.16
N VAL D 398 -18.07 -0.30 -6.59
CA VAL D 398 -19.28 0.52 -6.85
C VAL D 398 -19.08 1.94 -6.37
N LEU D 399 -18.46 2.14 -5.20
CA LEU D 399 -18.15 3.50 -4.69
C LEU D 399 -17.22 4.20 -5.67
N LEU D 400 -16.11 3.56 -6.09
CA LEU D 400 -15.16 4.23 -6.97
C LEU D 400 -15.86 4.54 -8.29
N ARG D 401 -16.64 3.61 -8.81
CA ARG D 401 -17.39 3.86 -10.08
C ARG D 401 -18.28 5.11 -9.93
N THR D 402 -19.00 5.27 -8.82
CA THR D 402 -19.91 6.42 -8.57
C THR D 402 -19.08 7.70 -8.50
N ILE D 403 -18.00 7.70 -7.72
CA ILE D 403 -17.13 8.89 -7.56
C ILE D 403 -16.55 9.26 -8.93
N ALA D 404 -16.06 8.29 -9.69
CA ALA D 404 -15.44 8.56 -10.98
C ALA D 404 -16.52 9.11 -11.94
N SER D 405 -17.72 8.59 -11.93
CA SER D 405 -18.77 9.04 -12.85
C SER D 405 -19.12 10.50 -12.53
N ILE D 406 -19.14 10.88 -11.27
CA ILE D 406 -19.42 12.23 -10.86
C ILE D 406 -18.28 13.15 -11.28
N MET D 407 -17.05 12.77 -10.97
CA MET D 407 -15.91 13.59 -11.28
C MET D 407 -15.49 13.67 -12.76
N ILE D 408 -15.63 12.60 -13.56
CA ILE D 408 -15.32 12.63 -14.99
C ILE D 408 -16.38 12.22 -16.03
N GLY D 409 -17.59 11.90 -15.64
CA GLY D 409 -18.73 11.64 -16.58
C GLY D 409 -19.14 10.17 -16.69
#